data_5N9Q
#
_entry.id   5N9Q
#
_entity_poly.entity_id   1
_entity_poly.type   'polypeptide(L)'
_entity_poly.pdbx_seq_one_letter_code
;GSPEFMGVTLEGPKDLPPQLESNQGARGSGSANSVGSSTTRPKSPWMPFPTLFAAISHKVAENDMLLINADYQQLRDKKM
TRAEFVRKLRVIVGDDLLRSTITTLQNQPKSKEIPGSIRDHEEGAGGL
;
_entity_poly.pdbx_strand_id   A
#
# COMPACT_ATOMS: atom_id res chain seq x y z
N GLY A 1 -99.42 -4.65 -62.19
CA GLY A 1 -99.94 -3.30 -61.91
C GLY A 1 -100.51 -3.19 -60.51
N SER A 2 -100.93 -1.99 -60.10
CA SER A 2 -101.62 -1.68 -58.84
C SER A 2 -100.86 -2.11 -57.56
N PRO A 3 -99.75 -1.43 -57.23
CA PRO A 3 -98.95 -1.70 -56.03
C PRO A 3 -99.64 -1.32 -54.72
N GLU A 4 -99.16 -1.91 -53.63
CA GLU A 4 -99.56 -1.63 -52.23
C GLU A 4 -98.40 -1.11 -51.37
N PHE A 5 -97.15 -1.47 -51.69
CA PHE A 5 -95.89 -1.09 -51.06
C PHE A 5 -95.84 -1.37 -49.53
N MET A 6 -95.37 -2.55 -49.16
CA MET A 6 -95.10 -2.89 -47.75
C MET A 6 -93.85 -2.15 -47.24
N GLY A 7 -94.04 -1.32 -46.21
CA GLY A 7 -93.06 -0.32 -45.77
C GLY A 7 -91.90 -0.82 -44.91
N VAL A 8 -91.01 0.10 -44.57
CA VAL A 8 -89.75 -0.16 -43.87
C VAL A 8 -89.95 -0.60 -42.40
N THR A 9 -89.37 -1.75 -42.06
CA THR A 9 -89.30 -2.30 -40.70
C THR A 9 -88.04 -1.81 -39.96
N LEU A 10 -87.99 -2.00 -38.65
CA LEU A 10 -87.14 -1.22 -37.72
C LEU A 10 -86.25 -2.09 -36.80
N GLU A 11 -86.03 -3.37 -37.16
CA GLU A 11 -85.09 -4.27 -36.46
C GLU A 11 -83.62 -3.90 -36.70
N GLY A 12 -82.69 -4.52 -35.97
CA GLY A 12 -81.24 -4.36 -36.16
C GLY A 12 -80.39 -5.55 -35.68
N PRO A 13 -79.05 -5.42 -35.59
CA PRO A 13 -78.21 -6.42 -34.96
C PRO A 13 -78.48 -6.51 -33.45
N LYS A 14 -78.52 -7.74 -32.89
CA LYS A 14 -78.70 -7.96 -31.44
C LYS A 14 -78.00 -9.15 -30.80
N ASP A 15 -77.54 -10.13 -31.59
CA ASP A 15 -76.70 -11.26 -31.15
C ASP A 15 -75.20 -10.88 -31.19
N LEU A 16 -74.86 -9.75 -30.54
CA LEU A 16 -73.53 -9.12 -30.49
C LEU A 16 -72.47 -10.01 -29.80
N PRO A 17 -71.16 -9.70 -29.97
CA PRO A 17 -70.06 -10.40 -29.29
C PRO A 17 -70.18 -10.40 -27.75
N PRO A 18 -69.69 -11.46 -27.06
CA PRO A 18 -69.51 -11.46 -25.61
C PRO A 18 -68.62 -10.31 -25.14
N GLN A 19 -69.01 -9.63 -24.07
CA GLN A 19 -68.41 -8.33 -23.66
C GLN A 19 -67.28 -8.45 -22.62
N LEU A 20 -67.05 -9.63 -22.04
CA LEU A 20 -66.07 -9.89 -20.98
C LEU A 20 -64.60 -9.61 -21.40
N GLU A 21 -63.76 -9.22 -20.45
CA GLU A 21 -62.36 -8.80 -20.66
C GLU A 21 -61.48 -9.26 -19.47
N SER A 22 -60.19 -9.53 -19.68
CA SER A 22 -59.27 -10.01 -18.62
C SER A 22 -58.52 -8.88 -17.90
N ASN A 23 -58.18 -9.09 -16.63
CA ASN A 23 -57.16 -8.37 -15.84
C ASN A 23 -56.28 -9.36 -15.04
N GLN A 24 -56.26 -10.64 -15.46
CA GLN A 24 -55.71 -11.78 -14.72
C GLN A 24 -54.18 -11.83 -14.77
N GLY A 25 -53.53 -12.41 -13.75
CA GLY A 25 -52.08 -12.45 -13.58
C GLY A 25 -51.52 -11.30 -12.72
N ALA A 26 -50.19 -11.20 -12.64
CA ALA A 26 -49.45 -10.29 -11.77
C ALA A 26 -48.22 -9.68 -12.47
N ARG A 27 -47.67 -8.58 -11.96
CA ARG A 27 -46.52 -7.90 -12.58
C ARG A 27 -45.77 -7.03 -11.59
N GLY A 28 -44.44 -7.04 -11.67
CA GLY A 28 -43.57 -6.23 -10.84
C GLY A 28 -42.09 -6.53 -11.05
N SER A 29 -41.24 -5.50 -10.99
CA SER A 29 -39.78 -5.63 -11.17
C SER A 29 -39.06 -4.45 -10.50
N GLY A 30 -38.00 -4.73 -9.74
CA GLY A 30 -37.15 -3.71 -9.13
C GLY A 30 -35.99 -4.29 -8.32
N SER A 31 -34.98 -3.47 -8.04
CA SER A 31 -33.87 -3.81 -7.15
C SER A 31 -33.15 -2.55 -6.64
N ALA A 32 -32.90 -2.46 -5.33
CA ALA A 32 -32.09 -1.43 -4.69
C ALA A 32 -31.41 -1.98 -3.43
N ASN A 33 -30.14 -1.63 -3.21
CA ASN A 33 -29.36 -2.10 -2.06
C ASN A 33 -28.10 -1.26 -1.80
N SER A 34 -27.52 -1.41 -0.60
CA SER A 34 -26.28 -0.75 -0.14
C SER A 34 -25.53 -1.59 0.90
N VAL A 35 -24.20 -1.71 0.76
CA VAL A 35 -23.33 -2.60 1.56
C VAL A 35 -21.96 -1.96 1.86
N GLY A 36 -21.28 -2.43 2.91
CA GLY A 36 -19.93 -2.00 3.28
C GLY A 36 -19.17 -3.00 4.18
N SER A 37 -17.99 -2.58 4.66
CA SER A 37 -17.12 -3.33 5.59
C SER A 37 -16.08 -2.38 6.25
N SER A 38 -15.69 -2.66 7.51
CA SER A 38 -14.77 -1.84 8.31
C SER A 38 -14.11 -2.67 9.43
N THR A 39 -12.90 -2.28 9.88
CA THR A 39 -12.18 -2.90 11.03
C THR A 39 -11.30 -1.88 11.78
N THR A 40 -11.19 -1.99 13.10
CA THR A 40 -10.24 -1.20 13.92
C THR A 40 -8.76 -1.57 13.67
N ARG A 41 -7.84 -0.63 13.94
CA ARG A 41 -6.39 -0.78 13.70
C ARG A 41 -5.57 -0.85 15.00
N PRO A 42 -5.00 -2.01 15.37
CA PRO A 42 -4.09 -2.10 16.53
C PRO A 42 -2.77 -1.33 16.30
N LYS A 43 -2.16 -0.86 17.39
CA LYS A 43 -0.96 0.03 17.40
C LYS A 43 0.33 -0.64 16.91
N SER A 44 0.47 -1.95 17.09
CA SER A 44 1.71 -2.70 16.80
C SER A 44 2.10 -2.82 15.31
N PRO A 45 1.21 -3.28 14.39
CA PRO A 45 1.55 -3.37 12.96
C PRO A 45 1.70 -1.99 12.31
N TRP A 46 2.29 -1.99 11.12
CA TRP A 46 2.99 -0.84 10.56
C TRP A 46 2.60 -0.58 9.11
N MET A 47 1.96 0.55 8.84
CA MET A 47 1.35 0.84 7.53
C MET A 47 1.20 2.35 7.22
N PRO A 48 2.26 3.17 7.38
CA PRO A 48 2.19 4.61 7.11
C PRO A 48 1.97 4.92 5.63
N PHE A 49 1.06 5.85 5.32
CA PHE A 49 0.65 6.17 3.94
C PHE A 49 1.79 6.62 3.00
N PRO A 50 2.76 7.46 3.42
CA PRO A 50 3.88 7.84 2.56
C PRO A 50 4.76 6.67 2.10
N THR A 51 4.85 5.59 2.89
CA THR A 51 5.47 4.32 2.45
C THR A 51 4.51 3.46 1.62
N LEU A 52 3.21 3.44 1.96
CA LEU A 52 2.18 2.72 1.19
C LEU A 52 2.17 3.15 -0.28
N PHE A 53 2.29 4.45 -0.56
CA PHE A 53 2.37 4.98 -1.94
C PHE A 53 3.56 4.41 -2.73
N ALA A 54 4.70 4.17 -2.08
CA ALA A 54 5.88 3.53 -2.70
C ALA A 54 5.70 2.02 -2.96
N ALA A 55 4.82 1.35 -2.20
CA ALA A 55 4.46 -0.07 -2.37
C ALA A 55 3.35 -0.33 -3.39
N ILE A 56 2.53 0.68 -3.75
CA ILE A 56 1.57 0.63 -4.86
C ILE A 56 2.09 1.28 -6.14
N SER A 57 3.26 1.93 -6.13
CA SER A 57 3.86 2.56 -7.34
C SER A 57 4.03 1.57 -8.52
N HIS A 58 4.23 0.27 -8.25
CA HIS A 58 4.25 -0.80 -9.25
C HIS A 58 2.85 -1.22 -9.78
N LYS A 59 1.76 -0.66 -9.22
CA LYS A 59 0.34 -1.06 -9.44
C LYS A 59 -0.58 0.08 -9.88
N VAL A 60 -0.13 1.32 -9.69
CA VAL A 60 -0.75 2.57 -10.14
C VAL A 60 -0.06 3.12 -11.40
N ALA A 61 -0.68 4.12 -12.02
CA ALA A 61 -0.04 4.94 -13.06
C ALA A 61 0.59 6.21 -12.44
N GLU A 62 1.73 6.67 -12.99
CA GLU A 62 2.57 7.72 -12.38
C GLU A 62 1.83 9.06 -12.17
N ASN A 63 1.00 9.49 -13.15
CA ASN A 63 0.17 10.70 -13.05
C ASN A 63 -1.10 10.48 -12.20
N ASP A 64 -1.54 9.24 -12.01
CA ASP A 64 -2.65 8.86 -11.13
C ASP A 64 -2.20 8.91 -9.66
N MET A 65 -1.00 8.44 -9.34
CA MET A 65 -0.42 8.54 -7.98
C MET A 65 0.19 9.91 -7.64
N LEU A 66 0.43 10.75 -8.66
CA LEU A 66 0.86 12.15 -8.50
C LEU A 66 -0.27 12.97 -7.85
N LEU A 67 -1.51 12.69 -8.30
CA LEU A 67 -2.78 13.13 -7.76
C LEU A 67 -2.98 12.64 -6.32
N ILE A 68 -2.69 11.37 -6.02
CA ILE A 68 -2.84 10.84 -4.66
C ILE A 68 -1.90 11.55 -3.67
N ASN A 69 -0.64 11.75 -4.04
CA ASN A 69 0.33 12.48 -3.22
C ASN A 69 -0.13 13.93 -2.94
N ALA A 70 -0.78 14.56 -3.92
CA ALA A 70 -1.37 15.90 -3.79
C ALA A 70 -2.61 15.94 -2.88
N ASP A 71 -3.51 14.97 -3.03
CA ASP A 71 -4.72 14.83 -2.19
C ASP A 71 -4.35 14.49 -0.72
N TYR A 72 -3.31 13.68 -0.51
CA TYR A 72 -2.73 13.42 0.81
C TYR A 72 -2.04 14.66 1.42
N GLN A 73 -1.29 15.44 0.65
CA GLN A 73 -0.69 16.69 1.14
C GLN A 73 -1.73 17.74 1.56
N GLN A 74 -2.88 17.85 0.87
CA GLN A 74 -3.90 18.83 1.27
C GLN A 74 -4.80 18.35 2.41
N LEU A 75 -4.85 17.04 2.68
CA LEU A 75 -5.25 16.48 4.00
C LEU A 75 -4.35 17.09 5.10
N ARG A 76 -3.01 17.07 4.95
CA ARG A 76 -2.06 17.65 5.94
C ARG A 76 -2.22 19.17 6.11
N ASP A 77 -2.66 19.86 5.06
CA ASP A 77 -2.97 21.31 5.05
C ASP A 77 -4.38 21.63 5.61
N LYS A 78 -5.12 20.62 6.11
CA LYS A 78 -6.53 20.68 6.56
C LYS A 78 -7.52 21.20 5.50
N LYS A 79 -7.18 21.15 4.21
CA LYS A 79 -8.13 21.40 3.10
C LYS A 79 -9.18 20.29 2.96
N MET A 80 -8.89 19.11 3.49
CA MET A 80 -9.70 17.90 3.37
C MET A 80 -9.53 17.00 4.61
N THR A 81 -10.53 16.18 4.90
CA THR A 81 -10.53 15.20 6.00
C THR A 81 -9.90 13.87 5.55
N ARG A 82 -9.45 13.03 6.50
CA ARG A 82 -8.84 11.73 6.16
C ARG A 82 -9.83 10.83 5.43
N ALA A 83 -11.06 10.73 5.94
CA ALA A 83 -12.10 9.90 5.34
C ALA A 83 -12.50 10.39 3.93
N GLU A 84 -12.50 11.71 3.67
CA GLU A 84 -12.77 12.23 2.32
C GLU A 84 -11.65 11.97 1.32
N PHE A 85 -10.37 12.03 1.72
CA PHE A 85 -9.27 11.61 0.85
C PHE A 85 -9.30 10.09 0.61
N VAL A 86 -9.68 9.29 1.61
CA VAL A 86 -9.90 7.85 1.45
C VAL A 86 -11.05 7.54 0.47
N ARG A 87 -12.15 8.29 0.51
CA ARG A 87 -13.29 8.12 -0.44
C ARG A 87 -12.94 8.46 -1.89
N LYS A 88 -11.99 9.38 -2.14
CA LYS A 88 -11.44 9.65 -3.49
C LYS A 88 -10.18 8.84 -3.83
N LEU A 89 -9.58 8.12 -2.86
CA LEU A 89 -8.53 7.11 -3.05
C LEU A 89 -9.09 5.76 -3.54
N ARG A 90 -10.15 5.25 -2.90
CA ARG A 90 -10.73 3.91 -3.19
C ARG A 90 -11.45 3.82 -4.55
N VAL A 91 -11.65 4.96 -5.21
CA VAL A 91 -12.07 5.07 -6.61
C VAL A 91 -10.90 5.00 -7.61
N ILE A 92 -9.69 5.39 -7.19
CA ILE A 92 -8.44 5.30 -7.98
C ILE A 92 -7.80 3.92 -7.87
N VAL A 93 -7.61 3.45 -6.63
CA VAL A 93 -6.80 2.26 -6.29
C VAL A 93 -7.70 1.07 -5.96
N GLY A 94 -8.56 1.23 -4.95
CA GLY A 94 -9.49 0.20 -4.47
C GLY A 94 -9.11 -0.32 -3.09
N ASP A 95 -10.12 -0.52 -2.24
CA ASP A 95 -9.92 -0.94 -0.84
C ASP A 95 -9.54 -2.44 -0.73
N ASP A 96 -9.88 -3.28 -1.72
CA ASP A 96 -9.39 -4.66 -1.83
C ASP A 96 -7.86 -4.68 -2.08
N LEU A 97 -7.35 -3.77 -2.90
CA LEU A 97 -5.92 -3.55 -3.18
C LEU A 97 -5.20 -3.02 -1.92
N LEU A 98 -5.83 -2.08 -1.20
CA LEU A 98 -5.31 -1.55 0.08
C LEU A 98 -5.06 -2.70 1.06
N ARG A 99 -6.07 -3.55 1.31
CA ARG A 99 -5.98 -4.77 2.13
C ARG A 99 -4.84 -5.70 1.68
N SER A 100 -4.67 -5.90 0.37
CA SER A 100 -3.63 -6.76 -0.20
C SER A 100 -2.20 -6.17 -0.14
N THR A 101 -2.07 -4.87 0.17
CA THR A 101 -0.75 -4.24 0.42
C THR A 101 -0.31 -4.41 1.87
N ILE A 102 -1.24 -4.49 2.84
CA ILE A 102 -0.95 -4.55 4.29
C ILE A 102 0.08 -5.64 4.65
N THR A 103 -0.06 -6.81 4.04
CA THR A 103 0.86 -7.96 4.23
C THR A 103 2.29 -7.67 3.74
N THR A 104 2.45 -6.88 2.68
CA THR A 104 3.75 -6.41 2.17
C THR A 104 4.31 -5.29 3.04
N LEU A 105 3.47 -4.40 3.56
CA LEU A 105 3.87 -3.40 4.56
C LEU A 105 4.37 -4.08 5.86
N GLN A 106 3.83 -5.26 6.20
CA GLN A 106 4.33 -6.11 7.29
C GLN A 106 5.58 -6.94 6.95
N ASN A 107 6.01 -6.98 5.68
CA ASN A 107 7.22 -7.66 5.22
C ASN A 107 8.45 -6.73 5.18
N GLN A 108 8.27 -5.41 5.27
CA GLN A 108 9.32 -4.42 5.03
C GLN A 108 10.52 -4.52 6.00
N PRO A 109 11.74 -4.23 5.52
CA PRO A 109 12.96 -4.16 6.33
C PRO A 109 13.10 -2.83 7.08
N LYS A 110 13.92 -2.83 8.14
CA LYS A 110 14.28 -1.64 8.96
C LYS A 110 15.72 -1.71 9.51
N SER A 111 16.27 -0.54 9.85
CA SER A 111 17.50 -0.40 10.64
C SER A 111 17.57 0.94 11.38
N LYS A 112 18.20 0.91 12.56
CA LYS A 112 18.38 2.07 13.45
C LYS A 112 19.72 1.95 14.19
N GLU A 113 20.78 2.08 13.40
CA GLU A 113 22.19 1.95 13.80
C GLU A 113 22.70 3.10 14.68
N ILE A 114 23.80 2.85 15.42
CA ILE A 114 24.55 3.88 16.15
C ILE A 114 26.05 3.80 15.82
N PRO A 115 26.73 4.96 15.63
CA PRO A 115 28.18 5.02 15.44
C PRO A 115 28.94 4.63 16.71
N GLY A 116 29.97 3.78 16.57
CA GLY A 116 30.64 3.08 17.68
C GLY A 116 31.24 4.00 18.74
N SER A 117 30.52 4.14 19.87
CA SER A 117 30.85 5.02 20.99
C SER A 117 32.07 4.55 21.78
N ILE A 118 32.11 3.25 22.12
CA ILE A 118 33.11 2.60 22.96
C ILE A 118 34.01 1.68 22.12
N ARG A 119 35.32 1.76 22.33
CA ARG A 119 36.33 0.85 21.73
C ARG A 119 37.38 0.33 22.71
N ASP A 120 37.53 0.95 23.88
CA ASP A 120 38.50 0.53 24.91
C ASP A 120 38.16 -0.87 25.49
N HIS A 121 39.18 -1.74 25.66
CA HIS A 121 39.02 -3.06 26.30
C HIS A 121 40.31 -3.64 26.95
N GLU A 122 41.44 -2.93 26.84
CA GLU A 122 42.78 -3.38 27.26
C GLU A 122 42.99 -3.53 28.77
N GLU A 123 44.14 -4.08 29.17
CA GLU A 123 44.44 -4.58 30.50
C GLU A 123 44.40 -3.54 31.63
N GLY A 124 43.53 -3.73 32.63
CA GLY A 124 43.29 -2.77 33.74
C GLY A 124 44.35 -2.74 34.86
N ALA A 125 45.46 -3.47 34.71
CA ALA A 125 46.45 -3.74 35.76
C ALA A 125 47.23 -2.50 36.24
N GLY A 126 47.74 -2.55 37.48
CA GLY A 126 48.50 -1.48 38.13
C GLY A 126 49.36 -1.98 39.29
N GLY A 127 50.32 -1.17 39.76
CA GLY A 127 51.36 -1.60 40.71
C GLY A 127 52.42 -2.51 40.09
N LEU A 128 52.66 -2.37 38.77
CA LEU A 128 53.65 -3.14 38.00
C LEU A 128 55.07 -2.62 38.21
N GLY A 1 -27.71 41.44 74.76
CA GLY A 1 -26.82 40.27 74.72
C GLY A 1 -26.25 40.04 73.33
N SER A 2 -25.59 38.89 73.14
CA SER A 2 -25.04 38.48 71.83
C SER A 2 -26.15 38.09 70.84
N PRO A 3 -26.12 38.55 69.57
CA PRO A 3 -27.12 38.22 68.56
C PRO A 3 -27.00 36.78 68.02
N GLU A 4 -28.06 36.29 67.37
CA GLU A 4 -28.14 34.95 66.79
C GLU A 4 -27.29 34.78 65.51
N PHE A 5 -26.83 33.58 65.20
CA PHE A 5 -25.67 33.37 64.30
C PHE A 5 -25.67 32.05 63.51
N MET A 6 -24.80 31.97 62.50
CA MET A 6 -24.50 30.77 61.70
C MET A 6 -23.10 30.19 62.01
N GLY A 7 -22.89 28.93 61.63
CA GLY A 7 -21.65 28.17 61.84
C GLY A 7 -20.60 28.37 60.74
N VAL A 8 -20.26 27.28 60.05
CA VAL A 8 -19.17 27.21 59.05
C VAL A 8 -19.29 28.25 57.93
N THR A 9 -18.15 28.69 57.41
CA THR A 9 -18.04 29.73 56.37
C THR A 9 -18.79 29.43 55.08
N LEU A 10 -19.15 30.47 54.33
CA LEU A 10 -19.72 30.40 52.97
C LEU A 10 -18.67 30.72 51.89
N GLU A 11 -17.42 30.95 52.29
CA GLU A 11 -16.38 31.56 51.45
C GLU A 11 -14.96 31.21 51.92
N GLY A 12 -14.10 30.74 51.01
CA GLY A 12 -12.66 30.57 51.24
C GLY A 12 -11.84 31.81 50.83
N PRO A 13 -10.69 32.08 51.47
CA PRO A 13 -9.83 33.21 51.13
C PRO A 13 -9.24 33.09 49.72
N LYS A 14 -9.05 34.25 49.05
CA LYS A 14 -8.69 34.38 47.61
C LYS A 14 -7.21 34.09 47.32
N ASP A 15 -6.69 32.97 47.82
CA ASP A 15 -5.29 32.53 47.68
C ASP A 15 -4.97 31.88 46.31
N LEU A 16 -5.51 32.46 45.23
CA LEU A 16 -5.45 31.99 43.84
C LEU A 16 -5.23 33.17 42.85
N PRO A 17 -4.83 32.89 41.59
CA PRO A 17 -4.48 33.92 40.61
C PRO A 17 -5.69 34.52 39.85
N PRO A 18 -5.51 35.69 39.20
CA PRO A 18 -6.51 36.28 38.31
C PRO A 18 -6.65 35.52 36.97
N GLN A 19 -7.77 35.71 36.29
CA GLN A 19 -8.09 35.07 35.00
C GLN A 19 -7.16 35.55 33.87
N LEU A 20 -6.76 34.62 32.99
CA LEU A 20 -5.86 34.83 31.85
C LEU A 20 -6.46 34.22 30.58
N GLU A 21 -6.86 35.08 29.64
CA GLU A 21 -7.45 34.71 28.34
C GLU A 21 -6.38 34.64 27.24
N SER A 22 -6.25 33.51 26.55
CA SER A 22 -5.30 33.36 25.43
C SER A 22 -5.75 32.33 24.38
N ASN A 23 -5.41 32.60 23.11
CA ASN A 23 -5.77 31.75 21.96
C ASN A 23 -4.63 30.76 21.62
N GLN A 24 -4.97 29.49 21.40
CA GLN A 24 -4.02 28.44 20.98
C GLN A 24 -4.57 27.52 19.88
N GLY A 25 -5.88 27.30 19.86
CA GLY A 25 -6.52 26.25 19.06
C GLY A 25 -6.30 26.35 17.55
N ALA A 26 -5.90 25.22 16.96
CA ALA A 26 -5.87 24.96 15.52
C ALA A 26 -7.23 24.42 15.01
N ARG A 27 -7.32 24.00 13.73
CA ARG A 27 -8.46 23.29 13.14
C ARG A 27 -7.99 21.97 12.56
N GLY A 28 -8.92 21.08 12.23
CA GLY A 28 -8.61 19.86 11.49
C GLY A 28 -8.60 18.57 12.32
N SER A 29 -8.55 18.67 13.66
CA SER A 29 -8.39 17.53 14.59
C SER A 29 -9.45 16.43 14.39
N GLY A 30 -9.02 15.18 14.24
CA GLY A 30 -9.92 14.01 14.16
C GLY A 30 -9.38 12.82 13.34
N SER A 31 -8.27 12.98 12.62
CA SER A 31 -7.71 11.97 11.70
C SER A 31 -7.42 10.64 12.39
N ALA A 32 -8.21 9.61 12.08
CA ALA A 32 -8.09 8.28 12.70
C ALA A 32 -6.75 7.59 12.38
N ASN A 33 -6.30 6.73 13.29
CA ASN A 33 -5.34 5.67 12.98
C ASN A 33 -6.09 4.37 12.61
N SER A 34 -5.66 3.66 11.57
CA SER A 34 -6.22 2.37 11.14
C SER A 34 -5.27 1.61 10.21
N VAL A 35 -5.13 0.30 10.40
CA VAL A 35 -4.41 -0.60 9.48
C VAL A 35 -5.35 -1.14 8.38
N GLY A 36 -6.63 -1.29 8.70
CA GLY A 36 -7.71 -1.59 7.75
C GLY A 36 -8.99 -2.13 8.41
N SER A 37 -10.11 -2.03 7.70
CA SER A 37 -11.38 -2.66 8.05
C SER A 37 -11.25 -4.19 8.07
N SER A 38 -11.98 -4.84 8.97
CA SER A 38 -11.79 -6.21 9.47
C SER A 38 -10.44 -6.50 10.14
N THR A 39 -9.33 -5.84 9.80
CA THR A 39 -8.05 -6.02 10.50
C THR A 39 -8.16 -5.53 11.94
N THR A 40 -7.68 -6.35 12.88
CA THR A 40 -8.01 -6.27 14.32
C THR A 40 -6.86 -6.70 15.25
N ARG A 41 -5.89 -7.50 14.78
CA ARG A 41 -4.63 -7.84 15.51
C ARG A 41 -3.35 -7.51 14.71
N PRO A 42 -3.11 -6.23 14.38
CA PRO A 42 -1.94 -5.78 13.61
C PRO A 42 -0.64 -5.83 14.42
N LYS A 43 0.49 -5.78 13.68
CA LYS A 43 1.84 -5.48 14.16
C LYS A 43 2.01 -3.96 14.28
N SER A 44 3.10 -3.33 13.81
CA SER A 44 3.21 -1.86 13.84
C SER A 44 2.16 -1.18 12.93
N PRO A 45 1.35 -0.22 13.41
CA PRO A 45 0.31 0.44 12.61
C PRO A 45 0.80 1.53 11.62
N TRP A 46 1.90 1.30 10.91
CA TRP A 46 2.72 2.30 10.19
C TRP A 46 2.13 2.88 8.88
N MET A 47 0.80 3.02 8.83
CA MET A 47 0.00 3.57 7.72
C MET A 47 -0.15 5.12 7.69
N PRO A 48 0.01 5.92 8.78
CA PRO A 48 -0.19 7.37 8.69
C PRO A 48 0.82 8.12 7.80
N PHE A 49 2.09 7.71 7.80
CA PHE A 49 3.14 8.22 6.89
C PHE A 49 3.04 7.56 5.49
N PRO A 50 3.26 8.28 4.38
CA PRO A 50 2.84 7.82 3.04
C PRO A 50 3.76 6.79 2.35
N THR A 51 4.65 6.06 3.05
CA THR A 51 5.52 5.03 2.43
C THR A 51 4.71 3.95 1.69
N LEU A 52 3.51 3.60 2.16
CA LEU A 52 2.60 2.68 1.48
C LEU A 52 2.28 3.07 0.01
N PHE A 53 2.31 4.36 -0.36
CA PHE A 53 2.16 4.76 -1.77
C PHE A 53 3.36 4.33 -2.63
N ALA A 54 4.59 4.40 -2.10
CA ALA A 54 5.79 3.91 -2.77
C ALA A 54 5.90 2.37 -2.79
N ALA A 55 5.06 1.66 -2.02
CA ALA A 55 4.90 0.21 -2.08
C ALA A 55 3.85 -0.26 -3.11
N ILE A 56 3.03 0.64 -3.67
CA ILE A 56 2.10 0.39 -4.78
C ILE A 56 2.49 1.13 -6.06
N SER A 57 3.55 1.94 -6.06
CA SER A 57 3.99 2.70 -7.26
C SER A 57 4.34 1.80 -8.46
N HIS A 58 4.68 0.53 -8.23
CA HIS A 58 4.83 -0.53 -9.24
C HIS A 58 3.48 -1.15 -9.72
N LYS A 59 2.34 -0.64 -9.25
CA LYS A 59 0.95 -1.11 -9.46
C LYS A 59 0.00 0.00 -9.95
N VAL A 60 0.12 1.21 -9.42
CA VAL A 60 -0.63 2.43 -9.83
C VAL A 60 0.13 3.24 -10.88
N ALA A 61 -0.57 4.06 -11.67
CA ALA A 61 0.05 4.91 -12.68
C ALA A 61 0.66 6.22 -12.12
N GLU A 62 1.69 6.76 -12.79
CA GLU A 62 2.48 7.91 -12.31
C GLU A 62 1.61 9.14 -12.04
N ASN A 63 0.79 9.57 -13.02
CA ASN A 63 -0.10 10.71 -12.87
C ASN A 63 -1.25 10.44 -11.88
N ASP A 64 -1.63 9.17 -11.74
CA ASP A 64 -2.68 8.67 -10.84
C ASP A 64 -2.26 8.82 -9.37
N MET A 65 -1.07 8.34 -8.99
CA MET A 65 -0.52 8.61 -7.66
C MET A 65 0.04 10.03 -7.45
N LEU A 66 0.17 10.81 -8.51
CA LEU A 66 0.53 12.24 -8.45
C LEU A 66 -0.70 13.08 -8.07
N LEU A 67 -1.89 12.58 -8.40
CA LEU A 67 -3.19 13.02 -7.93
C LEU A 67 -3.35 12.67 -6.44
N ILE A 68 -3.02 11.43 -6.04
CA ILE A 68 -3.13 10.97 -4.65
C ILE A 68 -2.20 11.75 -3.70
N ASN A 69 -0.92 11.92 -4.05
CA ASN A 69 0.03 12.63 -3.18
C ASN A 69 -0.41 14.08 -2.92
N ALA A 70 -0.96 14.75 -3.94
CA ALA A 70 -1.53 16.09 -3.80
C ALA A 70 -2.77 16.11 -2.88
N ASP A 71 -3.64 15.10 -3.00
CA ASP A 71 -4.81 14.97 -2.12
C ASP A 71 -4.40 14.72 -0.65
N TYR A 72 -3.36 13.92 -0.42
CA TYR A 72 -2.74 13.70 0.88
C TYR A 72 -2.07 14.99 1.42
N GLN A 73 -1.36 15.74 0.58
CA GLN A 73 -0.73 17.01 0.96
C GLN A 73 -1.73 18.12 1.29
N GLN A 74 -2.90 18.16 0.64
CA GLN A 74 -3.93 19.16 0.95
C GLN A 74 -4.85 18.76 2.12
N LEU A 75 -4.90 17.48 2.48
CA LEU A 75 -5.31 16.98 3.81
C LEU A 75 -4.43 17.65 4.89
N ARG A 76 -3.10 17.68 4.69
CA ARG A 76 -2.12 18.33 5.59
C ARG A 76 -2.17 19.86 5.57
N ASP A 77 -2.79 20.45 4.54
CA ASP A 77 -3.20 21.87 4.44
C ASP A 77 -4.65 22.12 4.94
N LYS A 78 -5.30 21.10 5.54
CA LYS A 78 -6.68 21.12 6.07
C LYS A 78 -7.79 21.51 5.07
N LYS A 79 -7.50 21.45 3.76
CA LYS A 79 -8.49 21.59 2.67
C LYS A 79 -9.48 20.41 2.60
N MET A 80 -9.09 19.30 3.20
CA MET A 80 -9.76 17.99 3.15
C MET A 80 -9.49 17.21 4.45
N THR A 81 -10.37 16.30 4.86
CA THR A 81 -10.13 15.38 6.00
C THR A 81 -9.49 14.07 5.54
N ARG A 82 -9.00 13.26 6.48
CA ARG A 82 -8.38 11.95 6.18
C ARG A 82 -9.40 11.02 5.52
N ALA A 83 -10.60 10.95 6.08
CA ALA A 83 -11.73 10.23 5.48
C ALA A 83 -12.09 10.75 4.07
N GLU A 84 -12.16 12.08 3.89
CA GLU A 84 -12.55 12.68 2.62
C GLU A 84 -11.58 12.36 1.46
N PHE A 85 -10.28 12.26 1.71
CA PHE A 85 -9.32 11.79 0.69
C PHE A 85 -9.34 10.26 0.51
N VAL A 86 -9.58 9.48 1.56
CA VAL A 86 -9.71 8.00 1.48
C VAL A 86 -10.91 7.57 0.62
N ARG A 87 -11.98 8.36 0.59
CA ARG A 87 -13.12 8.20 -0.34
C ARG A 87 -12.67 8.28 -1.80
N LYS A 88 -11.68 9.11 -2.13
CA LYS A 88 -11.02 9.15 -3.45
C LYS A 88 -10.08 7.96 -3.66
N LEU A 89 -9.40 7.49 -2.62
CA LEU A 89 -8.34 6.48 -2.72
C LEU A 89 -8.91 5.11 -3.10
N ARG A 90 -10.08 4.76 -2.54
CA ARG A 90 -10.84 3.56 -2.88
C ARG A 90 -11.57 3.63 -4.23
N VAL A 91 -11.65 4.81 -4.86
CA VAL A 91 -12.04 4.95 -6.27
C VAL A 91 -10.85 4.73 -7.20
N ILE A 92 -9.71 5.40 -6.94
CA ILE A 92 -8.53 5.39 -7.82
C ILE A 92 -7.82 4.02 -7.83
N VAL A 93 -7.66 3.38 -6.67
CA VAL A 93 -6.95 2.09 -6.49
C VAL A 93 -7.90 0.99 -6.02
N GLY A 94 -8.71 1.28 -5.01
CA GLY A 94 -9.61 0.30 -4.37
C GLY A 94 -9.07 -0.24 -3.05
N ASP A 95 -9.93 -0.33 -2.04
CA ASP A 95 -9.54 -0.80 -0.70
C ASP A 95 -9.33 -2.33 -0.66
N ASP A 96 -9.94 -3.05 -1.60
CA ASP A 96 -9.71 -4.47 -1.89
C ASP A 96 -8.46 -4.72 -2.76
N LEU A 97 -7.90 -3.67 -3.37
CA LEU A 97 -6.54 -3.71 -3.92
C LEU A 97 -5.53 -3.46 -2.80
N LEU A 98 -5.77 -2.41 -2.00
CA LEU A 98 -4.88 -1.95 -0.93
C LEU A 98 -4.45 -3.06 0.04
N ARG A 99 -5.37 -3.96 0.39
CA ARG A 99 -5.15 -5.13 1.28
C ARG A 99 -3.91 -5.98 0.91
N SER A 100 -3.62 -6.13 -0.38
CA SER A 100 -2.46 -6.88 -0.90
C SER A 100 -1.11 -6.27 -0.50
N THR A 101 -1.07 -4.94 -0.31
CA THR A 101 0.05 -4.23 0.32
C THR A 101 0.04 -4.46 1.82
N ILE A 102 -1.10 -4.31 2.50
CA ILE A 102 -1.19 -4.37 3.98
C ILE A 102 -0.62 -5.67 4.54
N THR A 103 -1.03 -6.81 3.97
CA THR A 103 -0.54 -8.14 4.39
C THR A 103 0.99 -8.29 4.25
N THR A 104 1.61 -7.53 3.34
CA THR A 104 3.06 -7.46 3.13
C THR A 104 3.73 -6.43 4.05
N LEU A 105 3.15 -5.23 4.20
CA LEU A 105 3.64 -4.15 5.07
C LEU A 105 3.65 -4.56 6.56
N GLN A 106 2.76 -5.47 6.96
CA GLN A 106 2.75 -6.10 8.29
C GLN A 106 3.79 -7.22 8.47
N ASN A 107 4.55 -7.56 7.42
CA ASN A 107 5.53 -8.64 7.40
C ASN A 107 6.96 -8.11 7.12
N GLN A 108 7.25 -7.73 5.87
CA GLN A 108 8.49 -7.09 5.36
C GLN A 108 9.83 -7.86 5.57
N PRO A 109 10.86 -7.62 4.72
CA PRO A 109 12.17 -8.29 4.83
C PRO A 109 13.09 -7.77 5.95
N LYS A 110 12.55 -7.00 6.90
CA LYS A 110 13.28 -6.45 8.06
C LYS A 110 13.59 -7.52 9.14
N SER A 111 12.86 -8.62 9.10
CA SER A 111 13.08 -9.84 9.88
C SER A 111 14.42 -10.51 9.56
N LYS A 112 14.90 -11.36 10.48
CA LYS A 112 16.14 -12.16 10.30
C LYS A 112 15.94 -13.25 9.23
N GLU A 113 16.95 -13.51 8.41
CA GLU A 113 16.93 -14.53 7.35
C GLU A 113 18.33 -15.08 7.04
N ILE A 114 18.41 -16.37 6.67
CA ILE A 114 19.65 -17.13 6.45
C ILE A 114 19.96 -17.31 4.94
N PRO A 115 21.24 -17.22 4.52
CA PRO A 115 21.69 -17.40 3.13
C PRO A 115 21.77 -18.88 2.70
N GLY A 116 20.75 -19.68 3.00
CA GLY A 116 20.75 -21.14 2.79
C GLY A 116 21.63 -21.92 3.77
N SER A 117 21.52 -23.25 3.79
CA SER A 117 22.34 -24.13 4.62
C SER A 117 22.50 -25.55 4.03
N ILE A 118 22.97 -26.50 4.84
CA ILE A 118 23.54 -27.78 4.41
C ILE A 118 22.50 -28.74 3.80
N ARG A 119 22.85 -29.32 2.66
CA ARG A 119 22.09 -30.36 1.95
C ARG A 119 22.99 -31.37 1.22
N ASP A 120 22.42 -32.53 0.89
CA ASP A 120 23.11 -33.75 0.46
C ASP A 120 23.54 -33.85 -1.02
N HIS A 121 23.57 -32.73 -1.73
CA HIS A 121 23.99 -32.64 -3.13
C HIS A 121 24.53 -31.24 -3.42
N GLU A 122 25.54 -31.13 -4.28
CA GLU A 122 26.12 -29.82 -4.64
C GLU A 122 25.14 -28.96 -5.44
N GLU A 123 25.18 -27.64 -5.23
CA GLU A 123 24.17 -26.69 -5.74
C GLU A 123 24.23 -26.49 -7.27
N GLY A 124 25.44 -26.59 -7.85
CA GLY A 124 25.68 -26.35 -9.28
C GLY A 124 25.57 -24.87 -9.67
N ALA A 125 26.02 -24.54 -10.88
CA ALA A 125 26.07 -23.16 -11.38
C ALA A 125 24.69 -22.58 -11.71
N GLY A 126 24.54 -21.27 -11.53
CA GLY A 126 23.45 -20.47 -12.10
C GLY A 126 23.86 -19.73 -13.38
N GLY A 127 22.98 -18.89 -13.91
CA GLY A 127 23.21 -18.11 -15.13
C GLY A 127 24.05 -16.82 -14.96
N LEU A 128 24.38 -16.45 -13.72
CA LEU A 128 25.12 -15.24 -13.33
C LEU A 128 26.65 -15.34 -13.46
N GLY A 1 -105.81 32.02 24.33
CA GLY A 1 -104.65 32.47 25.09
C GLY A 1 -103.50 32.77 24.15
N SER A 2 -102.42 32.00 24.21
CA SER A 2 -101.22 32.21 23.39
C SER A 2 -101.34 31.67 21.95
N PRO A 3 -100.82 32.37 20.93
CA PRO A 3 -100.71 31.86 19.57
C PRO A 3 -99.60 30.80 19.40
N GLU A 4 -99.60 30.13 18.25
CA GLU A 4 -98.71 29.01 17.88
C GLU A 4 -97.30 29.44 17.39
N PHE A 5 -97.00 30.73 17.35
CA PHE A 5 -95.75 31.26 16.77
C PHE A 5 -94.51 30.83 17.57
N MET A 6 -93.43 30.47 16.87
CA MET A 6 -92.18 29.96 17.47
C MET A 6 -90.96 30.23 16.58
N GLY A 7 -89.75 30.04 17.12
CA GLY A 7 -88.53 30.05 16.32
C GLY A 7 -87.23 29.86 17.11
N VAL A 8 -86.19 29.38 16.43
CA VAL A 8 -84.82 29.26 16.97
C VAL A 8 -83.78 29.29 15.85
N THR A 9 -82.63 29.91 16.11
CA THR A 9 -81.50 30.02 15.16
C THR A 9 -80.64 28.75 15.13
N LEU A 10 -79.70 28.69 14.18
CA LEU A 10 -78.81 27.56 13.90
C LEU A 10 -77.34 28.00 13.86
N GLU A 11 -76.42 27.11 14.25
CA GLU A 11 -74.98 27.35 14.16
C GLU A 11 -74.50 27.37 12.70
N GLY A 12 -73.51 28.22 12.42
CA GLY A 12 -72.99 28.45 11.06
C GLY A 12 -72.35 27.23 10.39
N PRO A 13 -71.93 27.38 9.11
CA PRO A 13 -71.29 26.32 8.35
C PRO A 13 -69.94 25.91 8.95
N LYS A 14 -69.60 24.64 8.75
CA LYS A 14 -68.49 23.92 9.42
C LYS A 14 -67.59 23.19 8.42
N ASP A 15 -67.81 23.36 7.11
CA ASP A 15 -67.08 22.69 6.02
C ASP A 15 -65.66 23.25 5.78
N LEU A 16 -64.96 23.62 6.85
CA LEU A 16 -63.55 23.96 6.89
C LEU A 16 -62.67 22.71 6.63
N PRO A 17 -61.42 22.88 6.18
CA PRO A 17 -60.46 21.78 6.09
C PRO A 17 -60.04 21.25 7.49
N PRO A 18 -59.69 19.96 7.60
CA PRO A 18 -59.16 19.38 8.84
C PRO A 18 -57.73 19.86 9.15
N GLN A 19 -57.25 19.59 10.36
CA GLN A 19 -55.86 19.78 10.75
C GLN A 19 -54.89 18.90 9.92
N LEU A 20 -53.65 19.38 9.74
CA LEU A 20 -52.62 18.82 8.87
C LEU A 20 -51.37 18.40 9.66
N GLU A 21 -50.76 17.25 9.33
CA GLU A 21 -49.47 16.79 9.88
C GLU A 21 -48.32 16.94 8.86
N SER A 22 -47.14 17.41 9.31
CA SER A 22 -45.91 17.54 8.51
C SER A 22 -44.71 16.98 9.27
N ASN A 23 -44.01 15.99 8.67
CA ASN A 23 -42.88 15.25 9.26
C ASN A 23 -41.68 15.20 8.28
N GLN A 24 -40.46 15.17 8.80
CA GLN A 24 -39.20 15.02 8.04
C GLN A 24 -38.75 13.55 7.94
N GLY A 25 -39.02 12.75 8.97
CA GLY A 25 -38.45 11.40 9.12
C GLY A 25 -36.99 11.40 9.56
N ALA A 26 -36.29 10.30 9.29
CA ALA A 26 -34.88 10.11 9.61
C ALA A 26 -34.16 9.15 8.65
N ARG A 27 -32.87 9.39 8.37
CA ARG A 27 -32.02 8.57 7.50
C ARG A 27 -30.57 8.56 8.00
N GLY A 28 -30.13 7.39 8.46
CA GLY A 28 -28.79 7.15 9.00
C GLY A 28 -28.56 5.67 9.36
N SER A 29 -27.31 5.31 9.69
CA SER A 29 -26.85 3.93 9.93
C SER A 29 -25.86 3.81 11.09
N GLY A 30 -25.54 2.59 11.51
CA GLY A 30 -24.58 2.31 12.58
C GLY A 30 -23.19 2.89 12.35
N SER A 31 -22.55 3.34 13.44
CA SER A 31 -21.22 3.97 13.41
C SER A 31 -20.16 3.01 12.88
N ALA A 32 -19.29 3.49 12.00
CA ALA A 32 -18.23 2.68 11.41
C ALA A 32 -17.15 2.30 12.43
N ASN A 33 -16.62 1.08 12.30
CA ASN A 33 -15.27 0.74 12.74
C ASN A 33 -14.55 0.00 11.61
N SER A 34 -13.23 0.09 11.60
CA SER A 34 -12.38 -0.38 10.49
C SER A 34 -11.22 -1.25 10.99
N VAL A 35 -11.46 -1.97 12.11
CA VAL A 35 -10.50 -2.78 12.88
C VAL A 35 -11.07 -4.18 13.24
N GLY A 36 -12.14 -4.60 12.55
CA GLY A 36 -12.86 -5.85 12.82
C GLY A 36 -12.38 -7.04 11.98
N SER A 37 -12.48 -8.24 12.53
CA SER A 37 -12.05 -9.51 11.94
C SER A 37 -13.07 -10.64 12.15
N SER A 38 -14.23 -10.53 11.50
CA SER A 38 -15.24 -11.59 11.42
C SER A 38 -14.64 -12.86 10.80
N THR A 39 -14.84 -14.02 11.44
CA THR A 39 -14.34 -15.37 11.04
C THR A 39 -12.83 -15.52 10.81
N THR A 40 -12.00 -14.54 11.18
CA THR A 40 -10.62 -14.39 10.69
C THR A 40 -9.62 -13.92 11.75
N ARG A 41 -8.32 -14.08 11.45
CA ARG A 41 -7.22 -13.62 12.30
C ARG A 41 -7.29 -12.10 12.54
N PRO A 42 -7.06 -11.62 13.78
CA PRO A 42 -7.25 -10.22 14.17
C PRO A 42 -6.31 -9.30 13.38
N LYS A 43 -6.88 -8.41 12.55
CA LYS A 43 -6.11 -7.65 11.56
C LYS A 43 -5.26 -6.53 12.17
N SER A 44 -4.11 -6.25 11.55
CA SER A 44 -3.20 -5.14 11.88
C SER A 44 -3.53 -3.84 11.10
N PRO A 45 -3.24 -2.65 11.65
CA PRO A 45 -3.38 -1.36 10.95
C PRO A 45 -2.18 -1.04 10.03
N TRP A 46 -2.36 -0.04 9.15
CA TRP A 46 -1.28 0.65 8.42
C TRP A 46 -0.42 1.53 9.36
N MET A 47 0.75 1.91 8.86
CA MET A 47 1.82 2.62 9.58
C MET A 47 2.38 3.82 8.78
N PRO A 48 3.13 4.75 9.41
CA PRO A 48 3.71 5.95 8.76
C PRO A 48 4.78 5.66 7.69
N PHE A 49 5.47 6.73 7.25
CA PHE A 49 6.39 6.81 6.11
C PHE A 49 5.70 6.63 4.73
N PRO A 50 6.30 7.04 3.59
CA PRO A 50 5.68 6.99 2.25
C PRO A 50 5.34 5.58 1.69
N THR A 51 5.49 4.51 2.46
CA THR A 51 5.28 3.11 2.05
C THR A 51 3.97 2.88 1.31
N LEU A 52 2.88 3.51 1.76
CA LEU A 52 1.56 3.42 1.13
C LEU A 52 1.54 3.87 -0.34
N PHE A 53 2.29 4.92 -0.70
CA PHE A 53 2.42 5.37 -2.09
C PHE A 53 3.54 4.65 -2.86
N ALA A 54 4.62 4.27 -2.18
CA ALA A 54 5.75 3.56 -2.79
C ALA A 54 5.32 2.17 -3.29
N ALA A 55 4.59 1.43 -2.44
CA ALA A 55 4.11 0.08 -2.72
C ALA A 55 3.12 -0.01 -3.89
N ILE A 56 2.46 1.08 -4.26
CA ILE A 56 1.52 1.14 -5.40
C ILE A 56 2.12 1.80 -6.64
N SER A 57 3.31 2.38 -6.59
CA SER A 57 3.99 2.98 -7.77
C SER A 57 4.11 2.01 -8.96
N HIS A 58 4.14 0.70 -8.71
CA HIS A 58 4.18 -0.36 -9.74
C HIS A 58 2.79 -0.81 -10.26
N LYS A 59 1.71 -0.16 -9.78
CA LYS A 59 0.28 -0.46 -10.00
C LYS A 59 -0.52 0.74 -10.51
N VAL A 60 -0.31 1.92 -9.91
CA VAL A 60 -0.96 3.20 -10.24
C VAL A 60 -0.28 3.93 -11.39
N ALA A 61 -1.03 4.76 -12.11
CA ALA A 61 -0.47 5.62 -13.14
C ALA A 61 0.27 6.86 -12.56
N GLU A 62 1.28 7.35 -13.27
CA GLU A 62 2.22 8.38 -12.77
C GLU A 62 1.53 9.69 -12.36
N ASN A 63 0.64 10.17 -13.23
CA ASN A 63 -0.15 11.39 -13.03
C ASN A 63 -1.36 11.13 -12.11
N ASP A 64 -1.85 9.89 -12.07
CA ASP A 64 -2.86 9.41 -11.11
C ASP A 64 -2.31 9.52 -9.67
N MET A 65 -1.07 9.08 -9.40
CA MET A 65 -0.44 9.29 -8.10
C MET A 65 0.09 10.71 -7.82
N LEU A 66 0.16 11.60 -8.82
CA LEU A 66 0.42 13.04 -8.59
C LEU A 66 -0.84 13.76 -8.14
N LEU A 67 -2.01 13.31 -8.63
CA LEU A 67 -3.32 13.68 -8.14
C LEU A 67 -3.45 13.19 -6.67
N ILE A 68 -3.05 11.95 -6.36
CA ILE A 68 -3.13 11.41 -4.99
C ILE A 68 -2.20 12.16 -4.01
N ASN A 69 -0.91 12.36 -4.35
CA ASN A 69 0.02 13.08 -3.46
C ASN A 69 -0.45 14.51 -3.17
N ALA A 70 -1.04 15.19 -4.15
CA ALA A 70 -1.65 16.50 -3.99
C ALA A 70 -2.89 16.51 -3.09
N ASP A 71 -3.75 15.49 -3.21
CA ASP A 71 -4.90 15.28 -2.33
C ASP A 71 -4.46 14.92 -0.88
N TYR A 72 -3.31 14.26 -0.72
CA TYR A 72 -2.70 13.97 0.59
C TYR A 72 -2.04 15.21 1.24
N GLN A 73 -1.27 15.99 0.49
CA GLN A 73 -0.65 17.24 0.98
C GLN A 73 -1.67 18.31 1.45
N GLN A 74 -2.90 18.32 0.93
CA GLN A 74 -3.96 19.22 1.43
C GLN A 74 -4.70 18.64 2.64
N LEU A 75 -4.79 17.31 2.78
CA LEU A 75 -5.11 16.62 4.05
C LEU A 75 -4.15 17.10 5.16
N ARG A 76 -2.83 17.12 4.87
CA ARG A 76 -1.78 17.53 5.82
C ARG A 76 -1.90 18.98 6.29
N ASP A 77 -2.23 19.90 5.39
CA ASP A 77 -2.41 21.34 5.67
C ASP A 77 -3.81 21.66 6.22
N LYS A 78 -4.53 20.62 6.68
CA LYS A 78 -5.85 20.71 7.35
C LYS A 78 -6.97 21.25 6.45
N LYS A 79 -6.84 21.02 5.13
CA LYS A 79 -7.82 21.40 4.08
C LYS A 79 -8.76 20.26 3.64
N MET A 80 -8.54 19.03 4.12
CA MET A 80 -9.38 17.85 3.85
C MET A 80 -9.26 16.83 5.00
N THR A 81 -10.30 16.04 5.24
CA THR A 81 -10.30 14.96 6.24
C THR A 81 -9.62 13.70 5.68
N ARG A 82 -9.00 12.88 6.54
CA ARG A 82 -8.30 11.65 6.13
C ARG A 82 -9.27 10.67 5.45
N ALA A 83 -10.48 10.55 5.98
CA ALA A 83 -11.54 9.72 5.42
C ALA A 83 -12.02 10.17 4.02
N GLU A 84 -12.04 11.48 3.71
CA GLU A 84 -12.37 11.98 2.36
C GLU A 84 -11.37 11.48 1.31
N PHE A 85 -10.07 11.66 1.55
CA PHE A 85 -9.05 11.28 0.56
C PHE A 85 -8.98 9.74 0.42
N VAL A 86 -9.24 8.97 1.49
CA VAL A 86 -9.32 7.50 1.43
C VAL A 86 -10.49 7.01 0.56
N ARG A 87 -11.71 7.55 0.69
CA ARG A 87 -12.82 7.17 -0.21
C ARG A 87 -12.54 7.54 -1.67
N LYS A 88 -11.87 8.67 -1.91
CA LYS A 88 -11.39 9.09 -3.23
C LYS A 88 -10.24 8.22 -3.77
N LEU A 89 -9.51 7.51 -2.91
CA LEU A 89 -8.30 6.73 -3.27
C LEU A 89 -8.67 5.37 -3.88
N ARG A 90 -9.69 4.69 -3.32
CA ARG A 90 -10.14 3.37 -3.78
C ARG A 90 -10.81 3.42 -5.16
N VAL A 91 -11.44 4.54 -5.50
CA VAL A 91 -12.01 4.83 -6.82
C VAL A 91 -10.94 4.76 -7.93
N ILE A 92 -9.69 5.06 -7.59
CA ILE A 92 -8.51 4.90 -8.46
C ILE A 92 -7.89 3.50 -8.28
N VAL A 93 -7.50 3.13 -7.05
CA VAL A 93 -6.55 2.03 -6.77
C VAL A 93 -7.22 0.69 -6.43
N GLY A 94 -8.45 0.72 -5.90
CA GLY A 94 -9.17 -0.41 -5.30
C GLY A 94 -8.76 -0.71 -3.86
N ASP A 95 -9.74 -0.74 -2.95
CA ASP A 95 -9.49 -0.94 -1.52
C ASP A 95 -9.06 -2.38 -1.17
N ASP A 96 -9.26 -3.36 -2.07
CA ASP A 96 -8.66 -4.70 -1.95
C ASP A 96 -7.12 -4.62 -1.88
N LEU A 97 -6.49 -3.77 -2.71
CA LEU A 97 -5.04 -3.58 -2.74
C LEU A 97 -4.55 -2.76 -1.52
N LEU A 98 -5.33 -1.75 -1.11
CA LEU A 98 -5.05 -0.96 0.10
C LEU A 98 -5.02 -1.83 1.36
N ARG A 99 -5.96 -2.77 1.50
CA ARG A 99 -5.96 -3.82 2.51
C ARG A 99 -4.79 -4.79 2.32
N SER A 100 -4.66 -5.41 1.15
CA SER A 100 -3.82 -6.61 0.98
C SER A 100 -2.31 -6.31 1.00
N THR A 101 -1.94 -5.04 0.85
CA THR A 101 -0.57 -4.60 1.16
C THR A 101 -0.24 -4.86 2.64
N ILE A 102 -1.17 -4.65 3.59
CA ILE A 102 -0.87 -4.76 5.03
C ILE A 102 -0.42 -6.17 5.42
N THR A 103 -1.16 -7.22 5.03
CA THR A 103 -0.76 -8.61 5.32
C THR A 103 0.58 -8.96 4.67
N THR A 104 0.88 -8.39 3.50
CA THR A 104 2.19 -8.51 2.83
C THR A 104 3.30 -7.81 3.63
N LEU A 105 3.07 -6.59 4.10
CA LEU A 105 3.96 -5.80 4.96
C LEU A 105 4.24 -6.51 6.30
N GLN A 106 3.24 -7.19 6.88
CA GLN A 106 3.40 -8.04 8.08
C GLN A 106 4.07 -9.40 7.80
N ASN A 107 4.60 -9.62 6.60
CA ASN A 107 5.31 -10.84 6.19
C ASN A 107 6.65 -10.52 5.51
N GLN A 108 6.61 -9.97 4.28
CA GLN A 108 7.75 -9.62 3.41
C GLN A 108 8.71 -10.81 3.10
N PRO A 109 9.57 -10.72 2.05
CA PRO A 109 10.62 -11.70 1.84
C PRO A 109 11.68 -11.65 2.95
N LYS A 110 12.40 -12.75 3.13
CA LYS A 110 13.47 -12.99 4.11
C LYS A 110 14.77 -12.18 3.81
N SER A 111 14.66 -11.01 3.19
CA SER A 111 15.79 -10.27 2.61
C SER A 111 16.70 -9.64 3.68
N LYS A 112 17.97 -10.02 3.70
CA LYS A 112 18.97 -9.57 4.69
C LYS A 112 19.60 -8.22 4.35
N GLU A 113 20.13 -7.55 5.36
CA GLU A 113 20.92 -6.31 5.24
C GLU A 113 22.43 -6.55 5.36
N ILE A 114 23.25 -5.55 4.99
CA ILE A 114 24.71 -5.68 4.95
C ILE A 114 25.34 -5.79 6.37
N PRO A 115 26.32 -6.68 6.56
CA PRO A 115 26.99 -6.91 7.86
C PRO A 115 28.00 -5.82 8.24
N GLY A 116 28.56 -5.11 7.27
CA GLY A 116 29.50 -4.00 7.47
C GLY A 116 28.83 -2.64 7.77
N SER A 117 27.54 -2.62 8.07
CA SER A 117 26.75 -1.38 8.23
C SER A 117 27.10 -0.64 9.53
N ILE A 118 27.37 0.66 9.40
CA ILE A 118 27.74 1.66 10.43
C ILE A 118 28.90 1.25 11.36
N ARG A 119 30.02 1.97 11.30
CA ARG A 119 31.20 1.80 12.18
C ARG A 119 31.97 3.09 12.43
N ASP A 120 32.86 3.08 13.41
CA ASP A 120 33.70 4.23 13.76
C ASP A 120 34.86 4.47 12.77
N HIS A 121 35.42 5.68 12.80
CA HIS A 121 36.52 6.13 11.96
C HIS A 121 37.45 7.01 12.79
N GLU A 122 38.75 6.98 12.50
CA GLU A 122 39.72 7.85 13.16
C GLU A 122 39.63 9.30 12.65
N GLU A 123 40.26 10.25 13.36
CA GLU A 123 40.21 11.68 13.03
C GLU A 123 40.85 11.97 11.66
N GLY A 124 40.06 12.54 10.75
CA GLY A 124 40.34 12.55 9.31
C GLY A 124 41.56 13.37 8.86
N ALA A 125 42.19 12.90 7.79
CA ALA A 125 43.20 13.64 7.02
C ALA A 125 42.57 14.77 6.18
N GLY A 126 43.35 15.78 5.80
CA GLY A 126 42.84 16.96 5.07
C GLY A 126 42.33 16.66 3.65
N GLY A 127 42.91 15.65 2.99
CA GLY A 127 42.58 15.22 1.61
C GLY A 127 43.26 16.05 0.52
N LEU A 128 44.30 16.82 0.86
CA LEU A 128 44.96 17.84 0.02
C LEU A 128 46.42 17.50 -0.28
N GLY A 1 89.94 -74.68 -53.20
CA GLY A 1 89.35 -73.37 -53.53
C GLY A 1 88.70 -72.72 -52.31
N SER A 2 88.35 -71.44 -52.45
CA SER A 2 87.79 -70.61 -51.37
C SER A 2 86.43 -71.09 -50.83
N PRO A 3 86.14 -70.91 -49.52
CA PRO A 3 84.82 -71.20 -48.94
C PRO A 3 83.74 -70.21 -49.41
N GLU A 4 82.47 -70.65 -49.31
CA GLU A 4 81.30 -70.00 -49.91
C GLU A 4 81.07 -68.53 -49.49
N PHE A 5 80.76 -67.68 -50.47
CA PHE A 5 80.22 -66.33 -50.28
C PHE A 5 78.72 -66.37 -49.93
N MET A 6 78.34 -65.76 -48.82
CA MET A 6 76.95 -65.68 -48.31
C MET A 6 76.68 -64.33 -47.61
N GLY A 7 75.41 -63.91 -47.57
CA GLY A 7 74.96 -62.74 -46.80
C GLY A 7 74.12 -63.12 -45.58
N VAL A 8 73.57 -62.11 -44.89
CA VAL A 8 72.60 -62.26 -43.79
C VAL A 8 71.66 -61.05 -43.72
N THR A 9 70.37 -61.26 -43.48
CA THR A 9 69.40 -60.16 -43.28
C THR A 9 69.39 -59.66 -41.84
N LEU A 10 69.31 -58.34 -41.67
CA LEU A 10 69.35 -57.67 -40.37
C LEU A 10 68.01 -57.76 -39.60
N GLU A 11 68.05 -57.52 -38.29
CA GLU A 11 66.92 -57.63 -37.37
C GLU A 11 66.87 -56.46 -36.36
N GLY A 12 65.67 -56.02 -36.01
CA GLY A 12 65.43 -54.96 -35.04
C GLY A 12 63.98 -54.43 -35.07
N PRO A 13 63.43 -53.92 -33.96
CA PRO A 13 62.05 -53.44 -33.88
C PRO A 13 61.83 -52.13 -34.65
N LYS A 14 60.56 -51.80 -34.93
CA LYS A 14 60.11 -50.50 -35.41
C LYS A 14 59.91 -49.55 -34.23
N ASP A 15 59.95 -48.26 -34.53
CA ASP A 15 60.11 -47.16 -33.57
C ASP A 15 59.33 -45.90 -34.02
N LEU A 16 58.02 -45.91 -33.77
CA LEU A 16 57.11 -44.79 -34.06
C LEU A 16 57.07 -43.79 -32.88
N PRO A 17 56.77 -42.50 -33.12
CA PRO A 17 56.77 -41.47 -32.08
C PRO A 17 55.64 -41.65 -31.03
N PRO A 18 55.77 -41.04 -29.84
CA PRO A 18 54.71 -40.99 -28.82
C PRO A 18 53.39 -40.36 -29.31
N GLN A 19 52.29 -40.70 -28.63
CA GLN A 19 50.95 -40.15 -28.90
C GLN A 19 50.93 -38.62 -28.79
N LEU A 20 50.44 -37.93 -29.82
CA LEU A 20 50.25 -36.47 -29.83
C LEU A 20 48.90 -36.10 -29.19
N GLU A 21 48.94 -35.34 -28.10
CA GLU A 21 47.74 -35.03 -27.27
C GLU A 21 46.90 -33.86 -27.78
N SER A 22 45.58 -33.96 -27.57
CA SER A 22 44.58 -32.92 -27.85
C SER A 22 44.57 -31.77 -26.83
N ASN A 23 44.13 -30.58 -27.25
CA ASN A 23 43.76 -29.49 -26.34
C ASN A 23 42.32 -29.72 -25.81
N GLN A 24 42.02 -29.22 -24.60
CA GLN A 24 40.70 -29.32 -23.97
C GLN A 24 40.53 -28.26 -22.87
N GLY A 25 39.39 -27.57 -22.84
CA GLY A 25 38.99 -26.68 -21.75
C GLY A 25 38.17 -27.40 -20.66
N ALA A 26 38.37 -27.05 -19.40
CA ALA A 26 37.57 -27.49 -18.25
C ALA A 26 36.13 -26.93 -18.28
N ARG A 27 35.21 -27.55 -17.54
CA ARG A 27 33.79 -27.20 -17.44
C ARG A 27 33.26 -27.55 -16.05
N GLY A 28 32.54 -26.64 -15.39
CA GLY A 28 31.96 -26.91 -14.07
C GLY A 28 31.23 -25.72 -13.43
N SER A 29 30.82 -25.88 -12.18
CA SER A 29 30.28 -24.81 -11.30
C SER A 29 30.46 -25.15 -9.82
N GLY A 30 30.26 -24.15 -8.94
CA GLY A 30 30.49 -24.28 -7.49
C GLY A 30 29.81 -23.21 -6.63
N SER A 31 28.60 -22.76 -6.99
CA SER A 31 27.85 -21.78 -6.20
C SER A 31 27.60 -22.27 -4.77
N ALA A 32 27.89 -21.43 -3.78
CA ALA A 32 27.58 -21.70 -2.37
C ALA A 32 26.18 -21.23 -1.98
N ASN A 33 25.68 -21.80 -0.88
CA ASN A 33 24.45 -21.37 -0.21
C ASN A 33 24.73 -20.44 1.00
N SER A 34 23.67 -19.99 1.70
CA SER A 34 23.75 -19.06 2.85
C SER A 34 22.57 -19.21 3.83
N VAL A 35 22.78 -18.84 5.11
CA VAL A 35 21.76 -18.88 6.20
C VAL A 35 21.23 -17.48 6.56
N GLY A 36 20.08 -17.41 7.24
CA GLY A 36 19.48 -16.15 7.68
C GLY A 36 18.31 -16.31 8.65
N SER A 37 17.77 -15.19 9.15
CA SER A 37 16.57 -15.12 10.00
C SER A 37 15.89 -13.75 9.91
N SER A 38 14.58 -13.73 10.14
CA SER A 38 13.73 -12.53 10.24
C SER A 38 14.20 -11.56 11.35
N THR A 39 13.77 -10.30 11.29
CA THR A 39 14.14 -9.24 12.24
C THR A 39 12.91 -8.50 12.79
N THR A 40 12.93 -8.19 14.08
CA THR A 40 11.90 -7.42 14.80
C THR A 40 12.18 -5.90 14.75
N ARG A 41 11.12 -5.09 14.65
CA ARG A 41 11.19 -3.61 14.71
C ARG A 41 9.92 -3.02 15.36
N PRO A 42 9.88 -2.92 16.71
CA PRO A 42 8.71 -2.48 17.51
C PRO A 42 8.05 -1.11 17.20
N LYS A 43 8.62 -0.30 16.30
CA LYS A 43 8.04 0.98 15.83
C LYS A 43 6.55 0.85 15.41
N SER A 44 5.80 1.95 15.50
CA SER A 44 4.35 2.02 15.30
C SER A 44 3.85 1.52 13.93
N PRO A 45 2.55 1.16 13.81
CA PRO A 45 1.92 0.79 12.53
C PRO A 45 1.92 1.95 11.52
N TRP A 46 2.92 1.97 10.63
CA TRP A 46 3.11 2.99 9.59
C TRP A 46 2.10 2.92 8.41
N MET A 47 0.97 2.22 8.59
CA MET A 47 -0.04 1.99 7.56
C MET A 47 -0.72 3.24 6.97
N PRO A 48 -0.93 4.36 7.71
CA PRO A 48 -1.53 5.57 7.15
C PRO A 48 -0.60 6.38 6.22
N PHE A 49 0.72 6.10 6.21
CA PHE A 49 1.76 6.96 5.64
C PHE A 49 2.02 6.68 4.14
N PRO A 50 2.73 7.56 3.40
CA PRO A 50 2.97 7.43 1.95
C PRO A 50 3.70 6.16 1.49
N THR A 51 4.26 5.34 2.40
CA THR A 51 4.71 3.97 2.11
C THR A 51 3.63 3.13 1.41
N LEU A 52 2.36 3.34 1.75
CA LEU A 52 1.23 2.63 1.15
C LEU A 52 1.05 2.97 -0.36
N PHE A 53 1.55 4.13 -0.80
CA PHE A 53 1.61 4.53 -2.22
C PHE A 53 2.83 3.93 -2.93
N ALA A 54 3.98 3.85 -2.25
CA ALA A 54 5.26 3.40 -2.83
C ALA A 54 5.26 1.90 -3.20
N ALA A 55 4.40 1.11 -2.56
CA ALA A 55 4.16 -0.30 -2.85
C ALA A 55 3.07 -0.55 -3.91
N ILE A 56 2.32 0.45 -4.37
CA ILE A 56 1.34 0.35 -5.45
C ILE A 56 1.72 1.15 -6.70
N SER A 57 2.88 1.82 -6.72
CA SER A 57 3.39 2.52 -7.91
C SER A 57 3.53 1.61 -9.17
N HIS A 58 3.62 0.29 -8.99
CA HIS A 58 3.53 -0.71 -10.08
C HIS A 58 2.08 -1.04 -10.55
N LYS A 59 1.08 -0.44 -9.91
CA LYS A 59 -0.38 -0.62 -10.14
C LYS A 59 -1.04 0.66 -10.66
N VAL A 60 -0.89 1.77 -9.91
CA VAL A 60 -1.47 3.10 -10.21
C VAL A 60 -0.54 3.94 -11.09
N ALA A 61 -1.12 4.75 -11.98
CA ALA A 61 -0.35 5.53 -12.94
C ALA A 61 0.42 6.72 -12.32
N GLU A 62 1.51 7.15 -12.97
CA GLU A 62 2.44 8.15 -12.42
C GLU A 62 1.75 9.48 -12.01
N ASN A 63 0.94 10.07 -12.90
CA ASN A 63 0.17 11.29 -12.61
C ASN A 63 -1.10 11.02 -11.75
N ASP A 64 -1.61 9.79 -11.77
CA ASP A 64 -2.75 9.32 -10.99
C ASP A 64 -2.38 9.26 -9.50
N MET A 65 -1.23 8.67 -9.15
CA MET A 65 -0.69 8.75 -7.79
C MET A 65 -0.08 10.10 -7.41
N LEU A 66 0.15 11.00 -8.38
CA LEU A 66 0.50 12.40 -8.12
C LEU A 66 -0.72 13.12 -7.53
N LEU A 67 -1.90 12.90 -8.12
CA LEU A 67 -3.19 13.38 -7.66
C LEU A 67 -3.43 12.93 -6.20
N ILE A 68 -3.14 11.66 -5.91
CA ILE A 68 -3.27 11.11 -4.56
C ILE A 68 -2.30 11.78 -3.57
N ASN A 69 -1.01 11.85 -3.90
CA ASN A 69 -0.01 12.48 -3.03
C ASN A 69 -0.35 13.95 -2.73
N ALA A 70 -0.81 14.69 -3.75
CA ALA A 70 -1.27 16.08 -3.59
C ALA A 70 -2.43 16.21 -2.59
N ASP A 71 -3.40 15.29 -2.67
CA ASP A 71 -4.55 15.25 -1.78
C ASP A 71 -4.20 14.80 -0.35
N TYR A 72 -3.28 13.85 -0.21
CA TYR A 72 -2.67 13.50 1.07
C TYR A 72 -1.90 14.69 1.69
N GLN A 73 -1.11 15.41 0.91
CA GLN A 73 -0.34 16.57 1.37
C GLN A 73 -1.21 17.77 1.77
N GLN A 74 -2.41 17.94 1.22
CA GLN A 74 -3.36 18.97 1.69
C GLN A 74 -4.27 18.50 2.84
N LEU A 75 -4.45 17.18 3.00
CA LEU A 75 -4.88 16.58 4.28
C LEU A 75 -3.91 17.01 5.40
N ARG A 76 -2.58 16.92 5.17
CA ARG A 76 -1.55 17.34 6.15
C ARG A 76 -1.61 18.83 6.50
N ASP A 77 -1.81 19.70 5.50
CA ASP A 77 -2.02 21.14 5.67
C ASP A 77 -3.44 21.49 6.18
N LYS A 78 -4.21 20.50 6.65
CA LYS A 78 -5.57 20.65 7.24
C LYS A 78 -6.59 21.32 6.32
N LYS A 79 -6.37 21.24 4.99
CA LYS A 79 -7.27 21.72 3.93
C LYS A 79 -8.39 20.71 3.60
N MET A 80 -8.21 19.45 3.97
CA MET A 80 -9.12 18.34 3.70
C MET A 80 -9.09 17.27 4.81
N THR A 81 -10.20 16.53 4.97
CA THR A 81 -10.33 15.39 5.89
C THR A 81 -9.65 14.12 5.36
N ARG A 82 -9.36 13.16 6.24
CA ARG A 82 -8.86 11.84 5.80
C ARG A 82 -9.89 11.14 4.91
N ALA A 83 -11.15 11.12 5.34
CA ALA A 83 -12.23 10.42 4.63
C ALA A 83 -12.45 10.93 3.19
N GLU A 84 -12.39 12.24 2.92
CA GLU A 84 -12.56 12.76 1.55
C GLU A 84 -11.46 12.27 0.59
N PHE A 85 -10.20 12.20 1.04
CA PHE A 85 -9.12 11.64 0.22
C PHE A 85 -9.20 10.11 0.13
N VAL A 86 -9.60 9.41 1.19
CA VAL A 86 -9.84 7.95 1.16
C VAL A 86 -10.98 7.56 0.20
N ARG A 87 -12.04 8.38 0.12
CA ARG A 87 -13.16 8.18 -0.82
C ARG A 87 -12.70 8.15 -2.27
N LYS A 88 -11.75 9.01 -2.68
CA LYS A 88 -11.15 8.92 -4.03
C LYS A 88 -10.05 7.86 -4.14
N LEU A 89 -9.34 7.53 -3.04
CA LEU A 89 -8.24 6.56 -3.05
C LEU A 89 -8.74 5.17 -3.46
N ARG A 90 -9.88 4.74 -2.91
CA ARG A 90 -10.54 3.47 -3.27
C ARG A 90 -11.18 3.48 -4.67
N VAL A 91 -11.58 4.65 -5.19
CA VAL A 91 -12.07 4.81 -6.57
C VAL A 91 -10.94 4.64 -7.60
N ILE A 92 -9.72 5.05 -7.28
CA ILE A 92 -8.52 4.89 -8.11
C ILE A 92 -7.93 3.48 -7.97
N VAL A 93 -7.65 3.03 -6.74
CA VAL A 93 -6.78 1.87 -6.44
C VAL A 93 -7.55 0.58 -6.07
N GLY A 94 -8.73 0.69 -5.44
CA GLY A 94 -9.55 -0.41 -4.95
C GLY A 94 -9.29 -0.78 -3.47
N ASP A 95 -10.34 -0.80 -2.64
CA ASP A 95 -10.25 -1.05 -1.19
C ASP A 95 -9.79 -2.49 -0.84
N ASP A 96 -10.04 -3.47 -1.72
CA ASP A 96 -9.55 -4.86 -1.59
C ASP A 96 -8.02 -4.96 -1.80
N LEU A 97 -7.49 -4.15 -2.73
CA LEU A 97 -6.05 -4.07 -3.01
C LEU A 97 -5.34 -3.37 -1.84
N LEU A 98 -5.90 -2.25 -1.37
CA LEU A 98 -5.42 -1.48 -0.21
C LEU A 98 -5.41 -2.27 1.11
N ARG A 99 -6.18 -3.37 1.23
CA ARG A 99 -6.05 -4.38 2.29
C ARG A 99 -4.87 -5.34 2.05
N SER A 100 -4.67 -5.79 0.81
CA SER A 100 -3.66 -6.81 0.49
C SER A 100 -2.20 -6.34 0.60
N THR A 101 -1.94 -5.03 0.51
CA THR A 101 -0.59 -4.47 0.65
C THR A 101 -0.06 -4.52 2.08
N ILE A 102 -0.94 -4.60 3.11
CA ILE A 102 -0.55 -4.50 4.53
C ILE A 102 0.51 -5.53 4.90
N THR A 103 0.34 -6.79 4.50
CA THR A 103 1.29 -7.87 4.78
C THR A 103 2.66 -7.65 4.11
N THR A 104 2.70 -6.90 3.00
CA THR A 104 3.94 -6.46 2.33
C THR A 104 4.54 -5.25 3.04
N LEU A 105 3.74 -4.30 3.54
CA LEU A 105 4.20 -3.20 4.40
C LEU A 105 4.69 -3.69 5.78
N GLN A 106 4.29 -4.88 6.23
CA GLN A 106 4.90 -5.60 7.36
C GLN A 106 6.28 -6.21 7.04
N ASN A 107 6.81 -6.03 5.82
CA ASN A 107 8.06 -6.62 5.33
C ASN A 107 8.97 -5.61 4.58
N GLN A 108 8.41 -4.52 4.04
CA GLN A 108 9.18 -3.32 3.66
C GLN A 108 9.93 -2.74 4.89
N PRO A 109 11.10 -2.12 4.71
CA PRO A 109 11.92 -1.62 5.82
C PRO A 109 11.28 -0.40 6.51
N LYS A 110 10.97 -0.56 7.80
CA LYS A 110 10.51 0.49 8.73
C LYS A 110 11.68 1.37 9.22
N SER A 111 11.38 2.47 9.88
CA SER A 111 12.37 3.33 10.57
C SER A 111 13.21 2.54 11.59
N LYS A 112 14.45 2.99 11.81
CA LYS A 112 15.44 2.38 12.73
C LYS A 112 16.08 3.40 13.67
N GLU A 113 16.68 2.89 14.75
CA GLU A 113 17.21 3.70 15.84
C GLU A 113 18.54 4.39 15.48
N ILE A 114 18.53 5.73 15.49
CA ILE A 114 19.70 6.60 15.26
C ILE A 114 20.13 7.27 16.57
N PRO A 115 21.43 7.48 16.81
CA PRO A 115 21.92 8.25 17.95
C PRO A 115 21.56 9.75 17.79
N GLY A 116 20.91 10.35 18.80
CA GLY A 116 20.45 11.74 18.76
C GLY A 116 19.12 11.94 18.03
N SER A 117 18.18 11.00 18.15
CA SER A 117 16.95 10.91 17.35
C SER A 117 15.66 10.86 18.19
N ILE A 118 15.59 10.00 19.23
CA ILE A 118 14.37 9.70 20.01
C ILE A 118 14.72 9.48 21.50
N ARG A 119 13.81 9.86 22.42
CA ARG A 119 13.96 9.69 23.88
C ARG A 119 12.63 9.34 24.57
N ASP A 120 12.65 8.57 25.65
CA ASP A 120 11.47 8.30 26.49
C ASP A 120 11.36 9.30 27.67
N HIS A 121 10.17 9.87 27.87
CA HIS A 121 9.81 10.80 28.95
C HIS A 121 8.26 10.87 29.06
N GLU A 122 7.71 11.42 30.15
CA GLU A 122 6.26 11.66 30.29
C GLU A 122 5.93 12.98 31.01
N GLU A 123 5.06 13.79 30.40
CA GLU A 123 4.71 15.15 30.84
C GLU A 123 3.62 15.25 31.92
N GLY A 124 2.85 14.19 32.20
CA GLY A 124 1.69 14.25 33.11
C GLY A 124 2.03 14.75 34.52
N ALA A 125 3.14 14.28 35.09
CA ALA A 125 3.69 14.75 36.36
C ALA A 125 4.14 16.23 36.36
N GLY A 126 4.20 16.90 35.21
CA GLY A 126 4.43 18.34 35.05
C GLY A 126 3.16 19.19 34.86
N GLY A 127 1.97 18.56 34.81
CA GLY A 127 0.69 19.24 34.55
C GLY A 127 0.15 20.14 35.68
N LEU A 128 0.87 20.24 36.81
CA LEU A 128 0.49 20.99 38.01
C LEU A 128 0.56 22.52 37.90
N GLY A 1 -9.32 -105.77 -37.32
CA GLY A 1 -9.45 -105.83 -38.79
C GLY A 1 -9.20 -104.48 -39.42
N SER A 2 -9.39 -104.36 -40.73
CA SER A 2 -9.29 -103.12 -41.52
C SER A 2 -7.96 -102.34 -41.36
N PRO A 3 -6.83 -102.84 -41.92
CA PRO A 3 -5.51 -102.19 -41.82
C PRO A 3 -5.45 -100.76 -42.40
N GLU A 4 -4.81 -99.83 -41.68
CA GLU A 4 -4.70 -98.42 -42.08
C GLU A 4 -3.68 -98.14 -43.21
N PHE A 5 -3.91 -97.05 -43.94
CA PHE A 5 -3.17 -96.65 -45.15
C PHE A 5 -3.11 -95.12 -45.36
N MET A 6 -4.15 -94.38 -44.94
CA MET A 6 -4.34 -92.95 -45.23
C MET A 6 -3.35 -92.04 -44.47
N GLY A 7 -2.90 -90.95 -45.09
CA GLY A 7 -1.80 -90.09 -44.59
C GLY A 7 -2.16 -89.09 -43.48
N VAL A 8 -3.44 -88.73 -43.35
CA VAL A 8 -4.09 -87.95 -42.27
C VAL A 8 -3.57 -86.52 -41.97
N THR A 9 -2.44 -86.10 -42.54
CA THR A 9 -1.85 -84.76 -42.33
C THR A 9 -2.79 -83.63 -42.77
N LEU A 10 -2.84 -82.58 -41.96
CA LEU A 10 -3.59 -81.34 -42.23
C LEU A 10 -2.69 -80.19 -42.71
N GLU A 11 -3.24 -79.29 -43.51
CA GLU A 11 -2.64 -78.02 -43.97
C GLU A 11 -3.61 -76.85 -43.68
N GLY A 12 -3.10 -75.65 -43.39
CA GLY A 12 -3.94 -74.50 -43.05
C GLY A 12 -3.18 -73.17 -42.93
N PRO A 13 -3.90 -72.05 -42.65
CA PRO A 13 -3.33 -70.71 -42.64
C PRO A 13 -2.35 -70.48 -41.48
N LYS A 14 -1.26 -69.76 -41.75
CA LYS A 14 -0.13 -69.53 -40.82
C LYS A 14 0.15 -68.04 -40.53
N ASP A 15 -0.57 -67.13 -41.17
CA ASP A 15 -0.35 -65.67 -41.14
C ASP A 15 -1.07 -64.94 -39.98
N LEU A 16 -1.06 -65.55 -38.79
CA LEU A 16 -1.77 -65.07 -37.59
C LEU A 16 -1.24 -63.73 -37.03
N PRO A 17 -2.06 -62.96 -36.28
CA PRO A 17 -1.68 -61.66 -35.67
C PRO A 17 -0.50 -61.75 -34.68
N PRO A 18 0.19 -60.64 -34.36
CA PRO A 18 1.36 -60.63 -33.49
C PRO A 18 1.03 -60.79 -32.00
N GLN A 19 1.65 -61.77 -31.33
CA GLN A 19 1.64 -61.87 -29.85
C GLN A 19 2.67 -60.94 -29.17
N LEU A 20 3.67 -60.45 -29.92
CA LEU A 20 4.63 -59.40 -29.55
C LEU A 20 3.93 -58.10 -29.10
N GLU A 21 4.47 -57.46 -28.07
CA GLU A 21 4.10 -56.12 -27.60
C GLU A 21 5.29 -55.16 -27.54
N SER A 22 5.09 -53.95 -28.06
CA SER A 22 6.11 -52.89 -28.15
C SER A 22 6.11 -51.94 -26.94
N ASN A 23 4.97 -51.76 -26.26
CA ASN A 23 4.80 -50.81 -25.17
C ASN A 23 5.55 -51.24 -23.88
N GLN A 24 6.37 -50.33 -23.34
CA GLN A 24 7.13 -50.47 -22.09
C GLN A 24 7.54 -49.10 -21.52
N GLY A 25 8.28 -49.08 -20.41
CA GLY A 25 8.85 -47.88 -19.78
C GLY A 25 7.84 -47.04 -18.97
N ALA A 26 8.26 -45.85 -18.54
CA ALA A 26 7.49 -44.89 -17.76
C ALA A 26 7.64 -43.44 -18.27
N ARG A 27 6.56 -42.63 -18.17
CA ARG A 27 6.51 -41.19 -18.48
C ARG A 27 5.20 -40.59 -17.94
N GLY A 28 5.25 -39.42 -17.29
CA GLY A 28 4.06 -38.70 -16.81
C GLY A 28 4.20 -37.98 -15.47
N SER A 29 5.39 -37.95 -14.86
CA SER A 29 5.63 -37.40 -13.52
C SER A 29 5.40 -35.87 -13.45
N GLY A 30 5.19 -35.32 -12.25
CA GLY A 30 4.98 -33.88 -12.02
C GLY A 30 4.79 -33.46 -10.55
N SER A 31 5.00 -32.18 -10.27
CA SER A 31 4.91 -31.57 -8.92
C SER A 31 4.32 -30.15 -9.00
N ALA A 32 3.44 -29.78 -8.05
CA ALA A 32 2.79 -28.47 -8.01
C ALA A 32 2.54 -27.96 -6.57
N ASN A 33 2.41 -26.64 -6.43
CA ASN A 33 2.15 -25.94 -5.16
C ASN A 33 1.46 -24.59 -5.36
N SER A 34 0.80 -24.10 -4.32
CA SER A 34 0.12 -22.79 -4.30
C SER A 34 1.04 -21.66 -3.84
N VAL A 35 1.81 -21.88 -2.76
CA VAL A 35 2.71 -20.90 -2.12
C VAL A 35 1.97 -19.59 -1.80
N GLY A 36 1.04 -19.66 -0.86
CA GLY A 36 0.12 -18.56 -0.50
C GLY A 36 -0.63 -18.79 0.81
N SER A 37 0.10 -19.06 1.90
CA SER A 37 -0.49 -19.31 3.23
C SER A 37 0.37 -18.89 4.44
N SER A 38 1.68 -18.67 4.27
CA SER A 38 2.53 -18.02 5.29
C SER A 38 2.19 -16.53 5.42
N THR A 39 2.32 -15.96 6.63
CA THR A 39 2.08 -14.52 6.90
C THR A 39 2.89 -14.06 8.12
N THR A 40 3.30 -12.80 8.17
CA THR A 40 4.27 -12.28 9.16
C THR A 40 3.77 -12.20 10.60
N ARG A 41 2.46 -12.00 10.83
CA ARG A 41 1.87 -11.49 12.08
C ARG A 41 2.33 -10.04 12.40
N PRO A 42 1.51 -9.21 13.07
CA PRO A 42 1.88 -7.84 13.40
C PRO A 42 3.00 -7.75 14.45
N LYS A 43 3.98 -6.88 14.21
CA LYS A 43 5.03 -6.46 15.18
C LYS A 43 5.38 -5.00 14.91
N SER A 44 4.93 -4.13 15.81
CA SER A 44 4.84 -2.68 15.62
C SER A 44 4.02 -2.32 14.36
N PRO A 45 2.71 -2.65 14.32
CA PRO A 45 1.87 -2.48 13.13
C PRO A 45 1.71 -1.00 12.72
N TRP A 46 1.66 -0.75 11.41
CA TRP A 46 1.70 0.58 10.80
C TRP A 46 1.08 0.63 9.40
N MET A 47 0.57 1.81 9.00
CA MET A 47 0.07 2.10 7.64
C MET A 47 -0.03 3.60 7.21
N PRO A 48 -0.16 4.62 8.10
CA PRO A 48 -0.39 6.02 7.68
C PRO A 48 0.70 6.73 6.85
N PHE A 49 1.88 6.12 6.73
CA PHE A 49 3.11 6.75 6.22
C PHE A 49 3.33 6.50 4.70
N PRO A 50 4.12 7.36 4.00
CA PRO A 50 4.36 7.26 2.56
C PRO A 50 4.99 5.96 2.02
N THR A 51 5.41 5.01 2.85
CA THR A 51 5.69 3.62 2.41
C THR A 51 4.51 2.98 1.66
N LEU A 52 3.28 3.40 1.96
CA LEU A 52 2.07 3.01 1.23
C LEU A 52 2.18 3.27 -0.29
N PHE A 53 2.69 4.43 -0.71
CA PHE A 53 2.74 4.82 -2.12
C PHE A 53 3.81 4.07 -2.92
N ALA A 54 4.98 3.84 -2.31
CA ALA A 54 6.03 3.00 -2.90
C ALA A 54 5.66 1.51 -2.94
N ALA A 55 4.57 1.11 -2.29
CA ALA A 55 4.01 -0.24 -2.32
C ALA A 55 2.77 -0.38 -3.25
N ILE A 56 2.41 0.66 -4.01
CA ILE A 56 1.39 0.64 -5.06
C ILE A 56 1.86 1.30 -6.38
N SER A 57 3.05 1.90 -6.46
CA SER A 57 3.59 2.49 -7.70
C SER A 57 3.61 1.49 -8.89
N HIS A 58 3.74 0.19 -8.60
CA HIS A 58 3.64 -0.90 -9.57
C HIS A 58 2.19 -1.29 -9.98
N LYS A 59 1.17 -0.66 -9.39
CA LYS A 59 -0.28 -0.96 -9.55
C LYS A 59 -1.11 0.25 -10.03
N VAL A 60 -0.55 1.46 -9.94
CA VAL A 60 -1.14 2.76 -10.33
C VAL A 60 -0.46 3.40 -11.54
N ALA A 61 -1.17 4.29 -12.24
CA ALA A 61 -0.58 5.16 -13.24
C ALA A 61 0.21 6.33 -12.61
N GLU A 62 1.24 6.82 -13.29
CA GLU A 62 2.18 7.83 -12.79
C GLU A 62 1.50 9.17 -12.43
N ASN A 63 0.75 9.75 -13.38
CA ASN A 63 0.00 10.99 -13.14
C ASN A 63 -1.20 10.79 -12.18
N ASP A 64 -1.70 9.56 -12.08
CA ASP A 64 -2.72 9.09 -11.15
C ASP A 64 -2.21 9.11 -9.69
N MET A 65 -1.00 8.58 -9.42
CA MET A 65 -0.40 8.70 -8.07
C MET A 65 0.15 10.08 -7.71
N LEU A 66 0.21 11.02 -8.66
CA LEU A 66 0.49 12.44 -8.38
C LEU A 66 -0.78 13.18 -7.95
N LEU A 67 -1.94 12.73 -8.46
CA LEU A 67 -3.25 13.12 -7.98
C LEU A 67 -3.41 12.61 -6.52
N ILE A 68 -3.01 11.37 -6.24
CA ILE A 68 -3.07 10.80 -4.88
C ILE A 68 -2.15 11.56 -3.91
N ASN A 69 -0.87 11.77 -4.26
CA ASN A 69 0.07 12.50 -3.40
C ASN A 69 -0.42 13.93 -3.10
N ALA A 70 -1.03 14.60 -4.07
CA ALA A 70 -1.62 15.92 -3.91
C ALA A 70 -2.81 15.95 -2.92
N ASP A 71 -3.71 14.97 -3.02
CA ASP A 71 -4.83 14.83 -2.08
C ASP A 71 -4.37 14.38 -0.67
N TYR A 72 -3.28 13.62 -0.54
CA TYR A 72 -2.64 13.29 0.74
C TYR A 72 -1.92 14.49 1.39
N GLN A 73 -1.17 15.28 0.61
CA GLN A 73 -0.47 16.47 1.09
C GLN A 73 -1.43 17.52 1.70
N GLN A 74 -2.62 17.71 1.13
CA GLN A 74 -3.62 18.64 1.67
C GLN A 74 -4.43 18.09 2.86
N LEU A 75 -4.54 16.76 3.00
CA LEU A 75 -4.93 16.09 4.28
C LEU A 75 -3.99 16.57 5.42
N ARG A 76 -2.67 16.54 5.21
CA ARG A 76 -1.64 16.98 6.19
C ARG A 76 -1.70 18.48 6.50
N ASP A 77 -2.19 19.28 5.55
CA ASP A 77 -2.40 20.73 5.66
C ASP A 77 -3.76 21.11 6.32
N LYS A 78 -4.48 20.12 6.88
CA LYS A 78 -5.81 20.24 7.50
C LYS A 78 -6.90 20.80 6.56
N LYS A 79 -6.66 20.75 5.24
CA LYS A 79 -7.61 21.14 4.18
C LYS A 79 -8.67 20.05 3.90
N MET A 80 -8.44 18.83 4.35
CA MET A 80 -9.29 17.65 4.11
C MET A 80 -9.09 16.61 5.23
N THR A 81 -10.13 15.82 5.49
CA THR A 81 -10.16 14.70 6.45
C THR A 81 -9.66 13.41 5.79
N ARG A 82 -9.09 12.49 6.59
CA ARG A 82 -8.54 11.22 6.09
C ARG A 82 -9.61 10.41 5.35
N ALA A 83 -10.81 10.28 5.92
CA ALA A 83 -11.93 9.58 5.30
C ALA A 83 -12.25 10.13 3.90
N GLU A 84 -12.31 11.44 3.73
CA GLU A 84 -12.66 12.05 2.43
C GLU A 84 -11.56 11.90 1.35
N PHE A 85 -10.28 11.81 1.73
CA PHE A 85 -9.21 11.42 0.79
C PHE A 85 -9.19 9.89 0.54
N VAL A 86 -9.46 9.05 1.53
CA VAL A 86 -9.58 7.59 1.37
C VAL A 86 -10.75 7.22 0.44
N ARG A 87 -11.83 8.00 0.44
CA ARG A 87 -12.91 7.92 -0.54
C ARG A 87 -12.42 8.14 -1.98
N LYS A 88 -11.44 9.03 -2.19
CA LYS A 88 -10.75 9.17 -3.48
C LYS A 88 -9.85 7.96 -3.79
N LEU A 89 -9.19 7.39 -2.77
CA LEU A 89 -8.20 6.33 -2.92
C LEU A 89 -8.86 5.04 -3.43
N ARG A 90 -10.03 4.66 -2.88
CA ARG A 90 -10.81 3.51 -3.33
C ARG A 90 -11.49 3.73 -4.70
N VAL A 91 -11.75 4.99 -5.07
CA VAL A 91 -12.18 5.36 -6.43
C VAL A 91 -11.04 5.22 -7.46
N ILE A 92 -9.82 5.62 -7.13
CA ILE A 92 -8.67 5.58 -8.06
C ILE A 92 -8.03 4.18 -8.18
N VAL A 93 -7.81 3.50 -7.05
CA VAL A 93 -7.00 2.25 -6.94
C VAL A 93 -7.80 1.08 -6.37
N GLY A 94 -8.72 1.36 -5.45
CA GLY A 94 -9.58 0.36 -4.81
C GLY A 94 -9.07 -0.15 -3.46
N ASP A 95 -10.04 -0.49 -2.60
CA ASP A 95 -9.82 -0.95 -1.24
C ASP A 95 -9.21 -2.36 -1.15
N ASP A 96 -9.33 -3.17 -2.21
CA ASP A 96 -8.79 -4.54 -2.31
C ASP A 96 -7.26 -4.55 -2.48
N LEU A 97 -6.71 -3.62 -3.27
CA LEU A 97 -5.28 -3.34 -3.37
C LEU A 97 -4.75 -2.70 -2.08
N LEU A 98 -5.48 -1.75 -1.48
CA LEU A 98 -5.12 -1.18 -0.19
C LEU A 98 -4.96 -2.28 0.88
N ARG A 99 -5.92 -3.21 0.95
CA ARG A 99 -5.92 -4.39 1.84
C ARG A 99 -4.67 -5.25 1.66
N SER A 100 -4.34 -5.64 0.44
CA SER A 100 -3.12 -6.40 0.12
C SER A 100 -1.84 -5.64 0.49
N THR A 101 -1.86 -4.30 0.41
CA THR A 101 -0.73 -3.49 0.88
C THR A 101 -0.59 -3.56 2.40
N ILE A 102 -1.66 -3.70 3.20
CA ILE A 102 -1.54 -3.75 4.67
C ILE A 102 -0.63 -4.89 5.12
N THR A 103 -0.88 -6.12 4.68
CA THR A 103 -0.02 -7.28 5.02
C THR A 103 1.38 -7.13 4.43
N THR A 104 1.53 -6.47 3.27
CA THR A 104 2.84 -6.12 2.69
C THR A 104 3.61 -5.13 3.58
N LEU A 105 2.96 -4.07 4.07
CA LEU A 105 3.54 -3.11 5.02
C LEU A 105 3.91 -3.80 6.35
N GLN A 106 3.18 -4.84 6.76
CA GLN A 106 3.52 -5.69 7.92
C GLN A 106 4.68 -6.68 7.68
N ASN A 107 5.34 -6.58 6.51
CA ASN A 107 6.60 -7.26 6.17
C ASN A 107 7.75 -6.27 5.86
N GLN A 108 7.45 -4.98 5.63
CA GLN A 108 8.45 -3.91 5.44
C GLN A 108 9.18 -3.58 6.76
N PRO A 109 10.48 -3.21 6.70
CA PRO A 109 11.26 -2.81 7.88
C PRO A 109 10.85 -1.43 8.41
N LYS A 110 10.50 -1.37 9.69
CA LYS A 110 10.13 -0.14 10.39
C LYS A 110 11.38 0.68 10.78
N SER A 111 11.26 2.01 10.74
CA SER A 111 12.33 2.93 11.16
C SER A 111 12.60 2.84 12.67
N LYS A 112 13.83 3.13 13.09
CA LYS A 112 14.32 2.94 14.48
C LYS A 112 15.19 4.09 15.01
N GLU A 113 15.58 5.06 14.17
CA GLU A 113 16.45 6.17 14.60
C GLU A 113 15.78 7.08 15.65
N ILE A 114 16.59 7.55 16.62
CA ILE A 114 16.17 8.32 17.81
C ILE A 114 16.96 9.63 17.92
N PRO A 115 16.35 10.74 18.41
CA PRO A 115 16.97 12.07 18.53
C PRO A 115 18.00 12.21 19.68
N GLY A 116 18.83 11.19 19.91
CA GLY A 116 19.86 11.16 20.96
C GLY A 116 19.32 10.84 22.37
N SER A 117 20.19 11.02 23.37
CA SER A 117 19.97 10.63 24.77
C SER A 117 20.78 11.50 25.73
N ILE A 118 20.34 11.58 26.99
CA ILE A 118 20.98 12.30 28.11
C ILE A 118 21.10 13.81 27.83
N ARG A 119 20.06 14.55 28.21
CA ARG A 119 19.94 16.02 28.04
C ARG A 119 19.18 16.66 29.19
N ASP A 120 19.49 17.92 29.50
CA ASP A 120 19.01 18.67 30.67
C ASP A 120 18.16 19.89 30.25
N HIS A 121 17.14 20.24 31.04
CA HIS A 121 16.30 21.44 30.90
C HIS A 121 15.61 21.75 32.26
N GLU A 122 14.95 22.90 32.42
CA GLU A 122 14.34 23.29 33.71
C GLU A 122 12.84 23.60 33.61
N GLU A 123 12.05 23.22 34.61
CA GLU A 123 10.63 23.59 34.73
C GLU A 123 10.46 25.13 34.83
N GLY A 124 9.53 25.69 34.05
CA GLY A 124 9.23 27.14 34.02
C GLY A 124 8.48 27.68 35.24
N ALA A 125 8.25 26.85 36.27
CA ALA A 125 7.72 27.26 37.55
C ALA A 125 8.75 28.08 38.36
N GLY A 126 8.31 29.15 39.03
CA GLY A 126 9.16 30.17 39.66
C GLY A 126 9.92 29.75 40.93
N GLY A 127 10.00 28.45 41.25
CA GLY A 127 10.63 27.91 42.46
C GLY A 127 12.17 27.91 42.52
N LEU A 128 12.85 28.77 41.75
CA LEU A 128 14.31 28.98 41.80
C LEU A 128 14.70 30.06 42.81
N GLY A 1 48.59 100.23 25.12
CA GLY A 1 49.57 99.16 25.31
C GLY A 1 48.94 97.80 25.09
N SER A 2 49.72 96.83 24.63
CA SER A 2 49.36 95.39 24.51
C SER A 2 47.95 95.13 23.92
N PRO A 3 47.76 95.33 22.60
CA PRO A 3 46.46 95.23 21.95
C PRO A 3 45.77 93.86 22.08
N GLU A 4 44.44 93.86 22.22
CA GLU A 4 43.62 92.64 22.25
C GLU A 4 43.60 91.93 20.88
N PHE A 5 43.59 90.59 20.86
CA PHE A 5 43.75 89.79 19.65
C PHE A 5 42.60 89.96 18.64
N MET A 6 41.37 89.59 19.00
CA MET A 6 40.15 89.70 18.16
C MET A 6 40.23 89.04 16.75
N GLY A 7 41.25 88.19 16.54
CA GLY A 7 41.55 87.51 15.28
C GLY A 7 40.79 86.20 15.07
N VAL A 8 41.35 85.30 14.24
CA VAL A 8 40.87 83.92 14.06
C VAL A 8 42.01 82.98 13.69
N THR A 9 42.14 81.86 14.41
CA THR A 9 43.27 80.90 14.32
C THR A 9 43.00 79.61 13.56
N LEU A 10 41.73 79.37 13.26
CA LEU A 10 41.19 78.23 12.50
C LEU A 10 41.35 76.83 13.17
N GLU A 11 41.65 76.78 14.46
CA GLU A 11 41.50 75.57 15.28
C GLU A 11 40.03 75.24 15.58
N GLY A 12 39.75 74.01 16.04
CA GLY A 12 38.43 73.57 16.48
C GLY A 12 38.46 72.23 17.24
N PRO A 13 37.31 71.79 17.80
CA PRO A 13 37.20 70.54 18.55
C PRO A 13 37.43 69.31 17.67
N LYS A 14 37.89 68.22 18.28
CA LYS A 14 38.19 66.93 17.64
C LYS A 14 37.43 65.81 18.36
N ASP A 15 36.99 64.83 17.59
CA ASP A 15 36.04 63.79 18.01
C ASP A 15 36.34 62.47 17.28
N LEU A 16 36.95 61.51 17.98
CA LEU A 16 37.47 60.26 17.40
C LEU A 16 36.36 59.25 17.01
N PRO A 17 36.64 58.30 16.08
CA PRO A 17 35.73 57.22 15.70
C PRO A 17 35.42 56.23 16.85
N PRO A 18 34.14 56.01 17.24
CA PRO A 18 33.74 54.95 18.17
C PRO A 18 34.11 53.55 17.64
N GLN A 19 34.50 52.63 18.52
CA GLN A 19 35.08 51.34 18.10
C GLN A 19 34.05 50.31 17.64
N LEU A 20 34.39 49.56 16.58
CA LEU A 20 33.63 48.42 16.04
C LEU A 20 34.39 47.09 16.19
N GLU A 21 33.71 45.95 16.02
CA GLU A 21 34.31 44.61 16.22
C GLU A 21 35.35 44.29 15.13
N SER A 22 34.98 44.54 13.86
CA SER A 22 35.78 44.42 12.62
C SER A 22 36.31 43.01 12.25
N ASN A 23 36.83 42.25 13.20
CA ASN A 23 37.44 40.94 12.96
C ASN A 23 36.40 39.82 12.67
N GLN A 24 35.11 40.08 12.94
CA GLN A 24 33.95 39.22 12.66
C GLN A 24 34.13 37.77 13.16
N GLY A 25 34.73 37.60 14.34
CA GLY A 25 35.03 36.30 14.96
C GLY A 25 33.79 35.56 15.46
N ALA A 26 33.98 34.29 15.85
CA ALA A 26 32.91 33.44 16.35
C ALA A 26 32.58 33.68 17.83
N ARG A 27 31.30 33.56 18.18
CA ARG A 27 30.73 33.81 19.51
C ARG A 27 29.44 32.99 19.69
N GLY A 28 29.13 32.55 20.91
CA GLY A 28 27.89 31.78 21.13
C GLY A 28 27.73 31.17 22.53
N SER A 29 26.53 30.65 22.78
CA SER A 29 26.09 29.97 23.99
C SER A 29 26.21 28.44 23.89
N GLY A 30 25.80 27.71 24.94
CA GLY A 30 25.57 26.26 24.93
C GLY A 30 24.18 25.87 24.41
N SER A 31 24.04 24.61 23.97
CA SER A 31 22.78 24.04 23.45
C SER A 31 22.86 22.51 23.39
N ALA A 32 21.78 21.80 23.76
CA ALA A 32 21.68 20.35 23.64
C ALA A 32 21.59 19.88 22.17
N ASN A 33 22.21 18.73 21.86
CA ASN A 33 22.22 18.13 20.52
C ASN A 33 22.51 16.61 20.58
N SER A 34 21.61 15.77 20.07
CA SER A 34 21.57 14.32 20.35
C SER A 34 21.01 13.45 19.20
N VAL A 35 21.10 12.12 19.33
CA VAL A 35 20.52 11.12 18.41
C VAL A 35 19.59 10.15 19.15
N GLY A 36 18.32 10.07 18.73
CA GLY A 36 17.29 9.15 19.26
C GLY A 36 16.82 8.10 18.23
N SER A 37 15.83 7.29 18.60
CA SER A 37 15.23 6.24 17.76
C SER A 37 13.76 5.91 18.13
N SER A 38 13.21 4.82 17.59
CA SER A 38 11.89 4.26 17.91
C SER A 38 11.85 3.58 19.29
N THR A 39 12.36 4.26 20.32
CA THR A 39 12.56 3.80 21.71
C THR A 39 11.26 3.64 22.51
N THR A 40 10.22 4.42 22.22
CA THR A 40 8.85 4.21 22.73
C THR A 40 8.14 3.11 21.92
N ARG A 41 7.24 2.34 22.55
CA ARG A 41 6.67 1.08 22.02
C ARG A 41 5.15 1.15 21.80
N PRO A 42 4.66 1.93 20.81
CA PRO A 42 3.24 2.20 20.62
C PRO A 42 2.40 1.04 20.06
N LYS A 43 3.03 -0.05 19.58
CA LYS A 43 2.44 -1.19 18.85
C LYS A 43 1.70 -0.84 17.54
N SER A 44 1.68 0.43 17.14
CA SER A 44 0.98 0.91 15.93
C SER A 44 1.59 0.34 14.64
N PRO A 45 0.79 0.19 13.56
CA PRO A 45 1.23 -0.38 12.29
C PRO A 45 2.04 0.60 11.43
N TRP A 46 2.62 0.07 10.35
CA TRP A 46 3.73 0.71 9.64
C TRP A 46 3.54 0.76 8.11
N MET A 47 3.86 1.91 7.50
CA MET A 47 3.86 2.09 6.04
C MET A 47 4.72 3.27 5.52
N PRO A 48 5.21 4.17 6.40
CA PRO A 48 4.35 5.13 7.12
C PRO A 48 3.55 6.04 6.16
N PHE A 49 4.09 6.30 4.96
CA PHE A 49 3.38 6.55 3.71
C PHE A 49 4.28 6.37 2.45
N PRO A 50 5.57 6.79 2.39
CA PRO A 50 6.32 6.78 1.12
C PRO A 50 6.58 5.36 0.60
N THR A 51 6.90 4.42 1.48
CA THR A 51 7.18 3.01 1.16
C THR A 51 5.94 2.32 0.57
N LEU A 52 4.74 2.66 1.05
CA LEU A 52 3.47 2.20 0.48
C LEU A 52 3.16 2.82 -0.89
N PHE A 53 3.40 4.12 -1.08
CA PHE A 53 3.22 4.75 -2.40
C PHE A 53 4.21 4.20 -3.44
N ALA A 54 5.44 3.87 -3.03
CA ALA A 54 6.40 3.16 -3.88
C ALA A 54 5.91 1.73 -4.20
N ALA A 55 5.36 1.02 -3.22
CA ALA A 55 4.83 -0.35 -3.36
C ALA A 55 3.62 -0.47 -4.33
N ILE A 56 2.86 0.61 -4.55
CA ILE A 56 1.78 0.67 -5.56
C ILE A 56 2.19 1.41 -6.85
N SER A 57 3.39 1.99 -6.93
CA SER A 57 3.87 2.70 -8.13
C SER A 57 3.91 1.83 -9.40
N HIS A 58 4.04 0.50 -9.24
CA HIS A 58 3.96 -0.48 -10.34
C HIS A 58 2.52 -0.83 -10.77
N LYS A 59 1.53 -0.44 -9.95
CA LYS A 59 0.08 -0.64 -10.16
C LYS A 59 -0.59 0.64 -10.71
N VAL A 60 -0.37 1.77 -10.04
CA VAL A 60 -1.00 3.08 -10.31
C VAL A 60 -0.24 3.87 -11.38
N ALA A 61 -0.92 4.60 -12.25
CA ALA A 61 -0.29 5.44 -13.27
C ALA A 61 0.31 6.71 -12.65
N GLU A 62 1.34 7.29 -13.27
CA GLU A 62 2.20 8.30 -12.62
C GLU A 62 1.46 9.60 -12.26
N ASN A 63 0.70 10.17 -13.21
CA ASN A 63 -0.15 11.33 -12.94
C ASN A 63 -1.30 11.00 -11.95
N ASP A 64 -1.75 9.74 -11.93
CA ASP A 64 -2.78 9.21 -11.04
C ASP A 64 -2.28 9.16 -9.58
N MET A 65 -1.14 8.54 -9.28
CA MET A 65 -0.55 8.56 -7.93
C MET A 65 -0.02 9.92 -7.48
N LEU A 66 0.25 10.86 -8.39
CA LEU A 66 0.63 12.23 -8.02
C LEU A 66 -0.58 13.03 -7.54
N LEU A 67 -1.77 12.73 -8.08
CA LEU A 67 -3.05 13.22 -7.61
C LEU A 67 -3.28 12.70 -6.17
N ILE A 68 -3.04 11.42 -5.92
CA ILE A 68 -3.19 10.82 -4.58
C ILE A 68 -2.26 11.49 -3.58
N ASN A 69 -0.96 11.61 -3.91
CA ASN A 69 0.03 12.26 -3.07
C ASN A 69 -0.43 13.67 -2.69
N ALA A 70 -0.91 14.44 -3.67
CA ALA A 70 -1.37 15.81 -3.46
C ALA A 70 -2.61 15.92 -2.55
N ASP A 71 -3.63 15.07 -2.77
CA ASP A 71 -4.83 15.03 -1.93
C ASP A 71 -4.54 14.58 -0.48
N TYR A 72 -3.65 13.60 -0.32
CA TYR A 72 -3.13 13.19 0.99
C TYR A 72 -2.32 14.29 1.69
N GLN A 73 -1.43 14.97 0.97
CA GLN A 73 -0.61 16.05 1.51
C GLN A 73 -1.40 17.31 1.87
N GLN A 74 -2.55 17.59 1.22
CA GLN A 74 -3.45 18.68 1.66
C GLN A 74 -4.40 18.29 2.81
N LEU A 75 -4.67 17.01 3.01
CA LEU A 75 -5.11 16.50 4.33
C LEU A 75 -4.06 16.89 5.40
N ARG A 76 -2.78 16.63 5.15
CA ARG A 76 -1.68 16.95 6.07
C ARG A 76 -1.43 18.47 6.23
N ASP A 77 -1.88 19.30 5.30
CA ASP A 77 -1.89 20.77 5.37
C ASP A 77 -3.16 21.34 6.06
N LYS A 78 -4.00 20.48 6.67
CA LYS A 78 -5.28 20.81 7.33
C LYS A 78 -6.33 21.46 6.40
N LYS A 79 -6.25 21.22 5.09
CA LYS A 79 -7.22 21.69 4.06
C LYS A 79 -8.43 20.75 3.92
N MET A 80 -8.25 19.46 4.19
CA MET A 80 -9.23 18.37 4.01
C MET A 80 -9.11 17.30 5.11
N THR A 81 -10.21 16.57 5.35
CA THR A 81 -10.31 15.48 6.32
C THR A 81 -9.81 14.12 5.80
N ARG A 82 -9.52 13.20 6.72
CA ARG A 82 -9.03 11.85 6.40
C ARG A 82 -9.99 11.07 5.52
N ALA A 83 -11.28 11.01 5.88
CA ALA A 83 -12.23 10.18 5.13
C ALA A 83 -12.52 10.72 3.71
N GLU A 84 -12.57 12.05 3.51
CA GLU A 84 -12.91 12.61 2.20
C GLU A 84 -11.86 12.33 1.10
N PHE A 85 -10.56 12.29 1.43
CA PHE A 85 -9.54 11.85 0.47
C PHE A 85 -9.60 10.33 0.22
N VAL A 86 -9.95 9.52 1.24
CA VAL A 86 -10.11 8.06 1.09
C VAL A 86 -11.23 7.70 0.13
N ARG A 87 -12.30 8.51 0.03
CA ARG A 87 -13.41 8.29 -0.91
C ARG A 87 -12.94 8.25 -2.37
N LYS A 88 -12.03 9.12 -2.79
CA LYS A 88 -11.41 8.99 -4.13
C LYS A 88 -10.32 7.91 -4.20
N LEU A 89 -9.61 7.63 -3.11
CA LEU A 89 -8.49 6.66 -3.10
C LEU A 89 -8.96 5.24 -3.46
N ARG A 90 -10.10 4.82 -2.90
CA ARG A 90 -10.70 3.51 -3.18
C ARG A 90 -11.34 3.39 -4.56
N VAL A 91 -11.59 4.51 -5.25
CA VAL A 91 -12.00 4.51 -6.67
C VAL A 91 -10.79 4.36 -7.58
N ILE A 92 -9.73 5.15 -7.34
CA ILE A 92 -8.49 5.15 -8.13
C ILE A 92 -7.72 3.82 -7.97
N VAL A 93 -7.56 3.33 -6.74
CA VAL A 93 -6.67 2.20 -6.40
C VAL A 93 -7.45 0.94 -6.00
N GLY A 94 -8.50 1.10 -5.19
CA GLY A 94 -9.24 0.00 -4.55
C GLY A 94 -8.71 -0.31 -3.14
N ASP A 95 -9.61 -0.33 -2.16
CA ASP A 95 -9.25 -0.49 -0.74
C ASP A 95 -8.99 -1.95 -0.31
N ASP A 96 -9.63 -2.92 -0.97
CA ASP A 96 -9.28 -4.34 -0.85
C ASP A 96 -7.94 -4.66 -1.53
N LEU A 97 -7.63 -3.99 -2.64
CA LEU A 97 -6.32 -4.06 -3.30
C LEU A 97 -5.22 -3.44 -2.42
N LEU A 98 -5.51 -2.28 -1.81
CA LEU A 98 -4.60 -1.59 -0.89
C LEU A 98 -4.31 -2.43 0.38
N ARG A 99 -5.32 -3.13 0.93
CA ARG A 99 -5.19 -4.06 2.07
C ARG A 99 -4.09 -5.09 1.84
N SER A 100 -4.03 -5.71 0.66
CA SER A 100 -3.02 -6.72 0.33
C SER A 100 -1.59 -6.16 0.41
N THR A 101 -1.38 -4.90 0.04
CA THR A 101 -0.11 -4.19 0.32
C THR A 101 0.09 -4.02 1.82
N ILE A 102 -0.88 -3.45 2.55
CA ILE A 102 -0.71 -3.10 3.97
C ILE A 102 -0.34 -4.32 4.80
N THR A 103 -1.08 -5.42 4.64
CA THR A 103 -0.83 -6.66 5.38
C THR A 103 0.52 -7.30 5.01
N THR A 104 1.02 -7.08 3.78
CA THR A 104 2.39 -7.44 3.38
C THR A 104 3.42 -6.54 4.09
N LEU A 105 3.19 -5.22 4.12
CA LEU A 105 4.03 -4.25 4.85
C LEU A 105 4.08 -4.51 6.36
N GLN A 106 3.08 -5.16 6.95
CA GLN A 106 3.09 -5.59 8.35
C GLN A 106 3.90 -6.86 8.63
N ASN A 107 4.03 -7.72 7.62
CA ASN A 107 4.75 -8.99 7.68
C ASN A 107 6.27 -8.84 7.44
N GLN A 108 6.69 -7.97 6.51
CA GLN A 108 8.09 -7.55 6.40
C GLN A 108 8.51 -6.69 7.61
N PRO A 109 9.80 -6.62 7.96
CA PRO A 109 10.31 -5.70 8.98
C PRO A 109 10.34 -4.25 8.47
N LYS A 110 10.33 -3.29 9.40
CA LYS A 110 10.33 -1.84 9.13
C LYS A 110 11.52 -1.44 8.26
N SER A 111 11.26 -0.93 7.04
CA SER A 111 12.29 -0.58 6.05
C SER A 111 13.16 0.64 6.45
N LYS A 112 12.66 1.45 7.39
CA LYS A 112 13.37 2.50 8.14
C LYS A 112 12.68 2.68 9.49
N GLU A 113 13.44 2.81 10.58
CA GLU A 113 12.87 3.02 11.93
C GLU A 113 12.25 4.41 12.14
N ILE A 114 11.20 4.45 12.97
CA ILE A 114 10.33 5.61 13.21
C ILE A 114 11.09 6.80 13.83
N PRO A 115 10.76 8.06 13.47
CA PRO A 115 11.41 9.31 13.93
C PRO A 115 11.02 9.75 15.35
N GLY A 116 10.77 8.81 16.27
CA GLY A 116 10.43 9.05 17.67
C GLY A 116 8.95 9.37 17.98
N SER A 117 8.10 9.56 16.97
CA SER A 117 6.67 9.90 17.10
C SER A 117 5.82 8.77 17.71
N ILE A 118 4.57 9.11 18.09
CA ILE A 118 3.45 8.25 18.53
C ILE A 118 3.67 7.48 19.85
N ARG A 119 2.66 7.53 20.73
CA ARG A 119 2.67 6.92 22.08
C ARG A 119 1.79 5.67 22.21
N ASP A 120 2.16 4.79 23.14
CA ASP A 120 1.25 3.81 23.73
C ASP A 120 0.27 4.48 24.71
N HIS A 121 -0.84 3.84 25.05
CA HIS A 121 -1.90 4.41 25.91
C HIS A 121 -2.62 3.35 26.76
N GLU A 122 -2.91 2.19 26.17
CA GLU A 122 -3.50 1.05 26.87
C GLU A 122 -2.50 0.42 27.86
N GLU A 123 -2.97 -0.05 29.01
CA GLU A 123 -2.14 -0.30 30.20
C GLU A 123 -1.06 -1.40 30.05
N GLY A 124 0.04 -1.24 30.81
CA GLY A 124 1.19 -2.15 30.84
C GLY A 124 0.91 -3.44 31.62
N ALA A 125 0.67 -4.53 30.92
CA ALA A 125 0.38 -5.85 31.48
C ALA A 125 1.64 -6.55 32.06
N GLY A 126 1.46 -7.41 33.07
CA GLY A 126 2.56 -8.13 33.74
C GLY A 126 3.18 -9.30 32.96
N GLY A 127 2.62 -9.69 31.80
CA GLY A 127 3.13 -10.76 30.93
C GLY A 127 4.40 -10.41 30.14
N LEU A 128 5.49 -10.04 30.82
CA LEU A 128 6.79 -9.67 30.27
C LEU A 128 7.53 -10.83 29.60
N GLY A 1 70.13 -0.31 64.70
CA GLY A 1 71.13 -1.06 63.93
C GLY A 1 70.55 -2.34 63.38
N SER A 2 70.33 -3.34 64.24
CA SER A 2 69.63 -4.62 63.93
C SER A 2 70.11 -5.30 62.63
N PRO A 3 71.38 -5.76 62.54
CA PRO A 3 72.03 -6.14 61.29
C PRO A 3 71.28 -7.15 60.42
N GLU A 4 71.28 -6.94 59.10
CA GLU A 4 70.67 -7.82 58.11
C GLU A 4 71.71 -8.67 57.32
N PHE A 5 72.97 -8.73 57.79
CA PHE A 5 74.09 -9.39 57.09
C PHE A 5 73.87 -10.88 56.82
N MET A 6 74.31 -11.34 55.64
CA MET A 6 74.21 -12.74 55.15
C MET A 6 75.22 -13.06 54.02
N GLY A 7 76.37 -12.37 53.98
CA GLY A 7 77.32 -12.44 52.86
C GLY A 7 76.96 -11.54 51.69
N VAL A 8 77.91 -11.33 50.77
CA VAL A 8 77.79 -10.36 49.67
C VAL A 8 76.61 -10.66 48.72
N THR A 9 76.05 -9.62 48.12
CA THR A 9 74.92 -9.64 47.17
C THR A 9 75.00 -8.39 46.28
N LEU A 10 74.65 -8.50 44.99
CA LEU A 10 74.80 -7.42 43.99
C LEU A 10 73.51 -7.10 43.22
N GLU A 11 73.38 -5.85 42.80
CA GLU A 11 72.19 -5.31 42.12
C GLU A 11 72.04 -5.81 40.66
N GLY A 12 70.81 -5.75 40.16
CA GLY A 12 70.41 -6.18 38.81
C GLY A 12 68.94 -5.84 38.49
N PRO A 13 68.44 -6.17 37.29
CA PRO A 13 67.09 -5.86 36.86
C PRO A 13 66.04 -6.72 37.59
N LYS A 14 65.14 -6.10 38.35
CA LYS A 14 64.08 -6.77 39.13
C LYS A 14 62.67 -6.17 38.98
N ASP A 15 62.58 -4.94 38.49
CA ASP A 15 61.36 -4.28 38.01
C ASP A 15 61.24 -4.39 36.47
N LEU A 16 60.64 -5.49 36.02
CA LEU A 16 60.51 -5.84 34.60
C LEU A 16 59.42 -5.00 33.92
N PRO A 17 59.59 -4.64 32.62
CA PRO A 17 58.63 -3.84 31.89
C PRO A 17 57.36 -4.63 31.50
N PRO A 18 56.14 -4.13 31.79
CA PRO A 18 54.90 -4.76 31.33
C PRO A 18 54.61 -4.50 29.84
N GLN A 19 53.87 -5.42 29.23
CA GLN A 19 53.41 -5.40 27.82
C GLN A 19 52.51 -4.19 27.48
N LEU A 20 52.35 -3.88 26.19
CA LEU A 20 51.57 -2.72 25.71
C LEU A 20 50.07 -3.00 25.51
N GLU A 21 49.72 -4.28 25.32
CA GLU A 21 48.34 -4.78 25.23
C GLU A 21 48.25 -6.29 25.54
N SER A 22 47.03 -6.82 25.69
CA SER A 22 46.72 -8.22 25.98
C SER A 22 45.72 -8.78 24.96
N ASN A 23 46.15 -8.84 23.69
CA ASN A 23 45.28 -9.11 22.53
C ASN A 23 44.65 -10.51 22.55
N GLN A 24 43.35 -10.56 22.23
CA GLN A 24 42.59 -11.80 22.01
C GLN A 24 43.05 -12.57 20.74
N GLY A 25 43.46 -11.86 19.68
CA GLY A 25 43.73 -12.45 18.36
C GLY A 25 42.46 -12.95 17.64
N ALA A 26 42.54 -13.13 16.32
CA ALA A 26 41.39 -13.41 15.45
C ALA A 26 41.62 -14.60 14.49
N ARG A 27 40.57 -15.38 14.21
CA ARG A 27 40.53 -16.47 13.22
C ARG A 27 39.09 -16.88 12.89
N GLY A 28 38.83 -17.18 11.63
CA GLY A 28 37.54 -17.69 11.16
C GLY A 28 36.98 -17.05 9.87
N SER A 29 37.62 -16.00 9.34
CA SER A 29 37.10 -15.22 8.19
C SER A 29 37.18 -15.91 6.82
N GLY A 30 37.70 -17.15 6.75
CA GLY A 30 37.59 -18.05 5.60
C GLY A 30 36.67 -19.27 5.83
N SER A 31 36.17 -19.48 7.05
CA SER A 31 35.19 -20.52 7.39
C SER A 31 33.80 -20.17 6.85
N ALA A 32 33.05 -21.16 6.32
CA ALA A 32 31.73 -20.97 5.73
C ALA A 32 30.61 -20.72 6.76
N ASN A 33 29.51 -20.15 6.30
CA ASN A 33 28.25 -19.93 7.03
C ASN A 33 27.04 -20.35 6.18
N SER A 34 25.88 -20.55 6.81
CA SER A 34 24.65 -20.98 6.11
C SER A 34 24.05 -19.91 5.20
N VAL A 35 24.18 -18.63 5.58
CA VAL A 35 23.67 -17.44 4.85
C VAL A 35 22.20 -17.61 4.44
N GLY A 36 21.37 -17.98 5.43
CA GLY A 36 19.92 -18.09 5.33
C GLY A 36 19.22 -16.75 5.59
N SER A 37 17.96 -16.82 6.05
CA SER A 37 17.15 -15.65 6.47
C SER A 37 16.08 -16.03 7.50
N SER A 38 15.64 -15.08 8.33
CA SER A 38 14.49 -15.25 9.23
C SER A 38 13.19 -15.42 8.43
N THR A 39 12.53 -16.56 8.62
CA THR A 39 11.26 -16.94 7.98
C THR A 39 10.06 -16.14 8.48
N THR A 40 10.09 -15.67 9.73
CA THR A 40 8.98 -14.97 10.42
C THR A 40 8.50 -13.70 9.69
N ARG A 41 7.18 -13.47 9.69
CA ARG A 41 6.51 -12.32 9.06
C ARG A 41 5.37 -11.78 9.95
N PRO A 42 5.69 -11.09 11.06
CA PRO A 42 4.70 -10.69 12.08
C PRO A 42 3.63 -9.72 11.56
N LYS A 43 2.43 -9.76 12.16
CA LYS A 43 1.27 -8.90 11.84
C LYS A 43 1.39 -7.50 12.49
N SER A 44 2.56 -6.88 12.36
CA SER A 44 2.94 -5.64 13.07
C SER A 44 1.98 -4.47 12.78
N PRO A 45 1.67 -3.58 13.76
CA PRO A 45 0.78 -2.44 13.57
C PRO A 45 1.38 -1.40 12.61
N TRP A 46 0.51 -0.69 11.87
CA TRP A 46 0.87 0.02 10.65
C TRP A 46 1.91 1.13 10.86
N MET A 47 2.96 1.07 10.04
CA MET A 47 4.30 1.64 10.20
C MET A 47 4.43 3.19 10.09
N PRO A 48 5.62 3.77 10.33
CA PRO A 48 5.95 5.16 10.00
C PRO A 48 6.05 5.40 8.48
N PHE A 49 5.94 6.67 8.07
CA PHE A 49 5.95 7.18 6.69
C PHE A 49 4.73 6.75 5.83
N PRO A 50 4.41 7.44 4.71
CA PRO A 50 3.35 7.04 3.78
C PRO A 50 3.82 5.93 2.82
N THR A 51 4.19 4.76 3.38
CA THR A 51 4.77 3.62 2.65
C THR A 51 3.84 2.99 1.62
N LEU A 52 2.52 3.09 1.81
CA LEU A 52 1.51 2.56 0.89
C LEU A 52 1.63 3.16 -0.52
N PHE A 53 1.87 4.47 -0.64
CA PHE A 53 2.02 5.13 -1.94
C PHE A 53 3.27 4.63 -2.69
N ALA A 54 4.35 4.33 -1.95
CA ALA A 54 5.55 3.72 -2.53
C ALA A 54 5.29 2.27 -2.99
N ALA A 55 4.60 1.47 -2.18
CA ALA A 55 4.28 0.08 -2.49
C ALA A 55 3.34 -0.07 -3.71
N ILE A 56 2.38 0.83 -3.88
CA ILE A 56 1.44 0.82 -5.02
C ILE A 56 1.91 1.66 -6.21
N SER A 57 3.05 2.37 -6.13
CA SER A 57 3.59 3.16 -7.24
C SER A 57 3.80 2.32 -8.52
N HIS A 58 4.12 1.03 -8.37
CA HIS A 58 4.30 0.07 -9.46
C HIS A 58 2.98 -0.55 -10.00
N LYS A 59 1.83 -0.03 -9.53
CA LYS A 59 0.47 -0.57 -9.75
C LYS A 59 -0.49 0.53 -10.22
N VAL A 60 -0.51 1.65 -9.50
CA VAL A 60 -1.26 2.89 -9.81
C VAL A 60 -0.56 3.68 -10.91
N ALA A 61 -1.32 4.38 -11.77
CA ALA A 61 -0.75 5.13 -12.88
C ALA A 61 0.04 6.37 -12.41
N GLU A 62 1.01 6.82 -13.21
CA GLU A 62 2.03 7.80 -12.82
C GLU A 62 1.47 9.15 -12.35
N ASN A 63 0.50 9.70 -13.09
CA ASN A 63 -0.20 10.93 -12.72
C ASN A 63 -1.23 10.67 -11.60
N ASP A 64 -1.78 9.46 -11.53
CA ASP A 64 -2.85 9.06 -10.60
C ASP A 64 -2.34 9.02 -9.15
N MET A 65 -1.23 8.32 -8.88
CA MET A 65 -0.59 8.34 -7.56
C MET A 65 -0.01 9.73 -7.18
N LEU A 66 0.26 10.59 -8.16
CA LEU A 66 0.79 11.93 -7.97
C LEU A 66 -0.32 12.92 -7.56
N LEU A 67 -1.57 12.62 -7.96
CA LEU A 67 -2.82 13.16 -7.46
C LEU A 67 -3.05 12.69 -6.01
N ILE A 68 -2.88 11.40 -5.71
CA ILE A 68 -3.07 10.88 -4.36
C ILE A 68 -2.11 11.53 -3.34
N ASN A 69 -0.82 11.68 -3.69
CA ASN A 69 0.14 12.35 -2.82
C ASN A 69 -0.22 13.82 -2.56
N ALA A 70 -0.86 14.49 -3.53
CA ALA A 70 -1.36 15.85 -3.40
C ALA A 70 -2.61 15.95 -2.52
N ASP A 71 -3.56 15.03 -2.71
CA ASP A 71 -4.75 14.88 -1.87
C ASP A 71 -4.38 14.66 -0.40
N TYR A 72 -3.44 13.76 -0.15
CA TYR A 72 -2.92 13.48 1.18
C TYR A 72 -2.19 14.69 1.78
N GLN A 73 -1.28 15.34 1.03
CA GLN A 73 -0.60 16.56 1.48
C GLN A 73 -1.54 17.75 1.77
N GLN A 74 -2.62 17.95 1.01
CA GLN A 74 -3.58 19.02 1.33
C GLN A 74 -4.48 18.64 2.52
N LEU A 75 -4.74 17.34 2.76
CA LEU A 75 -5.29 16.80 4.00
C LEU A 75 -4.33 17.12 5.17
N ARG A 76 -3.01 16.90 5.02
CA ARG A 76 -2.01 17.29 6.04
C ARG A 76 -2.09 18.77 6.37
N ASP A 77 -2.19 19.63 5.35
CA ASP A 77 -2.36 21.08 5.47
C ASP A 77 -3.77 21.51 5.91
N LYS A 78 -4.64 20.57 6.29
CA LYS A 78 -6.01 20.78 6.80
C LYS A 78 -6.96 21.46 5.79
N LYS A 79 -6.62 21.38 4.50
CA LYS A 79 -7.38 21.85 3.31
C LYS A 79 -8.36 20.83 2.73
N MET A 80 -8.28 19.56 3.15
CA MET A 80 -9.24 18.50 2.83
C MET A 80 -9.46 17.64 4.08
N THR A 81 -10.66 17.10 4.23
CA THR A 81 -10.97 16.12 5.28
C THR A 81 -10.42 14.75 4.88
N ARG A 82 -10.05 13.91 5.87
CA ARG A 82 -9.50 12.57 5.62
C ARG A 82 -10.43 11.79 4.69
N ALA A 83 -11.71 11.71 5.03
CA ALA A 83 -12.66 10.89 4.30
C ALA A 83 -12.82 11.30 2.83
N GLU A 84 -12.81 12.60 2.49
CA GLU A 84 -12.91 13.03 1.10
C GLU A 84 -11.67 12.67 0.26
N PHE A 85 -10.47 12.67 0.86
CA PHE A 85 -9.26 12.12 0.24
C PHE A 85 -9.35 10.59 0.09
N VAL A 86 -9.86 9.88 1.11
CA VAL A 86 -10.03 8.42 1.12
C VAL A 86 -11.07 7.94 0.09
N ARG A 87 -12.16 8.70 -0.15
CA ARG A 87 -13.12 8.41 -1.21
C ARG A 87 -12.45 8.41 -2.59
N LYS A 88 -11.61 9.41 -2.87
CA LYS A 88 -10.79 9.44 -4.10
C LYS A 88 -9.78 8.29 -4.13
N LEU A 89 -9.22 7.89 -2.99
CA LEU A 89 -8.22 6.82 -2.91
C LEU A 89 -8.83 5.45 -3.26
N ARG A 90 -10.02 5.14 -2.72
CA ARG A 90 -10.69 3.84 -2.92
C ARG A 90 -11.34 3.68 -4.29
N VAL A 91 -11.74 4.77 -4.96
CA VAL A 91 -12.18 4.73 -6.37
C VAL A 91 -10.99 4.56 -7.35
N ILE A 92 -9.81 5.09 -7.03
CA ILE A 92 -8.59 4.90 -7.81
C ILE A 92 -8.00 3.49 -7.64
N VAL A 93 -7.68 3.10 -6.41
CA VAL A 93 -6.82 1.94 -6.10
C VAL A 93 -7.62 0.67 -5.80
N GLY A 94 -8.73 0.82 -5.08
CA GLY A 94 -9.47 -0.26 -4.42
C GLY A 94 -8.96 -0.53 -3.00
N ASP A 95 -9.88 -0.58 -2.04
CA ASP A 95 -9.55 -0.76 -0.62
C ASP A 95 -9.19 -2.22 -0.25
N ASP A 96 -9.65 -3.18 -1.05
CA ASP A 96 -9.22 -4.59 -1.09
C ASP A 96 -7.74 -4.72 -1.51
N LEU A 97 -7.28 -3.89 -2.45
CA LEU A 97 -5.88 -3.85 -2.87
C LEU A 97 -4.99 -3.31 -1.75
N LEU A 98 -5.38 -2.20 -1.11
CA LEU A 98 -4.65 -1.60 0.02
C LEU A 98 -4.59 -2.52 1.27
N ARG A 99 -5.66 -3.28 1.52
CA ARG A 99 -5.74 -4.39 2.48
C ARG A 99 -4.78 -5.53 2.12
N SER A 100 -4.70 -5.87 0.83
CA SER A 100 -3.76 -6.85 0.28
C SER A 100 -2.30 -6.38 0.34
N THR A 101 -2.01 -5.07 0.33
CA THR A 101 -0.62 -4.56 0.45
C THR A 101 0.03 -4.88 1.79
N ILE A 102 -0.74 -5.03 2.88
CA ILE A 102 -0.20 -5.14 4.26
C ILE A 102 0.71 -6.36 4.41
N THR A 103 0.30 -7.51 3.88
CA THR A 103 1.16 -8.71 3.89
C THR A 103 2.48 -8.48 3.13
N THR A 104 2.48 -7.64 2.09
CA THR A 104 3.70 -7.18 1.40
C THR A 104 4.51 -6.17 2.22
N LEU A 105 3.86 -5.22 2.91
CA LEU A 105 4.49 -4.25 3.80
C LEU A 105 5.33 -4.93 4.89
N GLN A 106 4.90 -6.11 5.36
CA GLN A 106 5.65 -6.94 6.32
C GLN A 106 6.64 -7.95 5.71
N ASN A 107 6.81 -7.96 4.38
CA ASN A 107 7.80 -8.76 3.66
C ASN A 107 8.84 -7.91 2.88
N GLN A 108 8.53 -6.63 2.65
CA GLN A 108 9.49 -5.55 2.42
C GLN A 108 10.51 -5.46 3.58
N PRO A 109 11.69 -4.83 3.38
CA PRO A 109 12.75 -4.79 4.37
C PRO A 109 12.37 -4.00 5.64
N LYS A 110 13.19 -4.16 6.70
CA LYS A 110 12.96 -3.68 8.09
C LYS A 110 11.70 -4.25 8.79
N SER A 111 11.16 -5.37 8.30
CA SER A 111 10.08 -6.08 9.02
C SER A 111 10.63 -6.74 10.28
N LYS A 112 9.86 -6.72 11.36
CA LYS A 112 10.25 -7.22 12.68
C LYS A 112 10.37 -8.77 12.68
N GLU A 113 11.06 -9.31 13.68
CA GLU A 113 10.91 -10.72 14.07
C GLU A 113 9.86 -10.87 15.18
N ILE A 114 9.34 -12.07 15.45
CA ILE A 114 8.68 -12.30 16.75
C ILE A 114 9.72 -12.17 17.88
N PRO A 115 9.43 -11.39 18.93
CA PRO A 115 10.43 -11.01 19.94
C PRO A 115 10.96 -12.20 20.75
N GLY A 116 10.17 -13.27 20.89
CA GLY A 116 10.45 -14.43 21.73
C GLY A 116 9.69 -14.39 23.06
N SER A 117 8.41 -14.02 23.01
CA SER A 117 7.48 -13.88 24.14
C SER A 117 7.27 -15.18 24.92
N ILE A 118 7.08 -16.28 24.20
CA ILE A 118 6.89 -17.62 24.76
C ILE A 118 8.23 -18.35 24.81
N ARG A 119 8.67 -18.75 26.01
CA ARG A 119 9.88 -19.56 26.19
C ARG A 119 9.54 -21.05 26.27
N ASP A 120 10.36 -21.91 25.68
CA ASP A 120 10.03 -23.32 25.43
C ASP A 120 11.25 -24.24 25.64
N HIS A 121 11.06 -25.55 25.56
CA HIS A 121 12.09 -26.59 25.65
C HIS A 121 11.78 -27.75 24.68
N GLU A 122 12.80 -28.25 23.99
CA GLU A 122 12.67 -29.07 22.77
C GLU A 122 12.61 -30.59 23.02
N GLU A 123 12.01 -31.33 22.09
CA GLU A 123 11.97 -32.81 22.00
C GLU A 123 11.33 -33.54 23.22
N GLY A 124 10.46 -32.83 23.96
CA GLY A 124 9.78 -33.34 25.18
C GLY A 124 8.49 -34.12 24.93
N ALA A 125 7.89 -34.01 23.73
CA ALA A 125 6.64 -34.69 23.35
C ALA A 125 6.65 -35.16 21.89
N GLY A 126 5.84 -36.18 21.59
CA GLY A 126 5.73 -36.81 20.26
C GLY A 126 6.72 -37.95 20.02
N GLY A 127 6.98 -38.25 18.74
CA GLY A 127 7.92 -39.26 18.24
C GLY A 127 7.49 -40.72 18.38
N LEU A 128 6.51 -41.01 19.23
CA LEU A 128 5.93 -42.34 19.52
C LEU A 128 5.00 -42.88 18.42
N GLY A 1 0.15 -73.70 -60.54
CA GLY A 1 1.18 -72.65 -60.50
C GLY A 1 1.98 -72.75 -59.21
N SER A 2 3.30 -72.88 -59.30
CA SER A 2 4.22 -72.99 -58.16
C SER A 2 4.86 -71.63 -57.79
N PRO A 3 5.31 -71.41 -56.54
CA PRO A 3 6.11 -70.23 -56.21
C PRO A 3 7.48 -70.21 -56.91
N GLU A 4 8.16 -71.36 -56.96
CA GLU A 4 9.55 -71.51 -57.45
C GLU A 4 10.54 -70.53 -56.77
N PHE A 5 10.54 -70.49 -55.43
CA PHE A 5 11.37 -69.58 -54.62
C PHE A 5 12.88 -69.71 -54.92
N MET A 6 13.63 -68.62 -54.68
CA MET A 6 15.10 -68.66 -54.64
C MET A 6 15.60 -69.51 -53.46
N GLY A 7 16.47 -70.47 -53.73
CA GLY A 7 16.84 -71.55 -52.79
C GLY A 7 17.60 -71.09 -51.55
N VAL A 8 18.60 -70.21 -51.71
CA VAL A 8 19.45 -69.73 -50.61
C VAL A 8 18.66 -69.01 -49.51
N THR A 9 18.92 -69.36 -48.24
CA THR A 9 18.24 -68.79 -47.07
C THR A 9 18.83 -67.43 -46.66
N LEU A 10 17.95 -66.47 -46.38
CA LEU A 10 18.30 -65.12 -45.92
C LEU A 10 18.41 -65.06 -44.38
N GLU A 11 19.41 -64.35 -43.87
CA GLU A 11 19.72 -64.22 -42.44
C GLU A 11 20.13 -62.79 -42.04
N GLY A 12 20.10 -62.52 -40.72
CA GLY A 12 20.80 -61.41 -40.08
C GLY A 12 21.87 -61.89 -39.08
N PRO A 13 22.65 -60.98 -38.48
CA PRO A 13 23.68 -61.31 -37.49
C PRO A 13 23.06 -61.87 -36.21
N LYS A 14 23.56 -63.03 -35.73
CA LYS A 14 23.05 -63.69 -34.51
C LYS A 14 23.77 -63.26 -33.24
N ASP A 15 25.07 -63.07 -33.38
CA ASP A 15 26.06 -62.65 -32.38
C ASP A 15 26.19 -61.12 -32.29
N LEU A 16 25.05 -60.43 -32.21
CA LEU A 16 24.94 -58.97 -32.09
C LEU A 16 24.66 -58.50 -30.63
N PRO A 17 24.96 -57.24 -30.28
CA PRO A 17 24.85 -56.73 -28.90
C PRO A 17 23.44 -56.23 -28.52
N PRO A 18 22.99 -56.40 -27.25
CA PRO A 18 21.81 -55.75 -26.68
C PRO A 18 22.09 -54.32 -26.16
N GLN A 19 21.06 -53.65 -25.64
CA GLN A 19 21.17 -52.35 -24.95
C GLN A 19 21.98 -52.43 -23.63
N LEU A 20 22.34 -51.26 -23.08
CA LEU A 20 22.95 -51.10 -21.76
C LEU A 20 22.56 -49.76 -21.07
N GLU A 21 22.56 -49.79 -19.74
CA GLU A 21 22.53 -48.61 -18.86
C GLU A 21 23.02 -48.99 -17.44
N SER A 22 22.52 -50.12 -16.94
CA SER A 22 23.29 -51.08 -16.12
C SER A 22 23.88 -50.58 -14.79
N ASN A 23 23.25 -49.63 -14.09
CA ASN A 23 23.78 -49.02 -12.85
C ASN A 23 22.83 -48.98 -11.64
N GLN A 24 21.51 -49.14 -11.82
CA GLN A 24 20.47 -49.13 -10.77
C GLN A 24 20.40 -47.85 -9.91
N GLY A 25 21.10 -46.78 -10.30
CA GLY A 25 21.13 -45.51 -9.57
C GLY A 25 19.90 -44.63 -9.78
N ALA A 26 19.98 -43.42 -9.25
CA ALA A 26 18.97 -42.36 -9.34
C ALA A 26 19.62 -40.96 -9.31
N ARG A 27 18.81 -39.91 -9.12
CA ARG A 27 19.22 -38.48 -9.17
C ARG A 27 18.71 -37.63 -8.00
N GLY A 28 17.57 -37.99 -7.40
CA GLY A 28 17.04 -37.39 -6.17
C GLY A 28 16.14 -36.16 -6.34
N SER A 29 15.42 -35.80 -5.26
CA SER A 29 14.40 -34.75 -5.23
C SER A 29 14.10 -34.27 -3.78
N GLY A 30 13.30 -33.21 -3.63
CA GLY A 30 12.89 -32.62 -2.35
C GLY A 30 13.91 -31.64 -1.74
N SER A 31 13.42 -30.62 -1.03
CA SER A 31 14.24 -29.58 -0.37
C SER A 31 13.43 -28.84 0.72
N ALA A 32 14.06 -27.91 1.45
CA ALA A 32 13.50 -27.33 2.68
C ALA A 32 12.25 -26.44 2.47
N ASN A 33 11.37 -26.43 3.48
CA ASN A 33 10.22 -25.54 3.63
C ASN A 33 9.92 -25.31 5.13
N SER A 34 9.53 -24.09 5.52
CA SER A 34 9.13 -23.74 6.90
C SER A 34 8.31 -22.44 6.91
N VAL A 35 7.31 -22.36 7.77
CA VAL A 35 6.50 -21.13 7.96
C VAL A 35 7.29 -20.11 8.80
N GLY A 36 7.38 -18.87 8.34
CA GLY A 36 8.19 -17.81 8.95
C GLY A 36 7.48 -16.94 10.01
N SER A 37 6.36 -17.40 10.58
CA SER A 37 5.50 -16.63 11.49
C SER A 37 5.87 -16.79 12.97
N SER A 38 5.70 -15.72 13.76
CA SER A 38 5.68 -15.77 15.24
C SER A 38 4.94 -14.57 15.85
N THR A 39 4.64 -14.62 17.15
CA THR A 39 3.94 -13.58 17.93
C THR A 39 4.48 -13.52 19.37
N THR A 40 5.82 -13.57 19.54
CA THR A 40 6.46 -13.71 20.86
C THR A 40 6.55 -12.41 21.67
N ARG A 41 6.71 -11.23 21.02
CA ARG A 41 6.69 -9.89 21.65
C ARG A 41 6.09 -8.85 20.67
N PRO A 42 4.79 -8.95 20.33
CA PRO A 42 4.20 -8.21 19.21
C PRO A 42 4.12 -6.68 19.44
N LYS A 43 3.89 -5.96 18.35
CA LYS A 43 3.68 -4.49 18.27
C LYS A 43 2.41 -4.16 17.52
N SER A 44 1.86 -2.95 17.73
CA SER A 44 0.86 -2.38 16.83
C SER A 44 1.43 -2.18 15.41
N PRO A 45 0.65 -2.43 14.34
CA PRO A 45 1.14 -2.48 12.97
C PRO A 45 1.34 -1.10 12.31
N TRP A 46 1.80 -1.12 11.05
CA TRP A 46 2.56 -0.03 10.44
C TRP A 46 2.06 0.32 9.03
N MET A 47 1.53 1.54 8.83
CA MET A 47 0.89 2.00 7.57
C MET A 47 1.21 3.46 7.16
N PRO A 48 2.47 3.92 7.11
CA PRO A 48 2.82 5.26 6.64
C PRO A 48 2.50 5.46 5.14
N PHE A 49 1.71 6.49 4.83
CA PHE A 49 1.10 6.65 3.50
C PHE A 49 2.09 6.87 2.33
N PRO A 50 3.14 7.72 2.45
CA PRO A 50 4.14 7.87 1.38
C PRO A 50 4.84 6.56 0.98
N THR A 51 5.02 5.64 1.93
CA THR A 51 5.57 4.29 1.69
C THR A 51 4.52 3.34 1.10
N LEU A 52 3.24 3.45 1.49
CA LEU A 52 2.13 2.78 0.80
C LEU A 52 2.08 3.20 -0.68
N PHE A 53 2.23 4.48 -0.99
CA PHE A 53 2.26 4.97 -2.38
C PHE A 53 3.41 4.34 -3.20
N ALA A 54 4.58 4.11 -2.59
CA ALA A 54 5.71 3.41 -3.20
C ALA A 54 5.45 1.89 -3.43
N ALA A 55 4.44 1.32 -2.78
CA ALA A 55 4.02 -0.09 -2.86
C ALA A 55 2.77 -0.33 -3.74
N ILE A 56 2.15 0.71 -4.30
CA ILE A 56 1.09 0.66 -5.31
C ILE A 56 1.51 1.33 -6.63
N SER A 57 2.69 1.93 -6.72
CA SER A 57 3.19 2.59 -7.94
C SER A 57 3.18 1.66 -9.17
N HIS A 58 3.42 0.36 -8.97
CA HIS A 58 3.25 -0.68 -10.00
C HIS A 58 1.79 -0.87 -10.47
N LYS A 59 0.78 -0.52 -9.64
CA LYS A 59 -0.66 -0.58 -9.92
C LYS A 59 -1.23 0.70 -10.57
N VAL A 60 -0.93 1.86 -9.97
CA VAL A 60 -1.56 3.15 -10.28
C VAL A 60 -0.65 4.04 -11.17
N ALA A 61 -1.26 4.78 -12.10
CA ALA A 61 -0.52 5.54 -13.11
C ALA A 61 0.26 6.76 -12.57
N GLU A 62 1.26 7.25 -13.31
CA GLU A 62 2.22 8.26 -12.85
C GLU A 62 1.53 9.58 -12.42
N ASN A 63 0.70 10.14 -13.30
CA ASN A 63 -0.11 11.35 -13.05
C ASN A 63 -1.34 11.08 -12.15
N ASP A 64 -1.68 9.82 -11.93
CA ASP A 64 -2.78 9.34 -11.09
C ASP A 64 -2.34 9.29 -9.62
N MET A 65 -1.24 8.61 -9.33
CA MET A 65 -0.66 8.50 -7.98
C MET A 65 -0.02 9.81 -7.49
N LEU A 66 0.27 10.73 -8.41
CA LEU A 66 0.82 12.06 -8.14
C LEU A 66 -0.29 13.00 -7.62
N LEU A 67 -1.50 12.83 -8.15
CA LEU A 67 -2.76 13.38 -7.68
C LEU A 67 -3.07 12.83 -6.27
N ILE A 68 -2.84 11.54 -6.01
CA ILE A 68 -3.04 10.98 -4.66
C ILE A 68 -2.07 11.59 -3.63
N ASN A 69 -0.79 11.74 -3.98
CA ASN A 69 0.20 12.41 -3.11
C ASN A 69 -0.19 13.87 -2.81
N ALA A 70 -0.74 14.57 -3.79
CA ALA A 70 -1.30 15.91 -3.63
C ALA A 70 -2.57 15.96 -2.76
N ASP A 71 -3.46 14.96 -2.88
CA ASP A 71 -4.64 14.81 -2.04
C ASP A 71 -4.25 14.56 -0.57
N TYR A 72 -3.21 13.75 -0.35
CA TYR A 72 -2.63 13.48 0.97
C TYR A 72 -2.04 14.76 1.60
N GLN A 73 -1.28 15.56 0.85
CA GLN A 73 -0.71 16.82 1.36
C GLN A 73 -1.78 17.88 1.76
N GLN A 74 -2.93 17.93 1.08
CA GLN A 74 -4.02 18.86 1.44
C GLN A 74 -4.90 18.35 2.60
N LEU A 75 -4.97 17.03 2.84
CA LEU A 75 -5.38 16.46 4.14
C LEU A 75 -4.50 17.02 5.27
N ARG A 76 -3.18 17.02 5.08
CA ARG A 76 -2.21 17.53 6.08
C ARG A 76 -2.36 19.05 6.30
N ASP A 77 -2.66 19.81 5.25
CA ASP A 77 -2.99 21.24 5.30
C ASP A 77 -4.44 21.55 5.75
N LYS A 78 -5.12 20.54 6.33
CA LYS A 78 -6.51 20.57 6.83
C LYS A 78 -7.62 20.89 5.82
N LYS A 79 -7.32 20.89 4.52
CA LYS A 79 -8.30 21.14 3.43
C LYS A 79 -9.29 19.98 3.22
N MET A 80 -8.99 18.80 3.77
CA MET A 80 -9.75 17.56 3.62
C MET A 80 -9.56 16.65 4.85
N THR A 81 -10.51 15.74 5.10
CA THR A 81 -10.44 14.69 6.12
C THR A 81 -9.74 13.44 5.58
N ARG A 82 -9.25 12.57 6.47
CA ARG A 82 -8.63 11.29 6.07
C ARG A 82 -9.60 10.47 5.22
N ALA A 83 -10.82 10.29 5.72
CA ALA A 83 -11.81 9.46 5.08
C ALA A 83 -12.19 9.94 3.67
N GLU A 84 -12.27 11.26 3.44
CA GLU A 84 -12.61 11.82 2.12
C GLU A 84 -11.46 11.70 1.11
N PHE A 85 -10.20 11.86 1.51
CA PHE A 85 -9.07 11.57 0.59
C PHE A 85 -8.96 10.06 0.31
N VAL A 86 -9.26 9.21 1.29
CA VAL A 86 -9.35 7.74 1.10
C VAL A 86 -10.51 7.36 0.17
N ARG A 87 -11.65 8.06 0.23
CA ARG A 87 -12.77 7.89 -0.72
C ARG A 87 -12.39 8.23 -2.17
N LYS A 88 -11.54 9.23 -2.37
CA LYS A 88 -10.90 9.50 -3.67
C LYS A 88 -9.85 8.45 -4.05
N LEU A 89 -9.11 7.92 -3.08
CA LEU A 89 -7.98 7.01 -3.29
C LEU A 89 -8.49 5.64 -3.75
N ARG A 90 -9.50 5.09 -3.09
CA ARG A 90 -10.06 3.75 -3.36
C ARG A 90 -10.79 3.64 -4.69
N VAL A 91 -11.27 4.75 -5.25
CA VAL A 91 -11.81 4.82 -6.61
C VAL A 91 -10.75 4.49 -7.66
N ILE A 92 -9.54 5.04 -7.46
CA ILE A 92 -8.37 4.81 -8.32
C ILE A 92 -7.72 3.44 -8.01
N VAL A 93 -7.40 3.18 -6.75
CA VAL A 93 -6.47 2.12 -6.31
C VAL A 93 -7.15 0.80 -5.90
N GLY A 94 -8.38 0.87 -5.38
CA GLY A 94 -9.08 -0.25 -4.73
C GLY A 94 -8.80 -0.35 -3.22
N ASP A 95 -9.85 -0.34 -2.42
CA ASP A 95 -9.81 -0.49 -0.95
C ASP A 95 -9.41 -1.92 -0.54
N ASP A 96 -9.81 -2.91 -1.35
CA ASP A 96 -9.41 -4.31 -1.19
C ASP A 96 -7.95 -4.57 -1.60
N LEU A 97 -7.42 -3.81 -2.57
CA LEU A 97 -5.99 -3.82 -2.91
C LEU A 97 -5.17 -3.17 -1.78
N LEU A 98 -5.63 -2.05 -1.22
CA LEU A 98 -5.02 -1.41 -0.05
C LEU A 98 -4.94 -2.40 1.13
N ARG A 99 -6.04 -3.11 1.44
CA ARG A 99 -6.09 -4.22 2.41
C ARG A 99 -5.08 -5.32 2.11
N SER A 100 -4.99 -5.80 0.86
CA SER A 100 -3.99 -6.82 0.44
C SER A 100 -2.54 -6.30 0.45
N THR A 101 -2.33 -4.98 0.52
CA THR A 101 -0.99 -4.38 0.70
C THR A 101 -0.56 -4.37 2.17
N ILE A 102 -1.47 -4.41 3.16
CA ILE A 102 -1.11 -4.33 4.59
C ILE A 102 -0.13 -5.43 4.98
N THR A 103 -0.37 -6.67 4.54
CA THR A 103 0.53 -7.81 4.81
C THR A 103 1.93 -7.60 4.22
N THR A 104 2.03 -7.00 3.02
CA THR A 104 3.29 -6.57 2.40
C THR A 104 3.93 -5.43 3.20
N LEU A 105 3.18 -4.41 3.62
CA LEU A 105 3.70 -3.33 4.46
C LEU A 105 4.26 -3.85 5.81
N GLN A 106 3.74 -4.97 6.32
CA GLN A 106 4.30 -5.62 7.53
C GLN A 106 5.57 -6.45 7.26
N ASN A 107 5.82 -6.83 6.01
CA ASN A 107 7.05 -7.45 5.53
C ASN A 107 8.16 -6.43 5.20
N GLN A 108 7.80 -5.18 4.87
CA GLN A 108 8.74 -4.10 4.56
C GLN A 108 9.65 -3.73 5.77
N PRO A 109 10.92 -3.33 5.52
CA PRO A 109 11.85 -2.86 6.54
C PRO A 109 11.60 -1.41 6.97
N LYS A 110 11.76 -1.16 8.28
CA LYS A 110 11.81 0.17 8.91
C LYS A 110 13.20 0.81 8.74
N SER A 111 13.25 2.14 8.81
CA SER A 111 14.49 2.92 8.69
C SER A 111 15.37 2.84 9.95
N LYS A 112 16.70 2.86 9.76
CA LYS A 112 17.71 2.87 10.84
C LYS A 112 17.83 4.23 11.55
N GLU A 113 17.66 5.30 10.78
CA GLU A 113 17.84 6.71 11.16
C GLU A 113 16.74 7.59 10.54
N ILE A 114 16.48 8.77 11.11
CA ILE A 114 15.37 9.65 10.71
C ILE A 114 15.47 10.12 9.25
N PRO A 115 14.36 10.09 8.48
CA PRO A 115 14.36 10.41 7.05
C PRO A 115 14.57 11.90 6.75
N GLY A 116 14.26 12.79 7.69
CA GLY A 116 14.51 14.22 7.62
C GLY A 116 14.32 14.91 8.97
N SER A 117 15.35 15.62 9.43
CA SER A 117 15.31 16.44 10.66
C SER A 117 14.67 17.80 10.41
N ILE A 118 14.92 18.38 9.23
CA ILE A 118 14.40 19.68 8.79
C ILE A 118 13.31 19.47 7.73
N ARG A 119 12.32 20.37 7.73
CA ARG A 119 11.18 20.39 6.78
C ARG A 119 11.58 20.52 5.31
N ASP A 120 10.71 20.12 4.38
CA ASP A 120 10.90 20.28 2.93
C ASP A 120 9.59 20.18 2.14
N HIS A 121 9.42 20.93 1.05
CA HIS A 121 8.28 20.82 0.13
C HIS A 121 8.63 21.43 -1.25
N GLU A 122 8.14 20.83 -2.34
CA GLU A 122 8.46 21.27 -3.70
C GLU A 122 7.62 22.49 -4.16
N GLU A 123 7.98 23.12 -5.27
CA GLU A 123 7.22 24.21 -5.91
C GLU A 123 7.51 24.37 -7.42
N GLY A 124 6.45 24.63 -8.21
CA GLY A 124 6.53 24.97 -9.63
C GLY A 124 6.79 23.79 -10.57
N ALA A 125 7.00 24.09 -11.86
CA ALA A 125 7.19 23.10 -12.93
C ALA A 125 8.28 23.51 -13.95
N GLY A 126 8.91 22.52 -14.60
CA GLY A 126 9.82 22.74 -15.73
C GLY A 126 9.09 22.88 -17.08
N GLY A 127 9.81 23.21 -18.15
CA GLY A 127 9.26 23.35 -19.51
C GLY A 127 8.97 22.04 -20.24
N LEU A 128 9.55 20.91 -19.81
CA LEU A 128 9.35 19.56 -20.36
C LEU A 128 7.97 18.98 -20.02
N GLY A 1 -14.73 -42.14 -94.29
CA GLY A 1 -15.84 -42.81 -94.97
C GLY A 1 -16.46 -41.95 -96.05
N SER A 2 -17.75 -42.17 -96.32
CA SER A 2 -18.58 -41.41 -97.28
C SER A 2 -18.66 -39.91 -96.91
N PRO A 3 -18.89 -38.99 -97.86
CA PRO A 3 -18.90 -37.55 -97.59
C PRO A 3 -20.07 -37.06 -96.71
N GLU A 4 -21.19 -37.79 -96.67
CA GLU A 4 -22.37 -37.43 -95.86
C GLU A 4 -22.04 -37.31 -94.36
N PHE A 5 -22.43 -36.17 -93.76
CA PHE A 5 -22.33 -35.85 -92.34
C PHE A 5 -20.91 -35.92 -91.74
N MET A 6 -19.85 -35.83 -92.57
CA MET A 6 -18.45 -35.77 -92.11
C MET A 6 -18.12 -34.43 -91.42
N GLY A 7 -17.21 -34.47 -90.44
CA GLY A 7 -16.77 -33.27 -89.69
C GLY A 7 -15.85 -33.53 -88.51
N VAL A 8 -15.04 -32.53 -88.16
CA VAL A 8 -13.95 -32.63 -87.17
C VAL A 8 -14.43 -32.40 -85.72
N THR A 9 -13.76 -33.03 -84.76
CA THR A 9 -14.06 -32.91 -83.32
C THR A 9 -12.80 -32.96 -82.45
N LEU A 10 -12.88 -32.31 -81.29
CA LEU A 10 -11.91 -32.35 -80.19
C LEU A 10 -12.57 -31.99 -78.85
N GLU A 11 -12.00 -32.47 -77.74
CA GLU A 11 -12.50 -32.25 -76.38
C GLU A 11 -11.34 -32.33 -75.37
N GLY A 12 -11.35 -31.45 -74.37
CA GLY A 12 -10.34 -31.40 -73.32
C GLY A 12 -10.80 -30.68 -72.05
N PRO A 13 -9.90 -30.44 -71.09
CA PRO A 13 -10.23 -29.96 -69.75
C PRO A 13 -10.86 -28.56 -69.73
N LYS A 14 -11.95 -28.41 -68.99
CA LYS A 14 -12.73 -27.16 -68.80
C LYS A 14 -13.48 -27.05 -67.47
N ASP A 15 -13.41 -28.07 -66.62
CA ASP A 15 -13.95 -28.12 -65.26
C ASP A 15 -12.88 -28.53 -64.23
N LEU A 16 -11.64 -28.04 -64.42
CA LEU A 16 -10.51 -28.32 -63.51
C LEU A 16 -10.66 -27.58 -62.15
N PRO A 17 -10.17 -28.18 -61.05
CA PRO A 17 -10.26 -27.59 -59.72
C PRO A 17 -9.33 -26.39 -59.54
N PRO A 18 -9.65 -25.45 -58.63
CA PRO A 18 -8.79 -24.34 -58.25
C PRO A 18 -7.42 -24.77 -57.70
N GLN A 19 -6.41 -23.94 -57.95
CA GLN A 19 -5.05 -24.04 -57.39
C GLN A 19 -4.88 -23.08 -56.21
N LEU A 20 -4.08 -23.44 -55.19
CA LEU A 20 -4.00 -22.70 -53.92
C LEU A 20 -2.70 -22.91 -53.13
N GLU A 21 -2.55 -22.10 -52.08
CA GLU A 21 -1.47 -22.13 -51.08
C GLU A 21 -2.05 -21.89 -49.67
N SER A 22 -1.40 -22.39 -48.61
CA SER A 22 -1.93 -22.29 -47.23
C SER A 22 -0.89 -22.28 -46.09
N ASN A 23 0.41 -22.42 -46.37
CA ASN A 23 1.41 -22.62 -45.31
C ASN A 23 1.54 -21.43 -44.34
N GLN A 24 1.68 -21.73 -43.04
CA GLN A 24 2.03 -20.76 -41.99
C GLN A 24 2.83 -21.42 -40.87
N GLY A 25 4.00 -20.88 -40.55
CA GLY A 25 4.87 -21.38 -39.47
C GLY A 25 4.25 -21.23 -38.08
N ALA A 26 4.61 -22.14 -37.17
CA ALA A 26 4.15 -22.18 -35.78
C ALA A 26 5.13 -21.44 -34.85
N ARG A 27 4.58 -20.77 -33.82
CA ARG A 27 5.28 -20.12 -32.71
C ARG A 27 4.32 -19.93 -31.55
N GLY A 28 4.83 -19.96 -30.32
CA GLY A 28 4.03 -19.69 -29.13
C GLY A 28 3.62 -20.94 -28.35
N SER A 29 3.59 -20.84 -27.01
CA SER A 29 3.04 -21.85 -26.11
C SER A 29 2.64 -21.26 -24.75
N GLY A 30 1.36 -21.43 -24.37
CA GLY A 30 0.81 -21.19 -23.02
C GLY A 30 0.87 -19.77 -22.45
N SER A 31 0.35 -19.64 -21.22
CA SER A 31 0.39 -18.42 -20.39
C SER A 31 0.27 -18.78 -18.89
N ALA A 32 0.69 -17.91 -17.97
CA ALA A 32 0.74 -18.17 -16.52
C ALA A 32 0.45 -16.94 -15.65
N ASN A 33 0.19 -17.17 -14.35
CA ASN A 33 -0.13 -16.14 -13.35
C ASN A 33 0.57 -16.38 -11.99
N SER A 34 0.69 -15.32 -11.18
CA SER A 34 1.31 -15.34 -9.84
C SER A 34 0.78 -14.20 -8.95
N VAL A 35 1.02 -14.24 -7.63
CA VAL A 35 0.42 -13.30 -6.65
C VAL A 35 1.44 -12.54 -5.78
N GLY A 36 2.71 -12.95 -5.80
CA GLY A 36 3.79 -12.40 -4.98
C GLY A 36 3.73 -12.88 -3.52
N SER A 37 4.34 -12.10 -2.62
CA SER A 37 4.34 -12.31 -1.15
C SER A 37 2.97 -12.00 -0.52
N SER A 38 1.95 -12.70 -0.99
CA SER A 38 0.52 -12.48 -0.72
C SER A 38 0.02 -13.06 0.61
N THR A 39 0.78 -13.97 1.21
CA THR A 39 0.39 -14.79 2.37
C THR A 39 1.37 -14.64 3.54
N THR A 40 1.91 -13.44 3.76
CA THR A 40 2.85 -13.13 4.86
C THR A 40 2.17 -13.19 6.25
N ARG A 41 0.84 -13.01 6.30
CA ARG A 41 -0.01 -12.87 7.51
C ARG A 41 0.34 -11.65 8.40
N PRO A 42 -0.61 -11.12 9.20
CA PRO A 42 -0.35 -10.02 10.14
C PRO A 42 0.71 -10.36 11.20
N LYS A 43 1.65 -9.45 11.44
CA LYS A 43 2.80 -9.63 12.35
C LYS A 43 3.17 -8.37 13.15
N SER A 44 3.33 -7.22 12.49
CA SER A 44 3.97 -6.03 13.07
C SER A 44 3.24 -4.72 12.74
N PRO A 45 2.84 -3.90 13.73
CA PRO A 45 2.07 -2.69 13.51
C PRO A 45 2.93 -1.50 13.02
N TRP A 46 2.57 -0.90 11.88
CA TRP A 46 3.13 0.38 11.43
C TRP A 46 2.19 1.13 10.46
N MET A 47 2.23 0.80 9.16
CA MET A 47 1.37 1.35 8.10
C MET A 47 1.31 2.90 7.98
N PRO A 48 2.46 3.61 7.87
CA PRO A 48 2.47 5.03 7.50
C PRO A 48 2.07 5.23 6.02
N PHE A 49 1.31 6.30 5.74
CA PHE A 49 0.67 6.50 4.44
C PHE A 49 1.67 6.73 3.28
N PRO A 50 2.73 7.56 3.39
CA PRO A 50 3.62 7.82 2.25
C PRO A 50 4.40 6.58 1.80
N THR A 51 4.86 5.73 2.73
CA THR A 51 5.50 4.45 2.41
C THR A 51 4.50 3.43 1.87
N LEU A 52 3.25 3.42 2.36
CA LEU A 52 2.18 2.61 1.75
C LEU A 52 1.94 3.01 0.29
N PHE A 53 1.91 4.30 -0.03
CA PHE A 53 1.85 4.79 -1.40
C PHE A 53 3.09 4.38 -2.23
N ALA A 54 4.28 4.37 -1.63
CA ALA A 54 5.52 3.91 -2.27
C ALA A 54 5.52 2.40 -2.55
N ALA A 55 4.76 1.61 -1.78
CA ALA A 55 4.59 0.15 -1.90
C ALA A 55 3.44 -0.30 -2.83
N ILE A 56 2.58 0.63 -3.29
CA ILE A 56 1.64 0.43 -4.40
C ILE A 56 2.09 1.13 -5.69
N SER A 57 3.20 1.87 -5.67
CA SER A 57 3.77 2.53 -6.87
C SER A 57 4.14 1.55 -8.01
N HIS A 58 4.29 0.24 -7.74
CA HIS A 58 4.42 -0.82 -8.75
C HIS A 58 3.07 -1.38 -9.26
N LYS A 59 1.96 -1.04 -8.60
CA LYS A 59 0.56 -1.39 -8.96
C LYS A 59 -0.17 -0.26 -9.68
N VAL A 60 -0.10 0.96 -9.13
CA VAL A 60 -0.72 2.19 -9.63
C VAL A 60 0.19 2.86 -10.68
N ALA A 61 -0.38 3.64 -11.61
CA ALA A 61 0.42 4.42 -12.56
C ALA A 61 1.00 5.68 -11.91
N GLU A 62 2.18 6.15 -12.34
CA GLU A 62 2.91 7.19 -11.62
C GLU A 62 2.17 8.54 -11.55
N ASN A 63 1.51 8.99 -12.64
CA ASN A 63 0.65 10.18 -12.62
C ASN A 63 -0.61 10.00 -11.74
N ASP A 64 -1.13 8.76 -11.65
CA ASP A 64 -2.31 8.39 -10.88
C ASP A 64 -2.01 8.42 -9.37
N MET A 65 -0.93 7.77 -8.92
CA MET A 65 -0.44 7.85 -7.54
C MET A 65 0.11 9.24 -7.15
N LEU A 66 0.46 10.10 -8.11
CA LEU A 66 0.92 11.47 -7.86
C LEU A 66 -0.27 12.37 -7.50
N LEU A 67 -1.41 12.16 -8.16
CA LEU A 67 -2.71 12.71 -7.83
C LEU A 67 -3.13 12.29 -6.41
N ILE A 68 -2.90 11.02 -6.03
CA ILE A 68 -3.17 10.56 -4.67
C ILE A 68 -2.30 11.28 -3.62
N ASN A 69 -0.99 11.39 -3.86
CA ASN A 69 -0.08 12.10 -2.96
C ASN A 69 -0.48 13.59 -2.83
N ALA A 70 -0.92 14.22 -3.92
CA ALA A 70 -1.42 15.59 -3.91
C ALA A 70 -2.71 15.78 -3.09
N ASP A 71 -3.63 14.82 -3.16
CA ASP A 71 -4.84 14.78 -2.33
C ASP A 71 -4.52 14.52 -0.84
N TYR A 72 -3.52 13.69 -0.54
CA TYR A 72 -2.99 13.52 0.81
C TYR A 72 -2.35 14.80 1.37
N GLN A 73 -1.51 15.49 0.58
CA GLN A 73 -0.85 16.74 1.02
C GLN A 73 -1.86 17.87 1.31
N GLN A 74 -2.99 17.98 0.59
CA GLN A 74 -4.00 19.01 0.87
C GLN A 74 -4.95 18.66 2.05
N LEU A 75 -5.09 17.38 2.41
CA LEU A 75 -5.56 16.96 3.74
C LEU A 75 -4.74 17.68 4.84
N ARG A 76 -3.41 17.70 4.71
CA ARG A 76 -2.51 18.37 5.69
C ARG A 76 -2.56 19.90 5.61
N ASP A 77 -3.03 20.46 4.49
CA ASP A 77 -3.42 21.87 4.32
C ASP A 77 -4.83 22.20 4.85
N LYS A 78 -5.51 21.29 5.58
CA LYS A 78 -6.89 21.47 6.08
C LYS A 78 -7.92 21.78 4.98
N LYS A 79 -7.67 21.35 3.74
CA LYS A 79 -8.59 21.45 2.59
C LYS A 79 -9.47 20.22 2.40
N MET A 80 -9.22 19.17 3.17
CA MET A 80 -9.90 17.88 3.11
C MET A 80 -9.68 17.13 4.43
N THR A 81 -10.65 16.30 4.84
CA THR A 81 -10.50 15.42 6.02
C THR A 81 -9.77 14.13 5.63
N ARG A 82 -9.29 13.38 6.63
CA ARG A 82 -8.72 12.04 6.42
C ARG A 82 -9.71 11.12 5.70
N ALA A 83 -10.95 11.05 6.19
CA ALA A 83 -11.98 10.20 5.60
C ALA A 83 -12.39 10.66 4.19
N GLU A 84 -12.41 11.97 3.90
CA GLU A 84 -12.77 12.51 2.58
C GLU A 84 -11.72 12.19 1.49
N PHE A 85 -10.41 12.21 1.81
CA PHE A 85 -9.39 11.80 0.82
C PHE A 85 -9.40 10.28 0.60
N VAL A 86 -9.62 9.49 1.66
CA VAL A 86 -9.87 8.04 1.57
C VAL A 86 -11.05 7.71 0.65
N ARG A 87 -12.12 8.52 0.71
CA ARG A 87 -13.30 8.43 -0.17
C ARG A 87 -12.98 8.58 -1.65
N LYS A 88 -11.94 9.36 -1.98
CA LYS A 88 -11.41 9.52 -3.34
C LYS A 88 -10.34 8.47 -3.70
N LEU A 89 -9.58 7.97 -2.72
CA LEU A 89 -8.51 6.98 -2.90
C LEU A 89 -9.07 5.66 -3.48
N ARG A 90 -10.17 5.17 -2.90
CA ARG A 90 -10.88 3.95 -3.33
C ARG A 90 -11.43 4.03 -4.75
N VAL A 91 -11.73 5.23 -5.25
CA VAL A 91 -12.25 5.44 -6.62
C VAL A 91 -11.15 5.21 -7.68
N ILE A 92 -9.90 5.52 -7.35
CA ILE A 92 -8.72 5.29 -8.21
C ILE A 92 -8.17 3.86 -8.08
N VAL A 93 -8.02 3.37 -6.84
CA VAL A 93 -7.22 2.17 -6.53
C VAL A 93 -8.08 0.94 -6.18
N GLY A 94 -9.17 1.11 -5.43
CA GLY A 94 -9.91 0.03 -4.77
C GLY A 94 -9.42 -0.25 -3.34
N ASP A 95 -10.34 -0.28 -2.37
CA ASP A 95 -10.08 -0.46 -0.93
C ASP A 95 -9.58 -1.88 -0.57
N ASP A 96 -9.85 -2.88 -1.42
CA ASP A 96 -9.29 -4.24 -1.31
C ASP A 96 -7.89 -4.35 -1.94
N LEU A 97 -7.59 -3.62 -3.02
CA LEU A 97 -6.21 -3.50 -3.51
C LEU A 97 -5.32 -2.74 -2.50
N LEU A 98 -5.91 -1.76 -1.78
CA LEU A 98 -5.25 -1.07 -0.67
C LEU A 98 -4.88 -2.07 0.45
N ARG A 99 -5.83 -2.91 0.91
CA ARG A 99 -5.61 -4.03 1.84
C ARG A 99 -4.51 -4.98 1.37
N SER A 100 -4.45 -5.28 0.07
CA SER A 100 -3.44 -6.17 -0.51
C SER A 100 -1.98 -5.67 -0.32
N THR A 101 -1.78 -4.41 0.08
CA THR A 101 -0.44 -3.87 0.41
C THR A 101 0.08 -4.38 1.76
N ILE A 102 -0.77 -4.71 2.74
CA ILE A 102 -0.31 -5.06 4.10
C ILE A 102 0.66 -6.25 4.07
N THR A 103 0.35 -7.29 3.31
CA THR A 103 1.23 -8.47 3.18
C THR A 103 2.60 -8.17 2.55
N THR A 104 2.69 -7.13 1.69
CA THR A 104 3.97 -6.53 1.24
C THR A 104 4.66 -5.77 2.37
N LEU A 105 3.93 -4.94 3.12
CA LEU A 105 4.47 -4.12 4.22
C LEU A 105 5.00 -4.97 5.40
N GLN A 106 4.46 -6.18 5.63
CA GLN A 106 5.04 -7.14 6.59
C GLN A 106 6.35 -7.77 6.12
N ASN A 107 6.61 -7.80 4.81
CA ASN A 107 7.81 -8.34 4.16
C ASN A 107 8.86 -7.25 3.81
N GLN A 108 8.54 -5.96 3.96
CA GLN A 108 9.48 -4.84 3.85
C GLN A 108 10.58 -4.86 4.94
N PRO A 109 11.67 -4.10 4.74
CA PRO A 109 12.65 -3.75 5.76
C PRO A 109 12.07 -3.04 6.99
N LYS A 110 12.72 -3.24 8.14
CA LYS A 110 12.50 -2.52 9.40
C LYS A 110 12.67 -1.01 9.20
N SER A 111 11.66 -0.23 9.55
CA SER A 111 11.64 1.25 9.44
C SER A 111 12.11 1.94 10.71
N LYS A 112 12.36 3.25 10.62
CA LYS A 112 12.46 4.17 11.77
C LYS A 112 11.53 5.37 11.57
N GLU A 113 11.10 6.00 12.66
CA GLU A 113 10.08 7.06 12.68
C GLU A 113 10.52 8.31 11.88
N ILE A 114 9.56 9.06 11.34
CA ILE A 114 9.80 10.29 10.59
C ILE A 114 10.42 11.38 11.49
N PRO A 115 11.42 12.14 11.00
CA PRO A 115 12.13 13.14 11.79
C PRO A 115 11.30 14.39 12.12
N GLY A 116 10.16 14.56 11.44
CA GLY A 116 9.16 15.63 11.62
C GLY A 116 8.39 15.88 10.32
N SER A 117 7.17 16.40 10.40
CA SER A 117 6.31 16.72 9.25
C SER A 117 5.91 18.19 9.17
N ILE A 118 5.75 18.68 7.93
CA ILE A 118 5.42 20.06 7.53
C ILE A 118 6.48 21.11 7.98
N ARG A 119 6.61 22.20 7.21
CA ARG A 119 7.52 23.33 7.50
C ARG A 119 6.94 24.35 8.50
N ASP A 120 7.81 25.19 9.03
CA ASP A 120 7.49 26.31 9.94
C ASP A 120 8.41 27.51 9.65
N HIS A 121 7.97 28.72 9.98
CA HIS A 121 8.79 29.93 9.96
C HIS A 121 8.32 30.89 11.05
N GLU A 122 9.25 31.42 11.84
CA GLU A 122 8.96 32.35 12.94
C GLU A 122 8.45 33.71 12.41
N GLU A 123 7.45 34.33 13.04
CA GLU A 123 6.94 35.63 12.59
C GLU A 123 7.93 36.78 12.91
N GLY A 124 8.06 37.74 12.00
CA GLY A 124 8.94 38.91 12.14
C GLY A 124 8.21 40.21 12.52
N ALA A 125 8.91 41.33 12.36
CA ALA A 125 8.37 42.68 12.50
C ALA A 125 7.50 43.11 11.29
N GLY A 126 6.80 44.25 11.42
CA GLY A 126 5.89 44.77 10.40
C GLY A 126 6.55 45.18 9.08
N GLY A 127 5.89 44.84 7.97
CA GLY A 127 6.26 45.22 6.60
C GLY A 127 5.90 46.67 6.26
N LEU A 128 6.61 47.61 6.90
CA LEU A 128 6.45 49.07 6.77
C LEU A 128 7.65 49.76 6.11
N GLY A 1 -66.34 93.82 42.89
CA GLY A 1 -66.92 93.51 41.56
C GLY A 1 -67.81 92.28 41.59
N SER A 2 -68.38 91.93 40.43
CA SER A 2 -69.29 90.78 40.23
C SER A 2 -68.64 89.42 40.49
N PRO A 3 -69.41 88.34 40.74
CA PRO A 3 -68.88 86.99 40.93
C PRO A 3 -68.42 86.36 39.60
N GLU A 4 -67.28 86.83 39.08
CA GLU A 4 -66.64 86.35 37.84
C GLU A 4 -65.95 84.98 37.97
N PHE A 5 -65.77 84.50 39.20
CA PHE A 5 -65.14 83.21 39.54
C PHE A 5 -66.02 82.01 39.16
N MET A 6 -65.39 80.86 38.92
CA MET A 6 -66.07 79.59 38.65
C MET A 6 -65.21 78.39 39.06
N GLY A 7 -65.80 77.43 39.78
CA GLY A 7 -65.16 76.18 40.16
C GLY A 7 -64.90 75.26 38.96
N VAL A 8 -63.62 75.03 38.65
CA VAL A 8 -63.14 74.25 37.51
C VAL A 8 -63.49 72.75 37.61
N THR A 9 -63.92 72.13 36.51
CA THR A 9 -64.30 70.70 36.44
C THR A 9 -64.26 70.17 35.00
N LEU A 10 -64.07 68.85 34.82
CA LEU A 10 -64.04 68.19 33.51
C LEU A 10 -64.69 66.80 33.52
N GLU A 11 -65.54 66.53 32.52
CA GLU A 11 -66.25 65.26 32.32
C GLU A 11 -65.78 64.54 31.06
N GLY A 12 -65.87 63.22 31.07
CA GLY A 12 -65.40 62.37 29.97
C GLY A 12 -65.44 60.84 30.22
N PRO A 13 -65.34 60.04 29.15
CA PRO A 13 -65.54 58.59 29.18
C PRO A 13 -64.33 57.78 29.67
N LYS A 14 -64.57 56.60 30.25
CA LYS A 14 -63.52 55.63 30.66
C LYS A 14 -63.91 54.19 30.30
N ASP A 15 -63.02 53.49 29.59
CA ASP A 15 -63.30 52.22 28.90
C ASP A 15 -62.08 51.29 28.95
N LEU A 16 -61.98 50.49 30.02
CA LEU A 16 -60.82 49.61 30.29
C LEU A 16 -60.66 48.51 29.21
N PRO A 17 -59.42 48.11 28.85
CA PRO A 17 -59.20 46.95 27.99
C PRO A 17 -59.73 45.62 28.58
N PRO A 18 -60.26 44.70 27.75
CA PRO A 18 -60.78 43.42 28.23
C PRO A 18 -59.66 42.52 28.78
N GLN A 19 -60.03 41.64 29.71
CA GLN A 19 -59.17 40.58 30.24
C GLN A 19 -59.18 39.39 29.27
N LEU A 20 -57.99 38.91 28.91
CA LEU A 20 -57.76 37.83 27.95
C LEU A 20 -56.55 37.02 28.40
N GLU A 21 -56.61 35.69 28.24
CA GLU A 21 -55.67 34.76 28.87
C GLU A 21 -54.95 33.83 27.89
N SER A 22 -53.85 33.23 28.35
CA SER A 22 -53.00 32.32 27.60
C SER A 22 -52.21 31.39 28.54
N ASN A 23 -51.70 30.27 28.01
CA ASN A 23 -50.96 29.26 28.78
C ASN A 23 -49.92 28.47 27.98
N GLN A 24 -50.01 28.39 26.63
CA GLN A 24 -49.09 27.60 25.82
C GLN A 24 -49.01 28.11 24.37
N GLY A 25 -47.84 28.03 23.73
CA GLY A 25 -47.62 28.40 22.33
C GLY A 25 -47.08 27.25 21.49
N ALA A 26 -46.40 27.56 20.39
CA ALA A 26 -45.65 26.61 19.58
C ALA A 26 -44.32 26.17 20.25
N ARG A 27 -43.83 24.98 19.89
CA ARG A 27 -42.61 24.35 20.43
C ARG A 27 -42.07 23.31 19.47
N GLY A 28 -40.83 23.48 19.03
CA GLY A 28 -40.14 22.44 18.27
C GLY A 28 -39.73 21.26 19.16
N SER A 29 -39.76 20.05 18.59
CA SER A 29 -39.35 18.81 19.25
C SER A 29 -38.89 17.77 18.22
N GLY A 30 -37.88 16.98 18.59
CA GLY A 30 -37.31 15.94 17.73
C GLY A 30 -38.11 14.64 17.75
N SER A 31 -38.03 13.87 16.66
CA SER A 31 -38.60 12.51 16.55
C SER A 31 -37.88 11.64 15.52
N ALA A 32 -37.37 12.22 14.43
CA ALA A 32 -36.62 11.51 13.40
C ALA A 32 -35.11 11.42 13.73
N ASN A 33 -34.50 10.26 13.47
CA ASN A 33 -33.06 10.02 13.62
C ASN A 33 -32.60 8.79 12.81
N SER A 34 -31.33 8.75 12.47
CA SER A 34 -30.68 7.68 11.69
C SER A 34 -30.49 6.39 12.50
N VAL A 35 -30.47 5.23 11.81
CA VAL A 35 -30.40 3.89 12.44
C VAL A 35 -29.37 2.94 11.82
N GLY A 36 -28.69 2.17 12.69
CA GLY A 36 -27.69 1.15 12.35
C GLY A 36 -26.28 1.70 12.08
N SER A 37 -25.28 0.83 12.25
CA SER A 37 -23.85 1.13 12.09
C SER A 37 -23.02 -0.13 11.86
N SER A 38 -22.04 -0.06 10.95
CA SER A 38 -21.07 -1.13 10.63
C SER A 38 -20.02 -1.29 11.74
N THR A 39 -20.43 -1.81 12.90
CA THR A 39 -19.55 -2.01 14.06
C THR A 39 -18.48 -3.07 13.78
N THR A 40 -17.23 -2.62 13.73
CA THR A 40 -16.04 -3.39 13.29
C THR A 40 -14.82 -2.98 14.12
N ARG A 41 -13.95 -3.95 14.48
CA ARG A 41 -12.66 -3.67 15.12
C ARG A 41 -11.66 -3.07 14.11
N PRO A 42 -11.05 -1.88 14.38
CA PRO A 42 -9.98 -1.34 13.55
C PRO A 42 -8.71 -2.20 13.62
N LYS A 43 -8.10 -2.53 12.46
CA LYS A 43 -6.97 -3.46 12.37
C LYS A 43 -5.57 -2.88 12.66
N SER A 44 -5.40 -1.55 12.64
CA SER A 44 -4.11 -0.84 12.71
C SER A 44 -3.07 -1.25 11.63
N PRO A 45 -3.20 -0.74 10.39
CA PRO A 45 -2.12 -0.73 9.40
C PRO A 45 -0.95 0.17 9.85
N TRP A 46 0.27 -0.34 9.95
CA TRP A 46 1.40 0.35 10.60
C TRP A 46 1.90 1.64 9.91
N MET A 47 1.55 1.84 8.64
CA MET A 47 2.28 2.72 7.72
C MET A 47 2.01 4.22 7.95
N PRO A 48 3.04 5.08 7.90
CA PRO A 48 2.89 6.46 7.45
C PRO A 48 2.44 6.48 5.98
N PHE A 49 1.53 7.38 5.62
CA PHE A 49 0.96 7.44 4.27
C PHE A 49 2.00 7.59 3.13
N PRO A 50 3.09 8.38 3.26
CA PRO A 50 4.14 8.43 2.24
C PRO A 50 4.77 7.07 1.88
N THR A 51 4.97 6.19 2.88
CA THR A 51 5.49 4.83 2.64
C THR A 51 4.41 3.89 2.10
N LEU A 52 3.14 4.06 2.51
CA LEU A 52 2.00 3.37 1.90
C LEU A 52 1.88 3.69 0.40
N PHE A 53 2.00 4.97 0.02
CA PHE A 53 1.99 5.41 -1.38
C PHE A 53 3.17 4.84 -2.19
N ALA A 54 4.35 4.69 -1.58
CA ALA A 54 5.51 4.08 -2.23
C ALA A 54 5.31 2.57 -2.48
N ALA A 55 4.70 1.86 -1.51
CA ALA A 55 4.40 0.44 -1.62
C ALA A 55 3.38 0.12 -2.71
N ILE A 56 2.33 0.95 -2.88
CA ILE A 56 1.36 0.82 -3.97
C ILE A 56 1.82 1.46 -5.28
N SER A 57 2.97 2.15 -5.36
CA SER A 57 3.48 2.71 -6.63
C SER A 57 3.79 1.64 -7.70
N HIS A 58 3.95 0.37 -7.32
CA HIS A 58 4.01 -0.76 -8.26
C HIS A 58 2.62 -1.28 -8.72
N LYS A 59 1.53 -0.62 -8.27
CA LYS A 59 0.11 -1.01 -8.45
C LYS A 59 -0.74 0.16 -9.00
N VAL A 60 -0.55 1.37 -8.48
CA VAL A 60 -1.12 2.65 -8.97
C VAL A 60 -0.24 3.24 -10.08
N ALA A 61 -0.85 3.91 -11.07
CA ALA A 61 -0.14 4.59 -12.14
C ALA A 61 0.57 5.88 -11.69
N GLU A 62 1.61 6.29 -12.40
CA GLU A 62 2.50 7.41 -12.04
C GLU A 62 1.73 8.73 -11.90
N ASN A 63 0.93 9.04 -12.90
CA ASN A 63 0.12 10.26 -12.96
C ASN A 63 -1.16 10.15 -12.10
N ASP A 64 -1.50 8.95 -11.62
CA ASP A 64 -2.57 8.64 -10.68
C ASP A 64 -2.08 8.85 -9.23
N MET A 65 -0.96 8.25 -8.82
CA MET A 65 -0.39 8.45 -7.47
C MET A 65 0.13 9.88 -7.21
N LEU A 66 0.35 10.69 -8.25
CA LEU A 66 0.62 12.13 -8.15
C LEU A 66 -0.65 12.97 -7.95
N LEU A 67 -1.81 12.44 -8.33
CA LEU A 67 -3.12 12.99 -7.98
C LEU A 67 -3.37 12.71 -6.48
N ILE A 68 -3.05 11.50 -6.02
CA ILE A 68 -3.21 11.08 -4.62
C ILE A 68 -2.33 11.91 -3.68
N ASN A 69 -1.03 12.04 -3.97
CA ASN A 69 -0.11 12.80 -3.11
C ASN A 69 -0.56 14.27 -2.97
N ALA A 70 -1.05 14.87 -4.06
CA ALA A 70 -1.60 16.22 -4.05
C ALA A 70 -2.89 16.35 -3.19
N ASP A 71 -3.79 15.35 -3.26
CA ASP A 71 -5.01 15.31 -2.42
C ASP A 71 -4.67 15.03 -0.93
N TYR A 72 -3.65 14.23 -0.65
CA TYR A 72 -3.10 14.04 0.71
C TYR A 72 -2.44 15.32 1.25
N GLN A 73 -1.69 16.05 0.42
CA GLN A 73 -1.07 17.31 0.82
C GLN A 73 -2.10 18.41 1.13
N GLN A 74 -3.23 18.50 0.41
CA GLN A 74 -4.27 19.47 0.74
C GLN A 74 -5.09 19.09 1.98
N LEU A 75 -5.08 17.82 2.39
CA LEU A 75 -5.41 17.38 3.76
C LEU A 75 -4.46 18.06 4.78
N ARG A 76 -3.14 17.94 4.59
CA ARG A 76 -2.12 18.53 5.51
C ARG A 76 -2.16 20.05 5.56
N ASP A 77 -2.35 20.67 4.40
CA ASP A 77 -2.51 22.11 4.17
C ASP A 77 -3.94 22.62 4.49
N LYS A 78 -4.72 21.79 5.22
CA LYS A 78 -6.02 22.07 5.86
C LYS A 78 -7.15 22.52 4.92
N LYS A 79 -7.04 22.25 3.62
CA LYS A 79 -8.09 22.44 2.61
C LYS A 79 -9.19 21.39 2.75
N MET A 80 -8.81 20.14 3.01
CA MET A 80 -9.66 18.94 3.03
C MET A 80 -9.50 18.12 4.32
N THR A 81 -10.48 17.28 4.65
CA THR A 81 -10.45 16.35 5.81
C THR A 81 -9.86 14.98 5.44
N ARG A 82 -9.52 14.17 6.46
CA ARG A 82 -8.95 12.82 6.26
C ARG A 82 -9.92 11.93 5.47
N ALA A 83 -11.20 11.90 5.86
CA ALA A 83 -12.21 11.08 5.20
C ALA A 83 -12.40 11.48 3.72
N GLU A 84 -12.48 12.78 3.41
CA GLU A 84 -12.69 13.24 2.03
C GLU A 84 -11.53 12.90 1.08
N PHE A 85 -10.28 12.79 1.56
CA PHE A 85 -9.16 12.24 0.76
C PHE A 85 -9.17 10.70 0.73
N VAL A 86 -9.45 10.00 1.83
CA VAL A 86 -9.54 8.52 1.85
C VAL A 86 -10.61 8.02 0.88
N ARG A 87 -11.74 8.73 0.77
CA ARG A 87 -12.81 8.48 -0.22
C ARG A 87 -12.41 8.75 -1.68
N LYS A 88 -11.20 9.25 -1.94
CA LYS A 88 -10.56 9.21 -3.27
C LYS A 88 -9.63 8.01 -3.43
N LEU A 89 -9.00 7.56 -2.33
CA LEU A 89 -7.86 6.63 -2.36
C LEU A 89 -8.30 5.23 -2.79
N ARG A 90 -9.28 4.71 -2.07
CA ARG A 90 -10.00 3.46 -2.39
C ARG A 90 -10.83 3.53 -3.68
N VAL A 91 -11.26 4.73 -4.10
CA VAL A 91 -12.01 4.90 -5.37
C VAL A 91 -11.09 4.74 -6.58
N ILE A 92 -9.86 5.26 -6.52
CA ILE A 92 -8.83 5.02 -7.55
C ILE A 92 -8.39 3.54 -7.53
N VAL A 93 -7.93 3.04 -6.38
CA VAL A 93 -7.19 1.76 -6.28
C VAL A 93 -8.06 0.50 -6.09
N GLY A 94 -9.21 0.62 -5.43
CA GLY A 94 -9.96 -0.49 -4.86
C GLY A 94 -9.35 -0.98 -3.54
N ASP A 95 -10.11 -0.93 -2.44
CA ASP A 95 -9.58 -1.21 -1.09
C ASP A 95 -9.01 -2.65 -0.95
N ASP A 96 -9.55 -3.61 -1.72
CA ASP A 96 -9.05 -4.99 -1.80
C ASP A 96 -7.69 -5.12 -2.50
N LEU A 97 -7.33 -4.19 -3.39
CA LEU A 97 -6.00 -4.13 -4.01
C LEU A 97 -4.95 -3.55 -3.04
N LEU A 98 -5.36 -2.61 -2.17
CA LEU A 98 -4.54 -2.12 -1.05
C LEU A 98 -4.29 -3.24 -0.01
N ARG A 99 -5.31 -4.03 0.32
CA ARG A 99 -5.26 -5.25 1.16
C ARG A 99 -4.21 -6.28 0.69
N SER A 100 -3.98 -6.38 -0.63
CA SER A 100 -2.92 -7.22 -1.20
C SER A 100 -1.50 -6.71 -0.90
N THR A 101 -1.29 -5.39 -0.78
CA THR A 101 -0.05 -4.82 -0.20
C THR A 101 0.07 -5.08 1.30
N ILE A 102 -1.02 -5.01 2.08
CA ILE A 102 -0.97 -5.12 3.56
C ILE A 102 -0.28 -6.41 4.01
N THR A 103 -0.64 -7.55 3.40
CA THR A 103 -0.05 -8.85 3.78
C THR A 103 1.47 -8.89 3.58
N THR A 104 2.01 -8.26 2.52
CA THR A 104 3.46 -8.08 2.34
C THR A 104 4.06 -7.09 3.35
N LEU A 105 3.35 -6.01 3.69
CA LEU A 105 3.76 -5.05 4.73
C LEU A 105 3.80 -5.68 6.14
N GLN A 106 3.15 -6.82 6.37
CA GLN A 106 3.31 -7.66 7.56
C GLN A 106 4.55 -8.60 7.52
N ASN A 107 5.48 -8.42 6.57
CA ASN A 107 6.68 -9.25 6.41
C ASN A 107 7.92 -8.50 5.85
N GLN A 108 7.76 -7.89 4.67
CA GLN A 108 8.72 -7.09 3.89
C GLN A 108 10.04 -7.76 3.44
N PRO A 109 10.63 -7.32 2.32
CA PRO A 109 11.84 -7.92 1.73
C PRO A 109 13.14 -7.56 2.46
N LYS A 110 14.18 -8.34 2.16
CA LYS A 110 15.58 -8.17 2.61
C LYS A 110 16.26 -6.88 2.11
N SER A 111 17.38 -6.51 2.73
CA SER A 111 18.19 -5.32 2.40
C SER A 111 18.81 -5.38 1.00
N LYS A 112 18.79 -4.25 0.27
CA LYS A 112 19.37 -4.13 -1.08
C LYS A 112 20.91 -4.10 -1.10
N GLU A 113 21.48 -4.83 -2.06
CA GLU A 113 22.92 -4.98 -2.35
C GLU A 113 23.52 -3.71 -3.00
N ILE A 114 24.87 -3.61 -3.07
CA ILE A 114 25.59 -2.55 -3.80
C ILE A 114 25.19 -2.47 -5.30
N PRO A 115 24.99 -1.25 -5.85
CA PRO A 115 24.59 -1.06 -7.24
C PRO A 115 25.71 -1.42 -8.23
N GLY A 116 25.32 -1.99 -9.38
CA GLY A 116 26.20 -2.75 -10.27
C GLY A 116 27.35 -1.94 -10.87
N SER A 117 28.57 -2.17 -10.36
CA SER A 117 29.79 -1.59 -10.92
C SER A 117 30.20 -2.29 -12.22
N ILE A 118 30.13 -3.62 -12.25
CA ILE A 118 30.58 -4.46 -13.38
C ILE A 118 29.41 -5.31 -13.89
N ARG A 119 29.19 -5.30 -15.21
CA ARG A 119 28.19 -6.16 -15.88
C ARG A 119 28.79 -7.47 -16.38
N ASP A 120 27.96 -8.51 -16.47
CA ASP A 120 28.24 -9.67 -17.31
C ASP A 120 27.90 -9.37 -18.77
N HIS A 121 28.87 -9.63 -19.65
CA HIS A 121 28.81 -9.37 -21.09
C HIS A 121 28.39 -10.64 -21.84
N GLU A 122 27.38 -11.30 -21.30
CA GLU A 122 26.79 -12.53 -21.83
C GLU A 122 26.03 -12.25 -23.13
N GLU A 123 26.25 -13.03 -24.18
CA GLU A 123 25.51 -12.90 -25.45
C GLU A 123 24.06 -13.42 -25.34
N GLY A 124 23.21 -12.98 -26.27
CA GLY A 124 21.89 -13.57 -26.52
C GLY A 124 21.96 -14.83 -27.39
N ALA A 125 20.83 -15.17 -28.03
CA ALA A 125 20.67 -16.38 -28.85
C ALA A 125 21.62 -16.41 -30.07
N GLY A 126 21.86 -15.26 -30.72
CA GLY A 126 22.96 -15.04 -31.67
C GLY A 126 22.61 -15.06 -33.16
N GLY A 127 21.40 -15.45 -33.55
CA GLY A 127 20.96 -15.49 -34.95
C GLY A 127 21.60 -16.60 -35.80
N LEU A 128 21.85 -17.77 -35.18
CA LEU A 128 22.51 -18.94 -35.79
C LEU A 128 21.83 -20.28 -35.50
N GLY A 1 44.32 7.15 -64.87
CA GLY A 1 45.16 6.04 -64.35
C GLY A 1 44.92 4.80 -65.19
N SER A 2 45.97 4.01 -65.41
CA SER A 2 45.91 2.75 -66.18
C SER A 2 45.09 1.66 -65.44
N PRO A 3 44.40 0.76 -66.18
CA PRO A 3 43.61 -0.33 -65.61
C PRO A 3 44.47 -1.44 -64.98
N GLU A 4 43.83 -2.45 -64.39
CA GLU A 4 44.49 -3.61 -63.78
C GLU A 4 43.81 -4.96 -64.09
N PHE A 5 44.58 -6.04 -63.93
CA PHE A 5 44.28 -7.40 -64.37
C PHE A 5 44.77 -8.43 -63.34
N MET A 6 44.60 -8.16 -62.05
CA MET A 6 45.09 -9.03 -60.98
C MET A 6 44.29 -10.34 -60.90
N GLY A 7 44.98 -11.46 -60.68
CA GLY A 7 44.43 -12.81 -60.78
C GLY A 7 43.44 -13.23 -59.69
N VAL A 8 43.44 -12.55 -58.53
CA VAL A 8 42.58 -12.88 -57.37
C VAL A 8 41.12 -12.43 -57.55
N THR A 9 40.20 -13.11 -56.88
CA THR A 9 38.79 -12.71 -56.69
C THR A 9 38.45 -12.77 -55.19
N LEU A 10 37.63 -11.83 -54.69
CA LEU A 10 37.19 -11.82 -53.28
C LEU A 10 36.23 -12.99 -52.97
N GLU A 11 36.22 -13.48 -51.73
CA GLU A 11 35.58 -14.74 -51.34
C GLU A 11 34.36 -14.57 -50.41
N GLY A 12 33.35 -15.42 -50.60
CA GLY A 12 32.21 -15.57 -49.70
C GLY A 12 32.45 -16.66 -48.63
N PRO A 13 31.43 -17.03 -47.83
CA PRO A 13 31.48 -18.14 -46.89
C PRO A 13 31.73 -19.51 -47.57
N LYS A 14 32.14 -20.51 -46.78
CA LYS A 14 32.49 -21.87 -47.23
C LYS A 14 31.70 -23.00 -46.53
N ASP A 15 30.79 -22.66 -45.62
CA ASP A 15 29.84 -23.55 -44.96
C ASP A 15 28.68 -22.67 -44.43
N LEU A 16 27.63 -23.33 -43.99
CA LEU A 16 26.35 -22.75 -43.55
C LEU A 16 25.76 -23.53 -42.35
N PRO A 17 24.85 -22.95 -41.55
CA PRO A 17 24.50 -23.49 -40.23
C PRO A 17 23.65 -24.77 -40.29
N PRO A 18 23.88 -25.75 -39.38
CA PRO A 18 23.09 -26.97 -39.28
C PRO A 18 21.70 -26.71 -38.66
N GLN A 19 20.86 -27.75 -38.64
CA GLN A 19 19.60 -27.78 -37.90
C GLN A 19 19.78 -28.33 -36.48
N LEU A 20 18.85 -27.97 -35.59
CA LEU A 20 18.76 -28.53 -34.23
C LEU A 20 17.86 -29.78 -34.18
N GLU A 21 18.07 -30.60 -33.15
CA GLU A 21 17.57 -31.98 -33.06
C GLU A 21 16.08 -32.09 -32.64
N SER A 22 15.55 -33.31 -32.75
CA SER A 22 14.21 -33.69 -32.29
C SER A 22 14.26 -34.52 -30.99
N ASN A 23 13.40 -34.20 -30.03
CA ASN A 23 13.23 -34.92 -28.76
C ASN A 23 11.95 -35.78 -28.76
N GLN A 24 11.91 -36.82 -27.93
CA GLN A 24 10.93 -37.90 -27.97
C GLN A 24 10.41 -38.31 -26.58
N GLY A 25 9.25 -38.96 -26.53
CA GLY A 25 8.64 -39.50 -25.31
C GLY A 25 7.99 -38.46 -24.39
N ALA A 26 7.37 -38.94 -23.31
CA ALA A 26 6.49 -38.18 -22.42
C ALA A 26 7.20 -37.19 -21.47
N ARG A 27 6.41 -36.28 -20.89
CA ARG A 27 6.74 -35.44 -19.71
C ARG A 27 5.45 -35.02 -18.99
N GLY A 28 5.56 -34.38 -17.83
CA GLY A 28 4.42 -33.75 -17.16
C GLY A 28 4.79 -32.97 -15.90
N SER A 29 3.84 -32.25 -15.32
CA SER A 29 3.95 -31.56 -14.03
C SER A 29 2.56 -31.34 -13.42
N GLY A 30 2.29 -31.94 -12.26
CA GLY A 30 0.99 -31.98 -11.61
C GLY A 30 0.34 -30.60 -11.39
N SER A 31 -1.00 -30.56 -11.45
CA SER A 31 -1.79 -29.34 -11.64
C SER A 31 -2.84 -29.10 -10.55
N ALA A 32 -3.30 -27.85 -10.42
CA ALA A 32 -4.38 -27.44 -9.53
C ALA A 32 -5.75 -27.36 -10.24
N ASN A 33 -6.83 -27.25 -9.45
CA ASN A 33 -8.17 -26.84 -9.89
C ASN A 33 -8.92 -26.20 -8.71
N SER A 34 -8.95 -24.87 -8.66
CA SER A 34 -9.25 -24.11 -7.44
C SER A 34 -10.70 -23.65 -7.25
N VAL A 35 -11.06 -23.40 -5.99
CA VAL A 35 -12.32 -22.77 -5.55
C VAL A 35 -12.06 -21.67 -4.50
N GLY A 36 -11.48 -22.02 -3.35
CA GLY A 36 -11.02 -21.08 -2.31
C GLY A 36 -12.13 -20.28 -1.59
N SER A 37 -11.71 -19.30 -0.77
CA SER A 37 -12.59 -18.38 -0.04
C SER A 37 -11.89 -17.09 0.38
N SER A 38 -12.67 -16.05 0.70
CA SER A 38 -12.18 -14.76 1.23
C SER A 38 -11.88 -14.75 2.75
N THR A 39 -12.12 -15.85 3.48
CA THR A 39 -12.15 -15.85 4.96
C THR A 39 -10.77 -15.71 5.62
N THR A 40 -9.69 -16.11 4.94
CA THR A 40 -8.32 -15.78 5.34
C THR A 40 -8.08 -14.27 5.23
N ARG A 41 -7.74 -13.59 6.34
CA ARG A 41 -7.64 -12.12 6.46
C ARG A 41 -6.43 -11.67 7.30
N PRO A 42 -5.81 -10.51 7.00
CA PRO A 42 -4.78 -9.89 7.83
C PRO A 42 -5.34 -9.31 9.14
N LYS A 43 -4.45 -8.94 10.07
CA LYS A 43 -4.77 -8.34 11.38
C LYS A 43 -4.03 -7.01 11.64
N SER A 44 -2.77 -6.89 11.21
CA SER A 44 -1.92 -5.72 11.47
C SER A 44 -2.49 -4.44 10.83
N PRO A 45 -2.44 -3.27 11.51
CA PRO A 45 -2.87 -1.99 10.94
C PRO A 45 -1.86 -1.46 9.90
N TRP A 46 -2.34 -0.63 8.96
CA TRP A 46 -1.49 -0.01 7.92
C TRP A 46 -0.46 0.97 8.52
N MET A 47 0.72 1.03 7.90
CA MET A 47 1.92 1.69 8.41
C MET A 47 1.73 3.20 8.70
N PRO A 48 2.12 3.70 9.89
CA PRO A 48 2.21 5.13 10.18
C PRO A 48 3.38 5.87 9.51
N PHE A 49 4.54 5.20 9.30
CA PHE A 49 5.67 5.74 8.54
C PHE A 49 5.34 5.82 7.02
N PRO A 50 5.93 6.74 6.24
CA PRO A 50 5.66 6.86 4.80
C PRO A 50 6.04 5.60 4.00
N THR A 51 5.02 4.88 3.52
CA THR A 51 5.14 3.68 2.65
C THR A 51 3.85 3.41 1.84
N LEU A 52 2.70 3.98 2.21
CA LEU A 52 1.39 3.74 1.56
C LEU A 52 1.40 3.96 0.04
N PHE A 53 2.11 5.00 -0.42
CA PHE A 53 2.28 5.29 -1.84
C PHE A 53 3.49 4.56 -2.46
N ALA A 54 4.51 4.24 -1.67
CA ALA A 54 5.72 3.56 -2.12
C ALA A 54 5.49 2.06 -2.43
N ALA A 55 4.59 1.39 -1.71
CA ALA A 55 4.19 0.01 -1.98
C ALA A 55 3.30 -0.17 -3.23
N ILE A 56 2.76 0.94 -3.77
CA ILE A 56 1.83 0.96 -4.91
C ILE A 56 2.32 1.81 -6.09
N SER A 57 3.44 2.54 -5.99
CA SER A 57 4.03 3.28 -7.12
C SER A 57 4.31 2.36 -8.34
N HIS A 58 4.65 1.08 -8.12
CA HIS A 58 4.79 0.08 -9.18
C HIS A 58 3.45 -0.41 -9.80
N LYS A 59 2.30 0.07 -9.28
CA LYS A 59 0.92 -0.36 -9.62
C LYS A 59 0.01 0.78 -10.11
N VAL A 60 0.19 1.99 -9.57
CA VAL A 60 -0.58 3.20 -9.93
C VAL A 60 0.13 3.98 -11.03
N ALA A 61 -0.63 4.69 -11.88
CA ALA A 61 -0.07 5.56 -12.90
C ALA A 61 0.63 6.78 -12.29
N GLU A 62 1.67 7.30 -12.94
CA GLU A 62 2.49 8.40 -12.41
C GLU A 62 1.68 9.68 -12.17
N ASN A 63 0.87 10.07 -13.15
CA ASN A 63 -0.06 11.21 -13.05
C ASN A 63 -1.23 10.94 -12.09
N ASP A 64 -1.60 9.68 -11.89
CA ASP A 64 -2.64 9.23 -10.97
C ASP A 64 -2.17 9.31 -9.50
N MET A 65 -1.02 8.72 -9.17
CA MET A 65 -0.40 8.87 -7.85
C MET A 65 0.08 10.31 -7.55
N LEU A 66 0.21 11.17 -8.56
CA LEU A 66 0.49 12.61 -8.41
C LEU A 66 -0.78 13.36 -7.97
N LEU A 67 -1.92 13.04 -8.57
CA LEU A 67 -3.24 13.48 -8.16
C LEU A 67 -3.47 13.10 -6.68
N ILE A 68 -3.11 11.87 -6.31
CA ILE A 68 -3.21 11.38 -4.93
C ILE A 68 -2.29 12.18 -3.98
N ASN A 69 -0.99 12.34 -4.30
CA ASN A 69 -0.06 13.10 -3.46
C ASN A 69 -0.54 14.53 -3.22
N ALA A 70 -1.08 15.19 -4.25
CA ALA A 70 -1.64 16.54 -4.15
C ALA A 70 -2.87 16.63 -3.23
N ASP A 71 -3.78 15.65 -3.30
CA ASP A 71 -4.96 15.57 -2.43
C ASP A 71 -4.61 15.16 -0.99
N TYR A 72 -3.60 14.30 -0.81
CA TYR A 72 -3.05 13.95 0.50
C TYR A 72 -2.36 15.14 1.19
N GLN A 73 -1.60 15.94 0.44
CA GLN A 73 -0.94 17.13 0.98
C GLN A 73 -1.94 18.23 1.39
N GLN A 74 -3.04 18.43 0.63
CA GLN A 74 -4.06 19.41 1.04
C GLN A 74 -4.96 18.89 2.19
N LEU A 75 -5.00 17.56 2.41
CA LEU A 75 -5.43 16.96 3.70
C LEU A 75 -4.59 17.53 4.86
N ARG A 76 -3.25 17.47 4.74
CA ARG A 76 -2.31 17.95 5.77
C ARG A 76 -2.40 19.47 5.96
N ASP A 77 -2.70 20.22 4.90
CA ASP A 77 -2.97 21.66 4.90
C ASP A 77 -4.41 22.05 5.33
N LYS A 78 -5.20 21.09 5.83
CA LYS A 78 -6.56 21.27 6.35
C LYS A 78 -7.58 21.84 5.35
N LYS A 79 -7.34 21.66 4.03
CA LYS A 79 -8.31 21.94 2.95
C LYS A 79 -9.39 20.85 2.81
N MET A 80 -9.09 19.67 3.37
CA MET A 80 -9.88 18.45 3.29
C MET A 80 -9.57 17.55 4.50
N THR A 81 -10.53 16.72 4.91
CA THR A 81 -10.35 15.69 5.96
C THR A 81 -9.74 14.42 5.37
N ARG A 82 -9.05 13.60 6.19
CA ARG A 82 -8.45 12.35 5.71
C ARG A 82 -9.47 11.43 5.05
N ALA A 83 -10.61 11.22 5.72
CA ALA A 83 -11.65 10.35 5.19
C ALA A 83 -12.14 10.78 3.78
N GLU A 84 -12.33 12.08 3.52
CA GLU A 84 -12.77 12.56 2.20
C GLU A 84 -11.76 12.22 1.07
N PHE A 85 -10.45 12.28 1.33
CA PHE A 85 -9.44 11.84 0.36
C PHE A 85 -9.39 10.30 0.24
N VAL A 86 -9.52 9.55 1.34
CA VAL A 86 -9.56 8.07 1.29
C VAL A 86 -10.78 7.58 0.49
N ARG A 87 -11.92 8.29 0.57
CA ARG A 87 -13.13 8.05 -0.23
C ARG A 87 -12.97 8.33 -1.73
N LYS A 88 -11.90 9.01 -2.17
CA LYS A 88 -11.43 8.97 -3.57
C LYS A 88 -10.28 7.98 -3.83
N LEU A 89 -9.50 7.61 -2.80
CA LEU A 89 -8.37 6.68 -2.98
C LEU A 89 -8.89 5.29 -3.38
N ARG A 90 -10.05 4.89 -2.85
CA ARG A 90 -10.75 3.66 -3.21
C ARG A 90 -11.37 3.69 -4.62
N VAL A 91 -11.70 4.87 -5.20
CA VAL A 91 -12.12 4.96 -6.61
C VAL A 91 -10.94 4.96 -7.60
N ILE A 92 -9.79 5.51 -7.19
CA ILE A 92 -8.55 5.54 -8.01
C ILE A 92 -7.84 4.17 -7.98
N VAL A 93 -7.67 3.56 -6.80
CA VAL A 93 -6.80 2.39 -6.59
C VAL A 93 -7.55 1.14 -6.11
N GLY A 94 -8.63 1.31 -5.35
CA GLY A 94 -9.39 0.22 -4.71
C GLY A 94 -8.81 -0.17 -3.34
N ASP A 95 -9.63 -0.08 -2.29
CA ASP A 95 -9.18 -0.31 -0.90
C ASP A 95 -8.79 -1.78 -0.60
N ASP A 96 -9.33 -2.71 -1.38
CA ASP A 96 -8.99 -4.14 -1.39
C ASP A 96 -7.52 -4.42 -1.78
N LEU A 97 -6.94 -3.57 -2.63
CA LEU A 97 -5.52 -3.66 -3.02
C LEU A 97 -4.62 -3.32 -1.82
N LEU A 98 -5.00 -2.29 -1.06
CA LEU A 98 -4.30 -1.83 0.15
C LEU A 98 -4.44 -2.82 1.32
N ARG A 99 -5.60 -3.46 1.50
CA ARG A 99 -5.78 -4.58 2.45
C ARG A 99 -4.80 -5.72 2.13
N SER A 100 -4.67 -6.06 0.85
CA SER A 100 -3.81 -7.15 0.38
C SER A 100 -2.31 -6.82 0.43
N THR A 101 -1.91 -5.57 0.68
CA THR A 101 -0.50 -5.24 0.96
C THR A 101 -0.06 -5.74 2.34
N ILE A 102 -0.96 -5.83 3.34
CA ILE A 102 -0.57 -6.13 4.74
C ILE A 102 0.19 -7.46 4.84
N THR A 103 -0.31 -8.52 4.21
CA THR A 103 0.36 -9.84 4.22
C THR A 103 1.79 -9.77 3.66
N THR A 104 2.02 -8.95 2.63
CA THR A 104 3.35 -8.67 2.06
C THR A 104 4.23 -7.89 3.05
N LEU A 105 3.68 -6.88 3.73
CA LEU A 105 4.35 -6.12 4.81
C LEU A 105 4.66 -6.99 6.06
N GLN A 106 4.06 -8.18 6.18
CA GLN A 106 4.40 -9.19 7.18
C GLN A 106 5.27 -10.34 6.62
N ASN A 107 5.92 -10.14 5.47
CA ASN A 107 6.92 -11.05 4.88
C ASN A 107 8.20 -10.30 4.49
N GLN A 108 8.08 -9.19 3.76
CA GLN A 108 9.16 -8.23 3.51
C GLN A 108 9.43 -7.39 4.78
N PRO A 109 10.64 -6.79 4.93
CA PRO A 109 10.92 -5.87 6.02
C PRO A 109 10.17 -4.54 5.84
N LYS A 110 9.66 -3.99 6.94
CA LYS A 110 8.93 -2.71 7.02
C LYS A 110 9.90 -1.56 7.30
N SER A 111 10.06 -0.64 6.36
CA SER A 111 10.90 0.56 6.49
C SER A 111 10.35 1.50 7.56
N LYS A 112 11.18 1.92 8.54
CA LYS A 112 10.83 2.98 9.51
C LYS A 112 12.04 3.67 10.16
N GLU A 113 11.83 4.93 10.54
CA GLU A 113 12.58 5.64 11.59
C GLU A 113 11.65 6.61 12.34
N ILE A 114 12.03 7.02 13.55
CA ILE A 114 11.21 7.87 14.44
C ILE A 114 11.07 9.32 13.91
N PRO A 115 9.87 9.94 13.99
CA PRO A 115 9.66 11.35 13.64
C PRO A 115 10.34 12.26 14.67
N GLY A 116 10.75 13.46 14.26
CA GLY A 116 11.75 14.29 14.94
C GLY A 116 11.50 14.48 16.45
N SER A 117 12.24 13.74 17.28
CA SER A 117 12.03 13.60 18.73
C SER A 117 13.36 13.39 19.49
N ILE A 118 13.61 14.25 20.47
CA ILE A 118 14.76 14.28 21.41
C ILE A 118 16.16 14.43 20.78
N ARG A 119 16.99 15.28 21.39
CA ARG A 119 18.39 15.54 21.01
C ARG A 119 19.26 15.90 22.22
N ASP A 120 20.58 15.83 22.03
CA ASP A 120 21.60 16.33 22.95
C ASP A 120 21.68 17.87 22.86
N HIS A 121 20.98 18.56 23.76
CA HIS A 121 20.91 20.02 23.82
C HIS A 121 21.25 20.52 25.23
N GLU A 122 22.29 21.34 25.29
CA GLU A 122 23.02 21.76 26.47
C GLU A 122 22.37 22.91 27.25
N GLU A 123 22.79 23.11 28.49
CA GLU A 123 22.40 24.27 29.31
C GLU A 123 23.12 25.55 28.87
N GLY A 124 24.42 25.47 28.59
CA GLY A 124 25.27 26.63 28.26
C GLY A 124 24.89 27.38 26.98
N ALA A 125 25.30 28.65 26.88
CA ALA A 125 24.92 29.56 25.80
C ALA A 125 25.94 30.71 25.61
N GLY A 126 25.68 31.62 24.67
CA GLY A 126 26.40 32.89 24.54
C GLY A 126 27.82 32.80 23.96
N GLY A 127 28.16 31.72 23.26
CA GLY A 127 29.51 31.44 22.75
C GLY A 127 29.97 32.25 21.52
N LEU A 128 29.31 33.37 21.18
CA LEU A 128 29.58 34.20 20.00
C LEU A 128 30.62 35.29 20.28
N GLY A 1 -9.86 46.41 -89.76
CA GLY A 1 -8.47 46.01 -89.48
C GLY A 1 -8.44 44.91 -88.44
N SER A 2 -7.43 44.92 -87.56
CA SER A 2 -7.15 43.85 -86.60
C SER A 2 -6.46 44.39 -85.32
N PRO A 3 -6.84 43.93 -84.11
CA PRO A 3 -6.36 44.49 -82.83
C PRO A 3 -4.91 44.12 -82.46
N GLU A 4 -4.09 43.65 -83.40
CA GLU A 4 -2.67 43.31 -83.18
C GLU A 4 -2.45 42.19 -82.14
N PHE A 5 -3.40 41.28 -82.01
CA PHE A 5 -3.50 40.24 -80.98
C PHE A 5 -3.58 40.78 -79.54
N MET A 6 -3.94 42.06 -79.33
CA MET A 6 -3.99 42.70 -78.02
C MET A 6 -5.29 42.43 -77.26
N GLY A 7 -5.18 41.75 -76.10
CA GLY A 7 -6.28 41.56 -75.15
C GLY A 7 -6.41 42.71 -74.15
N VAL A 8 -7.25 42.53 -73.15
CA VAL A 8 -7.46 43.49 -72.04
C VAL A 8 -6.99 42.93 -70.70
N THR A 9 -6.56 43.78 -69.77
CA THR A 9 -6.22 43.39 -68.39
C THR A 9 -7.47 42.91 -67.65
N LEU A 10 -7.36 41.81 -66.91
CA LEU A 10 -8.49 41.08 -66.31
C LEU A 10 -8.62 41.26 -64.79
N GLU A 11 -7.57 41.72 -64.09
CA GLU A 11 -7.48 41.64 -62.63
C GLU A 11 -7.08 42.95 -61.93
N GLY A 12 -7.78 43.22 -60.83
CA GLY A 12 -7.47 44.26 -59.84
C GLY A 12 -6.86 43.72 -58.54
N PRO A 13 -6.29 44.58 -57.68
CA PRO A 13 -5.73 44.19 -56.39
C PRO A 13 -6.80 43.72 -55.40
N LYS A 14 -6.38 42.94 -54.39
CA LYS A 14 -7.20 42.41 -53.27
C LYS A 14 -6.37 42.26 -51.99
N ASP A 15 -6.99 42.57 -50.84
CA ASP A 15 -6.41 42.59 -49.48
C ASP A 15 -7.53 42.78 -48.45
N LEU A 16 -7.82 41.80 -47.56
CA LEU A 16 -8.65 42.02 -46.37
C LEU A 16 -8.46 40.93 -45.27
N PRO A 17 -8.59 41.29 -43.98
CA PRO A 17 -8.51 40.34 -42.87
C PRO A 17 -9.62 39.28 -42.91
N PRO A 18 -9.36 38.03 -42.49
CA PRO A 18 -10.39 36.99 -42.41
C PRO A 18 -11.30 37.22 -41.19
N GLN A 19 -12.53 36.68 -41.23
CA GLN A 19 -13.47 36.73 -40.10
C GLN A 19 -12.99 35.90 -38.88
N LEU A 20 -12.06 34.96 -39.10
CA LEU A 20 -11.27 34.25 -38.08
C LEU A 20 -9.90 33.88 -38.68
N GLU A 21 -8.81 34.06 -37.96
CA GLU A 21 -7.45 33.75 -38.46
C GLU A 21 -7.18 32.25 -38.55
N SER A 22 -6.18 31.86 -39.36
CA SER A 22 -5.97 30.47 -39.79
C SER A 22 -5.51 29.49 -38.70
N ASN A 23 -5.02 30.00 -37.55
CA ASN A 23 -4.60 29.22 -36.38
C ASN A 23 -4.75 30.00 -35.05
N GLN A 24 -4.77 29.27 -33.92
CA GLN A 24 -4.71 29.82 -32.56
C GLN A 24 -3.27 30.04 -32.09
N GLY A 25 -3.02 31.10 -31.30
CA GLY A 25 -1.69 31.47 -30.82
C GLY A 25 -1.41 31.12 -29.35
N ALA A 26 -0.18 30.67 -29.08
CA ALA A 26 0.33 30.40 -27.74
C ALA A 26 0.74 31.69 -27.02
N ARG A 27 0.43 31.81 -25.73
CA ARG A 27 0.58 33.04 -24.92
C ARG A 27 0.96 32.81 -23.45
N GLY A 28 0.69 31.65 -22.85
CA GLY A 28 1.09 31.36 -21.46
C GLY A 28 0.60 30.02 -20.88
N SER A 29 1.45 29.40 -20.08
CA SER A 29 1.18 28.14 -19.35
C SER A 29 1.94 28.12 -18.01
N GLY A 30 1.37 27.45 -17.00
CA GLY A 30 1.90 27.40 -15.64
C GLY A 30 2.91 26.28 -15.38
N SER A 31 3.87 26.55 -14.48
CA SER A 31 4.85 25.59 -13.93
C SER A 31 4.31 24.83 -12.70
N ALA A 32 4.98 23.74 -12.29
CA ALA A 32 4.50 22.80 -11.27
C ALA A 32 5.62 22.10 -10.48
N ASN A 33 5.34 21.74 -9.22
CA ASN A 33 6.23 21.01 -8.32
C ASN A 33 5.50 19.99 -7.41
N SER A 34 6.21 18.94 -6.94
CA SER A 34 5.76 17.99 -5.91
C SER A 34 6.91 17.09 -5.40
N VAL A 35 7.11 17.03 -4.08
CA VAL A 35 8.04 16.08 -3.42
C VAL A 35 7.63 15.71 -1.98
N GLY A 36 6.92 16.58 -1.29
CA GLY A 36 6.49 16.42 0.11
C GLY A 36 7.57 16.79 1.13
N SER A 37 7.14 17.21 2.32
CA SER A 37 7.99 17.60 3.45
C SER A 37 7.38 17.15 4.79
N SER A 38 8.22 16.65 5.70
CA SER A 38 7.86 16.08 7.03
C SER A 38 6.78 14.97 6.99
N THR A 39 6.65 14.27 5.86
CA THR A 39 5.49 13.39 5.57
C THR A 39 5.54 12.09 6.39
N THR A 40 4.49 11.87 7.19
CA THR A 40 4.19 10.63 7.93
C THR A 40 2.69 10.38 7.93
N ARG A 41 2.23 9.23 8.44
CA ARG A 41 0.81 8.84 8.54
C ARG A 41 0.40 8.63 10.01
N PRO A 42 -0.04 9.68 10.74
CA PRO A 42 -0.42 9.57 12.15
C PRO A 42 -1.65 8.67 12.36
N LYS A 43 -1.70 8.04 13.54
CA LYS A 43 -2.61 6.93 13.91
C LYS A 43 -2.41 5.66 13.07
N SER A 44 -2.61 4.51 13.71
CA SER A 44 -2.39 3.17 13.17
C SER A 44 -0.92 2.95 12.72
N PRO A 45 0.05 2.88 13.66
CA PRO A 45 1.48 2.71 13.37
C PRO A 45 1.84 1.28 12.94
N TRP A 46 1.26 0.86 11.83
CA TRP A 46 1.62 -0.32 11.04
C TRP A 46 3.14 -0.43 10.77
N MET A 47 3.81 0.71 10.54
CA MET A 47 5.26 0.95 10.44
C MET A 47 5.48 2.48 10.59
N PRO A 48 6.70 2.99 10.86
CA PRO A 48 6.93 4.42 11.06
C PRO A 48 6.88 5.26 9.77
N PHE A 49 6.97 4.64 8.58
CA PHE A 49 7.07 5.32 7.27
C PHE A 49 5.77 5.22 6.44
N PRO A 50 5.37 6.28 5.68
CA PRO A 50 4.18 6.26 4.81
C PRO A 50 4.45 5.47 3.51
N THR A 51 4.47 4.14 3.61
CA THR A 51 4.89 3.21 2.54
C THR A 51 3.88 3.05 1.39
N LEU A 52 2.59 3.33 1.62
CA LEU A 52 1.48 2.88 0.76
C LEU A 52 1.63 3.31 -0.71
N PHE A 53 1.86 4.60 -0.97
CA PHE A 53 1.97 5.14 -2.33
C PHE A 53 3.20 4.63 -3.09
N ALA A 54 4.29 4.30 -2.40
CA ALA A 54 5.49 3.76 -3.02
C ALA A 54 5.28 2.32 -3.55
N ALA A 55 4.56 1.48 -2.80
CA ALA A 55 4.27 0.09 -3.19
C ALA A 55 3.23 -0.06 -4.32
N ILE A 56 2.38 0.94 -4.56
CA ILE A 56 1.44 0.97 -5.69
C ILE A 56 1.94 1.80 -6.88
N SER A 57 3.10 2.47 -6.77
CA SER A 57 3.72 3.24 -7.86
C SER A 57 3.89 2.44 -9.15
N HIS A 58 4.13 1.13 -9.07
CA HIS A 58 4.23 0.21 -10.21
C HIS A 58 2.87 -0.30 -10.74
N LYS A 59 1.76 -0.02 -10.02
CA LYS A 59 0.39 -0.53 -10.27
C LYS A 59 -0.60 0.57 -10.70
N VAL A 60 -0.24 1.84 -10.47
CA VAL A 60 -1.01 3.08 -10.74
C VAL A 60 -0.24 3.96 -11.72
N ALA A 61 -0.93 4.74 -12.56
CA ALA A 61 -0.27 5.61 -13.53
C ALA A 61 0.40 6.83 -12.87
N GLU A 62 1.42 7.41 -13.53
CA GLU A 62 2.33 8.38 -12.92
C GLU A 62 1.63 9.66 -12.46
N ASN A 63 0.81 10.27 -13.32
CA ASN A 63 0.00 11.45 -12.98
C ASN A 63 -1.22 11.10 -12.09
N ASP A 64 -1.62 9.82 -12.05
CA ASP A 64 -2.73 9.34 -11.23
C ASP A 64 -2.30 9.25 -9.75
N MET A 65 -1.22 8.52 -9.44
CA MET A 65 -0.66 8.49 -8.08
C MET A 65 -0.12 9.87 -7.61
N LEU A 66 0.19 10.78 -8.53
CA LEU A 66 0.60 12.15 -8.23
C LEU A 66 -0.57 13.00 -7.68
N LEU A 67 -1.77 12.76 -8.22
CA LEU A 67 -3.03 13.32 -7.72
C LEU A 67 -3.29 12.83 -6.30
N ILE A 68 -3.02 11.54 -6.03
CA ILE A 68 -3.16 10.95 -4.70
C ILE A 68 -2.14 11.55 -3.71
N ASN A 69 -0.88 11.70 -4.11
CA ASN A 69 0.16 12.32 -3.28
C ASN A 69 -0.29 13.73 -2.82
N ALA A 70 -0.91 14.48 -3.72
CA ALA A 70 -1.45 15.83 -3.50
C ALA A 70 -2.71 15.86 -2.63
N ASP A 71 -3.63 14.90 -2.80
CA ASP A 71 -4.81 14.75 -1.96
C ASP A 71 -4.41 14.46 -0.50
N TYR A 72 -3.36 13.67 -0.29
CA TYR A 72 -2.81 13.41 1.02
C TYR A 72 -2.15 14.66 1.65
N GLN A 73 -1.29 15.36 0.89
CA GLN A 73 -0.64 16.58 1.36
C GLN A 73 -1.61 17.74 1.62
N GLN A 74 -2.76 17.83 0.93
CA GLN A 74 -3.79 18.86 1.23
C GLN A 74 -4.73 18.46 2.40
N LEU A 75 -4.87 17.16 2.71
CA LEU A 75 -5.36 16.71 4.03
C LEU A 75 -4.49 17.33 5.14
N ARG A 76 -3.16 17.25 5.02
CA ARG A 76 -2.22 17.84 6.00
C ARG A 76 -2.32 19.36 6.07
N ASP A 77 -2.60 20.03 4.94
CA ASP A 77 -2.89 21.47 4.82
C ASP A 77 -4.31 21.87 5.32
N LYS A 78 -5.02 20.95 6.00
CA LYS A 78 -6.39 21.06 6.54
C LYS A 78 -7.49 21.31 5.49
N LYS A 79 -7.18 21.24 4.19
CA LYS A 79 -8.10 21.46 3.05
C LYS A 79 -9.12 20.33 2.86
N MET A 80 -8.85 19.19 3.46
CA MET A 80 -9.63 17.95 3.36
C MET A 80 -9.49 17.10 4.64
N THR A 81 -10.51 16.34 4.97
CA THR A 81 -10.50 15.35 6.07
C THR A 81 -9.92 14.00 5.64
N ARG A 82 -9.52 13.18 6.60
CA ARG A 82 -8.89 11.87 6.36
C ARG A 82 -9.84 10.94 5.60
N ALA A 83 -11.10 10.84 6.01
CA ALA A 83 -12.10 10.01 5.36
C ALA A 83 -12.46 10.48 3.94
N GLU A 84 -12.42 11.79 3.67
CA GLU A 84 -12.70 12.37 2.34
C GLU A 84 -11.66 11.96 1.29
N PHE A 85 -10.36 12.01 1.61
CA PHE A 85 -9.31 11.64 0.64
C PHE A 85 -9.31 10.12 0.38
N VAL A 86 -9.64 9.29 1.38
CA VAL A 86 -9.79 7.83 1.22
C VAL A 86 -10.86 7.49 0.19
N ARG A 87 -11.95 8.28 0.08
CA ARG A 87 -12.95 8.13 -0.99
C ARG A 87 -12.37 8.38 -2.38
N LYS A 88 -11.53 9.41 -2.55
CA LYS A 88 -10.81 9.66 -3.81
C LYS A 88 -9.78 8.57 -4.13
N LEU A 89 -9.20 7.94 -3.10
CA LEU A 89 -8.10 6.98 -3.23
C LEU A 89 -8.59 5.64 -3.78
N ARG A 90 -9.62 5.08 -3.14
CA ARG A 90 -10.19 3.77 -3.50
C ARG A 90 -10.85 3.75 -4.88
N VAL A 91 -11.31 4.90 -5.37
CA VAL A 91 -11.80 5.07 -6.75
C VAL A 91 -10.71 4.79 -7.79
N ILE A 92 -9.45 5.11 -7.46
CA ILE A 92 -8.27 4.90 -8.32
C ILE A 92 -7.65 3.50 -8.10
N VAL A 93 -7.62 3.03 -6.85
CA VAL A 93 -6.72 1.95 -6.38
C VAL A 93 -7.43 0.63 -6.00
N GLY A 94 -8.69 0.71 -5.54
CA GLY A 94 -9.43 -0.38 -4.91
C GLY A 94 -9.10 -0.58 -3.42
N ASP A 95 -10.12 -0.66 -2.58
CA ASP A 95 -9.99 -0.75 -1.11
C ASP A 95 -9.61 -2.16 -0.59
N ASP A 96 -9.53 -3.16 -1.46
CA ASP A 96 -8.86 -4.44 -1.18
C ASP A 96 -7.34 -4.40 -1.43
N LEU A 97 -6.86 -3.57 -2.37
CA LEU A 97 -5.43 -3.48 -2.69
C LEU A 97 -4.64 -2.88 -1.52
N LEU A 98 -5.27 -1.97 -0.76
CA LEU A 98 -4.76 -1.47 0.52
C LEU A 98 -4.47 -2.64 1.48
N ARG A 99 -5.46 -3.45 1.85
CA ARG A 99 -5.25 -4.62 2.75
C ARG A 99 -4.26 -5.64 2.21
N SER A 100 -4.28 -5.92 0.90
CA SER A 100 -3.29 -6.80 0.24
C SER A 100 -1.86 -6.26 0.38
N THR A 101 -1.68 -4.92 0.36
CA THR A 101 -0.39 -4.30 0.68
C THR A 101 -0.10 -4.39 2.18
N ILE A 102 -1.05 -4.12 3.09
CA ILE A 102 -0.81 -4.13 4.55
C ILE A 102 -0.26 -5.49 4.99
N THR A 103 -0.93 -6.59 4.64
CA THR A 103 -0.49 -7.93 5.03
C THR A 103 0.93 -8.24 4.51
N THR A 104 1.22 -7.82 3.27
CA THR A 104 2.53 -8.02 2.62
C THR A 104 3.63 -7.18 3.28
N LEU A 105 3.33 -5.93 3.66
CA LEU A 105 4.22 -5.01 4.37
C LEU A 105 4.47 -5.47 5.83
N GLN A 106 3.52 -6.14 6.47
CA GLN A 106 3.73 -6.77 7.78
C GLN A 106 4.52 -8.10 7.71
N ASN A 107 4.45 -8.81 6.59
CA ASN A 107 5.25 -10.00 6.32
C ASN A 107 6.75 -9.69 6.03
N GLN A 108 7.11 -8.43 5.74
CA GLN A 108 8.49 -8.01 5.51
C GLN A 108 9.40 -8.21 6.73
N PRO A 109 10.72 -8.45 6.51
CA PRO A 109 11.73 -8.48 7.56
C PRO A 109 11.96 -7.08 8.15
N LYS A 110 12.49 -7.03 9.37
CA LYS A 110 13.05 -5.82 10.00
C LYS A 110 14.10 -6.16 11.07
N SER A 111 15.11 -5.30 11.23
CA SER A 111 16.17 -5.44 12.24
C SER A 111 15.66 -5.37 13.68
N LYS A 112 14.48 -4.79 13.93
CA LYS A 112 13.84 -4.74 15.26
C LYS A 112 13.50 -6.11 15.86
N GLU A 113 13.17 -7.09 15.05
CA GLU A 113 12.67 -8.38 15.54
C GLU A 113 13.80 -9.32 15.98
N ILE A 114 13.77 -9.77 17.25
CA ILE A 114 14.77 -10.66 17.83
C ILE A 114 14.51 -12.12 17.41
N PRO A 115 15.57 -12.88 17.07
CA PRO A 115 15.46 -14.21 16.45
C PRO A 115 14.78 -15.29 17.31
N GLY A 116 14.63 -15.08 18.63
CA GLY A 116 13.81 -15.91 19.52
C GLY A 116 14.00 -15.57 20.99
N SER A 117 12.93 -15.63 21.80
CA SER A 117 12.95 -15.24 23.23
C SER A 117 12.14 -16.16 24.15
N ILE A 118 10.92 -16.52 23.76
CA ILE A 118 9.92 -17.21 24.60
C ILE A 118 9.92 -18.73 24.41
N ARG A 119 9.53 -19.47 25.47
CA ARG A 119 9.63 -20.93 25.60
C ARG A 119 8.43 -21.59 26.31
N ASP A 120 8.35 -22.91 26.20
CA ASP A 120 7.42 -23.81 26.91
C ASP A 120 8.10 -24.44 28.15
N HIS A 121 7.29 -24.96 29.09
CA HIS A 121 7.73 -25.80 30.20
C HIS A 121 8.02 -27.23 29.67
N GLU A 122 9.08 -27.34 28.87
CA GLU A 122 9.32 -28.45 27.94
C GLU A 122 10.10 -29.64 28.52
N GLU A 123 9.98 -30.80 27.88
CA GLU A 123 10.77 -32.02 28.16
C GLU A 123 10.85 -32.97 26.95
N GLY A 124 11.86 -33.85 26.97
CA GLY A 124 12.14 -34.85 25.93
C GLY A 124 12.80 -36.11 26.50
N ALA A 125 13.32 -36.99 25.64
CA ALA A 125 14.04 -38.20 26.05
C ALA A 125 15.42 -37.89 26.66
N GLY A 126 15.82 -38.65 27.69
CA GLY A 126 17.08 -38.43 28.42
C GLY A 126 18.36 -38.78 27.65
N GLY A 127 18.25 -39.54 26.55
CA GLY A 127 19.31 -39.78 25.57
C GLY A 127 20.31 -40.91 25.88
N LEU A 128 20.15 -41.62 27.00
CA LEU A 128 21.06 -42.67 27.50
C LEU A 128 20.34 -43.95 27.93
N GLY A 1 48.48 -84.68 61.98
CA GLY A 1 48.06 -85.98 61.45
C GLY A 1 47.09 -85.81 60.30
N SER A 2 47.22 -86.66 59.28
CA SER A 2 46.57 -86.60 57.95
C SER A 2 46.94 -85.35 57.13
N PRO A 3 47.46 -85.49 55.88
CA PRO A 3 47.93 -84.36 55.08
C PRO A 3 46.80 -83.37 54.73
N GLU A 4 47.15 -82.10 54.51
CA GLU A 4 46.18 -81.08 54.08
C GLU A 4 45.73 -81.24 52.62
N PHE A 5 44.52 -80.77 52.33
CA PHE A 5 43.91 -80.77 51.00
C PHE A 5 44.70 -79.96 49.97
N MET A 6 44.83 -80.46 48.74
CA MET A 6 45.60 -79.85 47.65
C MET A 6 44.70 -79.64 46.42
N GLY A 7 44.18 -78.43 46.25
CA GLY A 7 43.23 -78.05 45.20
C GLY A 7 43.86 -77.44 43.94
N VAL A 8 43.04 -77.24 42.91
CA VAL A 8 43.40 -76.55 41.65
C VAL A 8 42.14 -76.06 40.92
N THR A 9 42.14 -74.81 40.44
CA THR A 9 41.09 -74.26 39.58
C THR A 9 41.28 -74.70 38.12
N LEU A 10 40.33 -75.49 37.62
CA LEU A 10 40.40 -76.16 36.31
C LEU A 10 39.92 -75.25 35.16
N GLU A 11 40.11 -75.74 33.93
CA GLU A 11 39.37 -75.26 32.76
C GLU A 11 38.08 -76.09 32.54
N GLY A 12 37.00 -75.39 32.19
CA GLY A 12 35.67 -75.95 31.92
C GLY A 12 35.36 -76.20 30.43
N PRO A 13 34.17 -76.73 30.11
CA PRO A 13 33.73 -77.00 28.74
C PRO A 13 33.54 -75.71 27.92
N LYS A 14 33.82 -75.80 26.61
CA LYS A 14 33.55 -74.75 25.61
C LYS A 14 32.17 -74.87 24.95
N ASP A 15 31.31 -75.76 25.44
CA ASP A 15 29.91 -75.87 25.01
C ASP A 15 29.05 -74.74 25.61
N LEU A 16 29.07 -73.60 24.93
CA LEU A 16 28.18 -72.46 25.18
C LEU A 16 26.85 -72.63 24.43
N PRO A 17 25.70 -72.17 25.00
CA PRO A 17 24.40 -72.20 24.34
C PRO A 17 24.36 -71.46 22.98
N PRO A 18 23.48 -71.86 22.03
CA PRO A 18 23.47 -71.32 20.67
C PRO A 18 22.96 -69.86 20.59
N GLN A 19 23.54 -69.09 19.67
CA GLN A 19 23.26 -67.65 19.47
C GLN A 19 22.41 -67.40 18.20
N LEU A 20 21.09 -67.30 18.38
CA LEU A 20 20.09 -67.26 17.31
C LEU A 20 19.90 -65.84 16.72
N GLU A 21 19.25 -65.77 15.55
CA GLU A 21 19.09 -64.53 14.78
C GLU A 21 18.06 -63.55 15.38
N SER A 22 18.13 -62.30 14.95
CA SER A 22 17.07 -61.29 15.12
C SER A 22 17.03 -60.31 13.92
N ASN A 23 15.83 -59.85 13.56
CA ASN A 23 15.58 -59.03 12.36
C ASN A 23 14.44 -58.01 12.58
N GLN A 24 14.61 -56.78 12.07
CA GLN A 24 13.65 -55.66 12.15
C GLN A 24 13.87 -54.64 11.01
N GLY A 25 12.93 -53.71 10.76
CA GLY A 25 13.03 -52.74 9.64
C GLY A 25 11.85 -51.75 9.43
N ALA A 26 11.15 -51.36 10.50
CA ALA A 26 9.95 -50.52 10.43
C ALA A 26 10.24 -49.00 10.25
N ARG A 27 9.43 -48.33 9.42
CA ARG A 27 9.51 -46.89 9.10
C ARG A 27 8.18 -46.38 8.57
N GLY A 28 7.81 -45.14 8.88
CA GLY A 28 6.52 -44.55 8.51
C GLY A 28 6.01 -43.48 9.47
N SER A 29 4.97 -42.75 9.07
CA SER A 29 4.36 -41.66 9.86
C SER A 29 2.90 -41.34 9.50
N GLY A 30 2.58 -41.29 8.19
CA GLY A 30 1.24 -40.94 7.67
C GLY A 30 1.26 -39.97 6.48
N SER A 31 2.38 -39.27 6.23
CA SER A 31 2.75 -38.49 5.03
C SER A 31 1.85 -37.31 4.59
N ALA A 32 0.63 -37.16 5.10
CA ALA A 32 -0.17 -35.96 4.90
C ALA A 32 0.41 -34.74 5.62
N ASN A 33 0.16 -33.54 5.09
CA ASN A 33 0.48 -32.28 5.77
C ASN A 33 -0.75 -31.61 6.39
N SER A 34 -0.59 -31.09 7.61
CA SER A 34 -1.63 -30.39 8.39
C SER A 34 -1.09 -29.26 9.29
N VAL A 35 0.21 -29.21 9.56
CA VAL A 35 0.90 -28.16 10.33
C VAL A 35 1.57 -27.15 9.41
N GLY A 36 1.23 -25.87 9.56
CA GLY A 36 1.98 -24.71 9.03
C GLY A 36 1.26 -23.91 7.95
N SER A 37 0.32 -24.49 7.19
CA SER A 37 -0.47 -23.74 6.20
C SER A 37 -1.38 -22.73 6.91
N SER A 38 -1.12 -21.44 6.69
CA SER A 38 -1.79 -20.32 7.37
C SER A 38 -1.57 -19.00 6.63
N THR A 39 -2.23 -17.92 7.08
CA THR A 39 -2.11 -16.54 6.56
C THR A 39 -1.78 -15.55 7.68
N THR A 40 -1.64 -14.27 7.34
CA THR A 40 -1.52 -13.15 8.31
C THR A 40 -2.25 -11.89 7.84
N ARG A 41 -3.14 -11.37 8.71
CA ARG A 41 -3.98 -10.16 8.58
C ARG A 41 -4.24 -9.54 9.97
N PRO A 42 -3.23 -8.97 10.66
CA PRO A 42 -3.34 -8.61 12.08
C PRO A 42 -4.23 -7.39 12.35
N LYS A 43 -4.37 -6.47 11.38
CA LYS A 43 -5.27 -5.32 11.41
C LYS A 43 -5.74 -4.90 10.01
N SER A 44 -6.82 -4.12 9.93
CA SER A 44 -7.38 -3.60 8.67
C SER A 44 -6.78 -2.26 8.18
N PRO A 45 -6.38 -1.30 9.06
CA PRO A 45 -5.72 -0.07 8.64
C PRO A 45 -4.29 -0.27 8.11
N TRP A 46 -3.88 0.63 7.22
CA TRP A 46 -2.50 0.77 6.78
C TRP A 46 -1.64 1.53 7.82
N MET A 47 -0.33 1.55 7.58
CA MET A 47 0.66 2.25 8.41
C MET A 47 0.53 3.78 8.24
N PRO A 48 0.86 4.61 9.25
CA PRO A 48 0.73 6.08 9.16
C PRO A 48 1.73 6.77 8.21
N PHE A 49 2.72 6.02 7.69
CA PHE A 49 3.82 6.55 6.88
C PHE A 49 3.37 6.97 5.45
N PRO A 50 4.04 7.95 4.80
CA PRO A 50 3.88 8.23 3.37
C PRO A 50 4.28 7.05 2.45
N THR A 51 4.97 6.05 3.00
CA THR A 51 5.33 4.76 2.36
C THR A 51 4.12 4.01 1.76
N LEU A 52 2.89 4.35 2.15
CA LEU A 52 1.66 3.85 1.51
C LEU A 52 1.68 4.05 -0.02
N PHE A 53 2.16 5.20 -0.50
CA PHE A 53 2.28 5.48 -1.93
C PHE A 53 3.46 4.76 -2.58
N ALA A 54 4.56 4.55 -1.86
CA ALA A 54 5.71 3.77 -2.36
C ALA A 54 5.33 2.30 -2.56
N ALA A 55 4.61 1.70 -1.60
CA ALA A 55 4.12 0.32 -1.64
C ALA A 55 3.06 0.02 -2.73
N ILE A 56 2.63 1.02 -3.50
CA ILE A 56 1.73 0.90 -4.67
C ILE A 56 2.30 1.59 -5.92
N SER A 57 3.46 2.25 -5.87
CA SER A 57 4.06 2.89 -7.06
C SER A 57 4.34 1.88 -8.18
N HIS A 58 4.67 0.63 -7.81
CA HIS A 58 4.82 -0.51 -8.72
C HIS A 58 3.47 -1.04 -9.31
N LYS A 59 2.34 -0.37 -9.02
CA LYS A 59 0.97 -0.71 -9.46
C LYS A 59 0.30 0.46 -10.18
N VAL A 60 0.22 1.62 -9.53
CA VAL A 60 -0.54 2.81 -9.97
C VAL A 60 0.16 3.55 -11.13
N ALA A 61 -0.61 4.25 -11.97
CA ALA A 61 -0.05 5.10 -13.01
C ALA A 61 0.54 6.40 -12.41
N GLU A 62 1.60 6.94 -13.01
CA GLU A 62 2.43 7.96 -12.37
C GLU A 62 1.67 9.28 -12.08
N ASN A 63 0.99 9.84 -13.08
CA ASN A 63 0.10 10.99 -12.89
C ASN A 63 -1.08 10.69 -11.93
N ASP A 64 -1.52 9.43 -11.90
CA ASP A 64 -2.60 8.92 -11.05
C ASP A 64 -2.19 8.95 -9.56
N MET A 65 -1.04 8.38 -9.19
CA MET A 65 -0.52 8.50 -7.82
C MET A 65 -0.03 9.91 -7.43
N LEU A 66 0.22 10.80 -8.40
CA LEU A 66 0.55 12.20 -8.13
C LEU A 66 -0.70 13.03 -7.84
N LEU A 67 -1.84 12.68 -8.46
CA LEU A 67 -3.17 13.16 -8.10
C LEU A 67 -3.44 12.81 -6.63
N ILE A 68 -3.12 11.58 -6.23
CA ILE A 68 -3.27 11.11 -4.85
C ILE A 68 -2.35 11.89 -3.89
N ASN A 69 -1.07 12.06 -4.20
CA ASN A 69 -0.15 12.83 -3.36
C ASN A 69 -0.63 14.30 -3.20
N ALA A 70 -1.21 14.88 -4.24
CA ALA A 70 -1.80 16.23 -4.20
C ALA A 70 -3.07 16.31 -3.32
N ASP A 71 -3.93 15.28 -3.38
CA ASP A 71 -5.11 15.17 -2.51
C ASP A 71 -4.73 14.86 -1.04
N TYR A 72 -3.62 14.16 -0.82
CA TYR A 72 -3.00 13.96 0.50
C TYR A 72 -2.35 15.24 1.06
N GLN A 73 -1.66 16.02 0.23
CA GLN A 73 -1.07 17.30 0.64
C GLN A 73 -2.11 18.33 1.10
N GLN A 74 -3.26 18.42 0.42
CA GLN A 74 -4.35 19.32 0.85
C GLN A 74 -5.12 18.80 2.08
N LEU A 75 -5.10 17.49 2.37
CA LEU A 75 -5.43 16.93 3.68
C LEU A 75 -4.55 17.57 4.77
N ARG A 76 -3.21 17.58 4.59
CA ARG A 76 -2.23 18.18 5.53
C ARG A 76 -2.39 19.71 5.67
N ASP A 77 -3.09 20.35 4.74
CA ASP A 77 -3.41 21.78 4.71
C ASP A 77 -4.82 22.11 5.26
N LYS A 78 -5.50 21.13 5.87
CA LYS A 78 -6.88 21.22 6.42
C LYS A 78 -7.99 21.56 5.41
N LYS A 79 -7.70 21.45 4.11
CA LYS A 79 -8.66 21.63 3.00
C LYS A 79 -9.64 20.45 2.88
N MET A 80 -9.20 19.26 3.28
CA MET A 80 -9.94 17.99 3.24
C MET A 80 -9.61 17.11 4.47
N THR A 81 -10.50 16.20 4.84
CA THR A 81 -10.29 15.24 5.96
C THR A 81 -9.56 13.98 5.51
N ARG A 82 -9.02 13.19 6.46
CA ARG A 82 -8.34 11.91 6.16
C ARG A 82 -9.31 10.91 5.52
N ALA A 83 -10.52 10.76 6.07
CA ALA A 83 -11.53 9.88 5.48
C ALA A 83 -11.98 10.35 4.08
N GLU A 84 -12.19 11.65 3.84
CA GLU A 84 -12.64 12.15 2.53
C GLU A 84 -11.59 11.97 1.41
N PHE A 85 -10.28 12.00 1.71
CA PHE A 85 -9.26 11.64 0.71
C PHE A 85 -9.14 10.11 0.53
N VAL A 86 -9.30 9.29 1.58
CA VAL A 86 -9.33 7.82 1.44
C VAL A 86 -10.53 7.33 0.63
N ARG A 87 -11.70 7.97 0.78
CA ARG A 87 -12.90 7.74 -0.03
C ARG A 87 -12.67 8.09 -1.52
N LYS A 88 -11.79 9.04 -1.83
CA LYS A 88 -11.30 9.30 -3.20
C LYS A 88 -10.26 8.27 -3.65
N LEU A 89 -9.40 7.79 -2.75
CA LEU A 89 -8.27 6.91 -3.10
C LEU A 89 -8.77 5.53 -3.58
N ARG A 90 -9.82 5.00 -2.94
CA ARG A 90 -10.43 3.71 -3.31
C ARG A 90 -11.17 3.72 -4.66
N VAL A 91 -11.59 4.91 -5.13
CA VAL A 91 -12.18 5.11 -6.47
C VAL A 91 -11.12 5.06 -7.58
N ILE A 92 -9.89 5.49 -7.27
CA ILE A 92 -8.73 5.44 -8.20
C ILE A 92 -8.11 4.04 -8.17
N VAL A 93 -7.54 3.64 -7.03
CA VAL A 93 -6.67 2.46 -6.87
C VAL A 93 -7.43 1.24 -6.34
N GLY A 94 -8.35 1.48 -5.40
CA GLY A 94 -9.01 0.45 -4.60
C GLY A 94 -8.31 0.18 -3.28
N ASP A 95 -9.06 0.23 -2.19
CA ASP A 95 -8.57 -0.18 -0.87
C ASP A 95 -8.48 -1.71 -0.73
N ASP A 96 -8.91 -2.45 -1.76
CA ASP A 96 -8.49 -3.82 -2.04
C ASP A 96 -6.97 -3.98 -2.18
N LEU A 97 -6.29 -3.03 -2.83
CA LEU A 97 -4.83 -3.01 -2.92
C LEU A 97 -4.19 -2.62 -1.57
N LEU A 98 -4.85 -1.80 -0.75
CA LEU A 98 -4.43 -1.51 0.63
C LEU A 98 -4.52 -2.76 1.53
N ARG A 99 -5.59 -3.56 1.40
CA ARG A 99 -5.74 -4.87 2.06
C ARG A 99 -4.59 -5.78 1.69
N SER A 100 -4.36 -5.95 0.38
CA SER A 100 -3.34 -6.85 -0.17
C SER A 100 -1.91 -6.41 0.15
N THR A 101 -1.66 -5.10 0.31
CA THR A 101 -0.36 -4.63 0.79
C THR A 101 -0.10 -5.05 2.23
N ILE A 102 -1.06 -4.90 3.15
CA ILE A 102 -0.79 -5.19 4.58
C ILE A 102 -0.39 -6.65 4.77
N THR A 103 -1.13 -7.58 4.16
CA THR A 103 -0.82 -9.01 4.26
C THR A 103 0.52 -9.36 3.56
N THR A 104 0.97 -8.56 2.58
CA THR A 104 2.34 -8.63 2.02
C THR A 104 3.38 -8.06 3.00
N LEU A 105 3.15 -6.87 3.57
CA LEU A 105 4.04 -6.18 4.52
C LEU A 105 4.40 -7.08 5.72
N GLN A 106 3.47 -7.91 6.20
CA GLN A 106 3.70 -8.81 7.34
C GLN A 106 4.51 -10.07 7.02
N ASN A 107 4.59 -10.45 5.75
CA ASN A 107 5.50 -11.50 5.27
C ASN A 107 6.89 -10.93 4.87
N GLN A 108 6.92 -9.67 4.44
CA GLN A 108 8.15 -8.94 4.10
C GLN A 108 9.12 -8.78 5.29
N PRO A 109 10.43 -8.64 5.02
CA PRO A 109 11.46 -8.61 6.05
C PRO A 109 11.48 -7.28 6.81
N LYS A 110 12.01 -7.32 8.05
CA LYS A 110 12.19 -6.16 8.94
C LYS A 110 13.31 -6.29 10.00
N SER A 111 14.07 -7.40 10.02
CA SER A 111 15.11 -7.67 11.03
C SER A 111 16.21 -6.59 11.09
N LYS A 112 16.94 -6.48 12.22
CA LYS A 112 18.01 -5.48 12.39
C LYS A 112 19.25 -6.00 13.14
N GLU A 113 20.42 -5.63 12.64
CA GLU A 113 21.75 -5.92 13.20
C GLU A 113 22.05 -5.11 14.48
N ILE A 114 22.98 -5.58 15.33
CA ILE A 114 23.45 -4.83 16.50
C ILE A 114 24.59 -3.86 16.14
N PRO A 115 24.54 -2.59 16.63
CA PRO A 115 25.60 -1.61 16.46
C PRO A 115 26.84 -1.90 17.33
N GLY A 116 27.99 -1.33 16.96
CA GLY A 116 29.32 -1.60 17.54
C GLY A 116 29.57 -1.04 18.96
N SER A 117 28.54 -0.99 19.81
CA SER A 117 28.62 -0.67 21.25
C SER A 117 29.41 -1.74 22.04
N ILE A 118 29.91 -1.34 23.22
CA ILE A 118 30.79 -2.09 24.13
C ILE A 118 32.15 -2.47 23.50
N ARG A 119 33.25 -2.28 24.25
CA ARG A 119 34.58 -2.76 23.82
C ARG A 119 34.76 -4.26 24.06
N ASP A 120 35.44 -4.95 23.16
CA ASP A 120 35.78 -6.37 23.32
C ASP A 120 36.74 -6.58 24.51
N HIS A 121 36.41 -7.49 25.42
CA HIS A 121 37.18 -7.81 26.63
C HIS A 121 36.82 -9.21 27.17
N GLU A 122 37.79 -10.12 27.27
CA GLU A 122 37.61 -11.45 27.85
C GLU A 122 37.73 -11.37 29.38
N GLU A 123 36.59 -11.30 30.08
CA GLU A 123 36.57 -11.06 31.53
C GLU A 123 37.03 -12.29 32.36
N GLY A 124 37.41 -12.04 33.61
CA GLY A 124 37.98 -13.06 34.49
C GLY A 124 38.72 -12.53 35.73
N ALA A 125 39.01 -11.22 35.79
CA ALA A 125 39.71 -10.61 36.91
C ALA A 125 38.97 -10.73 38.27
N GLY A 126 39.72 -10.52 39.34
CA GLY A 126 39.22 -10.62 40.72
C GLY A 126 40.28 -10.47 41.81
N GLY A 127 41.40 -9.78 41.53
CA GLY A 127 42.52 -9.60 42.47
C GLY A 127 43.50 -10.78 42.57
N LEU A 128 43.21 -11.90 41.91
CA LEU A 128 44.00 -13.14 41.92
C LEU A 128 45.21 -13.17 40.98
N GLY A 1 -93.37 -33.72 -31.76
CA GLY A 1 -93.96 -33.33 -33.04
C GLY A 1 -93.24 -32.12 -33.61
N SER A 2 -92.94 -32.16 -34.91
CA SER A 2 -92.33 -31.06 -35.71
C SER A 2 -91.12 -30.36 -35.04
N PRO A 3 -90.03 -31.10 -34.73
CA PRO A 3 -88.81 -30.57 -34.11
C PRO A 3 -87.98 -29.67 -35.05
N GLU A 4 -87.06 -28.91 -34.46
CA GLU A 4 -86.16 -27.97 -35.15
C GLU A 4 -84.70 -28.09 -34.63
N PHE A 5 -83.72 -27.66 -35.41
CA PHE A 5 -82.31 -27.63 -34.99
C PHE A 5 -82.01 -26.46 -34.05
N MET A 6 -81.43 -26.76 -32.88
CA MET A 6 -81.00 -25.80 -31.85
C MET A 6 -79.50 -25.43 -32.01
N GLY A 7 -79.04 -24.35 -31.38
CA GLY A 7 -77.62 -23.99 -31.31
C GLY A 7 -76.77 -24.96 -30.48
N VAL A 8 -75.46 -24.98 -30.74
CA VAL A 8 -74.50 -25.94 -30.16
C VAL A 8 -73.09 -25.34 -30.01
N THR A 9 -72.42 -25.59 -28.87
CA THR A 9 -70.96 -25.38 -28.72
C THR A 9 -70.19 -26.66 -29.05
N LEU A 10 -69.09 -26.51 -29.80
CA LEU A 10 -68.20 -27.57 -30.29
C LEU A 10 -66.74 -27.39 -29.82
N GLU A 11 -66.39 -26.21 -29.30
CA GLU A 11 -65.13 -25.99 -28.58
C GLU A 11 -65.14 -26.70 -27.20
N GLY A 12 -63.96 -27.04 -26.68
CA GLY A 12 -63.80 -27.53 -25.32
C GLY A 12 -64.21 -26.49 -24.25
N PRO A 13 -64.72 -26.92 -23.10
CA PRO A 13 -65.06 -26.01 -22.00
C PRO A 13 -63.80 -25.33 -21.44
N LYS A 14 -63.93 -24.04 -21.12
CA LYS A 14 -62.86 -23.17 -20.57
C LYS A 14 -61.62 -23.04 -21.49
N ASP A 15 -61.74 -23.27 -22.81
CA ASP A 15 -60.67 -23.09 -23.80
C ASP A 15 -60.37 -21.61 -24.09
N LEU A 16 -59.79 -20.93 -23.10
CA LEU A 16 -59.33 -19.54 -23.12
C LEU A 16 -57.82 -19.45 -23.50
N PRO A 17 -57.31 -18.28 -23.93
CA PRO A 17 -55.94 -18.12 -24.45
C PRO A 17 -54.77 -18.60 -23.55
N PRO A 18 -53.64 -19.03 -24.16
CA PRO A 18 -52.38 -19.28 -23.47
C PRO A 18 -51.66 -17.99 -23.02
N GLN A 19 -50.50 -18.12 -22.37
CA GLN A 19 -49.78 -17.00 -21.75
C GLN A 19 -48.25 -17.23 -21.58
N LEU A 20 -47.70 -18.30 -22.15
CA LEU A 20 -46.33 -18.76 -21.96
C LEU A 20 -45.91 -19.68 -23.13
N GLU A 21 -44.77 -19.41 -23.76
CA GLU A 21 -44.12 -20.39 -24.65
C GLU A 21 -43.22 -21.32 -23.83
N SER A 22 -42.32 -20.73 -23.04
CA SER A 22 -41.49 -21.39 -22.01
C SER A 22 -40.73 -20.35 -21.17
N ASN A 23 -40.36 -20.72 -19.93
CA ASN A 23 -39.42 -19.97 -19.08
C ASN A 23 -38.33 -20.90 -18.51
N GLN A 24 -37.08 -20.43 -18.49
CA GLN A 24 -35.91 -21.17 -18.00
C GLN A 24 -34.68 -20.23 -17.86
N GLY A 25 -33.74 -20.58 -16.97
CA GLY A 25 -32.47 -19.87 -16.81
C GLY A 25 -32.43 -18.81 -15.70
N ALA A 26 -33.55 -18.53 -15.03
CA ALA A 26 -33.57 -17.69 -13.84
C ALA A 26 -32.82 -18.36 -12.68
N ARG A 27 -31.81 -17.67 -12.14
CA ARG A 27 -30.97 -18.08 -11.01
C ARG A 27 -30.31 -16.87 -10.39
N GLY A 28 -29.86 -16.98 -9.15
CA GLY A 28 -29.16 -15.89 -8.46
C GLY A 28 -28.56 -16.34 -7.14
N SER A 29 -27.22 -16.32 -7.09
CA SER A 29 -26.38 -16.67 -5.95
C SER A 29 -25.02 -15.98 -6.13
N GLY A 30 -24.33 -15.66 -5.03
CA GLY A 30 -23.07 -14.91 -5.06
C GLY A 30 -21.82 -15.75 -4.73
N SER A 31 -20.66 -15.10 -4.91
CA SER A 31 -19.35 -15.65 -4.59
C SER A 31 -18.42 -14.54 -4.09
N ALA A 32 -17.84 -14.70 -2.90
CA ALA A 32 -16.86 -13.78 -2.31
C ALA A 32 -16.11 -14.43 -1.13
N ASN A 33 -14.93 -13.91 -0.82
CA ASN A 33 -14.20 -14.18 0.42
C ASN A 33 -13.28 -12.99 0.82
N SER A 34 -12.79 -13.00 2.06
CA SER A 34 -11.77 -12.07 2.56
C SER A 34 -10.65 -12.78 3.35
N VAL A 35 -10.39 -14.07 3.04
CA VAL A 35 -9.35 -14.87 3.71
C VAL A 35 -7.95 -14.30 3.44
N GLY A 36 -7.16 -14.08 4.49
CA GLY A 36 -5.82 -13.49 4.41
C GLY A 36 -5.06 -13.50 5.76
N SER A 37 -3.86 -12.91 5.77
CA SER A 37 -2.85 -12.99 6.84
C SER A 37 -3.26 -12.42 8.22
N SER A 38 -4.40 -11.74 8.36
CA SER A 38 -4.88 -11.16 9.63
C SER A 38 -5.27 -12.19 10.72
N THR A 39 -5.29 -13.49 10.41
CA THR A 39 -5.61 -14.56 11.39
C THR A 39 -4.68 -14.57 12.62
N THR A 40 -3.48 -13.99 12.52
CA THR A 40 -2.54 -13.81 13.63
C THR A 40 -2.96 -12.74 14.65
N ARG A 41 -4.07 -12.01 14.42
CA ARG A 41 -4.62 -10.95 15.30
C ARG A 41 -3.62 -9.84 15.68
N PRO A 42 -3.10 -9.04 14.72
CA PRO A 42 -2.17 -7.92 14.98
C PRO A 42 -2.80 -6.77 15.79
N LYS A 43 -1.96 -5.90 16.35
CA LYS A 43 -2.37 -4.76 17.21
C LYS A 43 -1.61 -3.44 16.91
N SER A 44 -0.42 -3.50 16.32
CA SER A 44 0.41 -2.33 15.97
C SER A 44 1.12 -2.46 14.60
N PRO A 45 0.48 -2.99 13.53
CA PRO A 45 1.15 -3.22 12.24
C PRO A 45 1.55 -1.93 11.51
N TRP A 46 2.40 -2.12 10.50
CA TRP A 46 3.33 -1.13 9.94
C TRP A 46 2.85 -0.56 8.60
N MET A 47 2.72 0.78 8.51
CA MET A 47 2.08 1.51 7.39
C MET A 47 2.72 2.90 7.04
N PRO A 48 4.04 3.12 7.15
CA PRO A 48 4.64 4.46 6.98
C PRO A 48 4.53 4.99 5.53
N PHE A 49 4.29 6.30 5.40
CA PHE A 49 3.92 6.95 4.15
C PHE A 49 4.83 6.66 2.94
N PRO A 50 6.18 6.76 3.03
CA PRO A 50 7.06 6.57 1.87
C PRO A 50 6.98 5.14 1.31
N THR A 51 7.16 4.13 2.16
CA THR A 51 7.13 2.72 1.77
C THR A 51 5.72 2.24 1.40
N LEU A 52 4.68 2.78 2.04
CA LEU A 52 3.27 2.53 1.71
C LEU A 52 2.94 2.95 0.27
N PHE A 53 3.26 4.19 -0.13
CA PHE A 53 3.04 4.62 -1.51
C PHE A 53 4.01 3.92 -2.49
N ALA A 54 5.23 3.56 -2.08
CA ALA A 54 6.16 2.81 -2.92
C ALA A 54 5.65 1.39 -3.22
N ALA A 55 4.97 0.76 -2.26
CA ALA A 55 4.39 -0.58 -2.39
C ALA A 55 3.25 -0.64 -3.42
N ILE A 56 2.44 0.42 -3.54
CA ILE A 56 1.40 0.55 -4.58
C ILE A 56 1.88 1.30 -5.83
N SER A 57 3.06 1.92 -5.84
CA SER A 57 3.62 2.62 -7.03
C SER A 57 3.75 1.74 -8.27
N HIS A 58 3.85 0.41 -8.13
CA HIS A 58 3.85 -0.55 -9.24
C HIS A 58 2.42 -0.92 -9.72
N LYS A 59 1.41 -0.70 -8.88
CA LYS A 59 -0.02 -0.87 -9.20
C LYS A 59 -0.57 0.36 -9.90
N VAL A 60 -0.51 1.52 -9.23
CA VAL A 60 -1.02 2.81 -9.71
C VAL A 60 -0.15 3.41 -10.82
N ALA A 61 -0.76 4.22 -11.68
CA ALA A 61 -0.02 4.98 -12.69
C ALA A 61 0.71 6.22 -12.10
N GLU A 62 1.78 6.68 -12.74
CA GLU A 62 2.68 7.71 -12.19
C GLU A 62 2.00 9.09 -12.02
N ASN A 63 1.31 9.56 -13.07
CA ASN A 63 0.51 10.79 -13.02
C ASN A 63 -0.79 10.61 -12.23
N ASP A 64 -1.26 9.37 -12.07
CA ASP A 64 -2.36 8.99 -11.19
C ASP A 64 -1.97 9.19 -9.71
N MET A 65 -0.84 8.65 -9.23
CA MET A 65 -0.39 8.94 -7.85
C MET A 65 0.13 10.37 -7.63
N LEU A 66 0.34 11.14 -8.70
CA LEU A 66 0.60 12.58 -8.66
C LEU A 66 -0.65 13.39 -8.27
N LEU A 67 -1.85 12.82 -8.43
CA LEU A 67 -3.13 13.33 -7.92
C LEU A 67 -3.32 12.97 -6.43
N ILE A 68 -2.97 11.73 -6.05
CA ILE A 68 -3.12 11.24 -4.67
C ILE A 68 -2.18 11.96 -3.71
N ASN A 69 -0.93 12.20 -4.09
CA ASN A 69 0.01 12.95 -3.27
C ASN A 69 -0.51 14.36 -2.96
N ALA A 70 -1.18 15.01 -3.91
CA ALA A 70 -1.81 16.29 -3.71
C ALA A 70 -3.06 16.23 -2.81
N ASP A 71 -3.87 15.17 -2.92
CA ASP A 71 -5.00 14.90 -2.03
C ASP A 71 -4.54 14.73 -0.57
N TYR A 72 -3.48 13.93 -0.40
CA TYR A 72 -2.83 13.71 0.89
C TYR A 72 -2.26 15.01 1.48
N GLN A 73 -1.67 15.88 0.67
CA GLN A 73 -1.21 17.19 1.12
C GLN A 73 -2.34 18.21 1.40
N GLN A 74 -3.47 18.20 0.68
CA GLN A 74 -4.57 19.13 0.99
C GLN A 74 -5.37 18.70 2.24
N LEU A 75 -5.31 17.41 2.60
CA LEU A 75 -5.59 16.91 3.96
C LEU A 75 -4.69 17.62 5.02
N ARG A 76 -3.38 17.72 4.78
CA ARG A 76 -2.43 18.38 5.69
C ARG A 76 -2.60 19.92 5.70
N ASP A 77 -3.04 20.49 4.58
CA ASP A 77 -3.44 21.90 4.43
C ASP A 77 -4.86 22.21 4.95
N LYS A 78 -5.51 21.22 5.59
CA LYS A 78 -6.83 21.30 6.23
C LYS A 78 -7.99 21.68 5.29
N LYS A 79 -7.84 21.40 3.99
CA LYS A 79 -8.87 21.54 2.96
C LYS A 79 -9.84 20.34 2.91
N MET A 80 -9.35 19.17 3.32
CA MET A 80 -10.03 17.87 3.26
C MET A 80 -9.74 17.03 4.52
N THR A 81 -10.63 16.11 4.89
CA THR A 81 -10.40 15.19 6.03
C THR A 81 -9.65 13.92 5.60
N ARG A 82 -9.14 13.14 6.57
CA ARG A 82 -8.50 11.84 6.31
C ARG A 82 -9.45 10.90 5.57
N ALA A 83 -10.68 10.75 6.06
CA ALA A 83 -11.63 9.85 5.44
C ALA A 83 -12.03 10.30 4.02
N GLU A 84 -12.25 11.60 3.77
CA GLU A 84 -12.64 12.09 2.44
C GLU A 84 -11.56 11.91 1.36
N PHE A 85 -10.27 12.05 1.68
CA PHE A 85 -9.21 11.75 0.71
C PHE A 85 -9.12 10.23 0.42
N VAL A 86 -9.37 9.38 1.44
CA VAL A 86 -9.49 7.92 1.26
C VAL A 86 -10.73 7.53 0.43
N ARG A 87 -11.85 8.25 0.56
CA ARG A 87 -13.07 8.07 -0.27
C ARG A 87 -12.80 8.32 -1.76
N LYS A 88 -11.82 9.17 -2.10
CA LYS A 88 -11.27 9.31 -3.47
C LYS A 88 -10.23 8.24 -3.81
N LEU A 89 -9.41 7.78 -2.84
CA LEU A 89 -8.27 6.90 -3.10
C LEU A 89 -8.71 5.51 -3.56
N ARG A 90 -9.83 5.02 -3.00
CA ARG A 90 -10.52 3.79 -3.43
C ARG A 90 -11.05 3.87 -4.87
N VAL A 91 -11.35 5.06 -5.39
CA VAL A 91 -11.77 5.26 -6.79
C VAL A 91 -10.59 5.09 -7.76
N ILE A 92 -9.36 5.33 -7.29
CA ILE A 92 -8.13 5.13 -8.08
C ILE A 92 -7.61 3.69 -7.97
N VAL A 93 -7.53 3.15 -6.75
CA VAL A 93 -6.78 1.92 -6.42
C VAL A 93 -7.66 0.79 -5.86
N GLY A 94 -8.76 1.11 -5.16
CA GLY A 94 -9.64 0.15 -4.50
C GLY A 94 -9.21 -0.19 -3.07
N ASP A 95 -10.15 -0.12 -2.12
CA ASP A 95 -9.92 -0.41 -0.70
C ASP A 95 -9.56 -1.92 -0.48
N ASP A 96 -10.10 -2.80 -1.33
CA ASP A 96 -9.81 -4.25 -1.30
C ASP A 96 -8.40 -4.57 -1.85
N LEU A 97 -7.84 -3.74 -2.73
CA LEU A 97 -6.44 -3.86 -3.16
C LEU A 97 -5.50 -3.25 -2.12
N LEU A 98 -5.92 -2.15 -1.47
CA LEU A 98 -5.17 -1.53 -0.38
C LEU A 98 -4.93 -2.52 0.79
N ARG A 99 -5.95 -3.24 1.25
CA ARG A 99 -5.83 -4.23 2.35
C ARG A 99 -4.86 -5.37 2.00
N SER A 100 -4.80 -5.78 0.73
CA SER A 100 -3.89 -6.80 0.21
C SER A 100 -2.41 -6.36 0.23
N THR A 101 -2.13 -5.06 0.34
CA THR A 101 -0.75 -4.54 0.51
C THR A 101 -0.20 -4.85 1.90
N ILE A 102 -1.04 -4.96 2.93
CA ILE A 102 -0.60 -4.99 4.33
C ILE A 102 0.30 -6.19 4.61
N THR A 103 -0.07 -7.37 4.11
CA THR A 103 0.72 -8.60 4.25
C THR A 103 2.13 -8.47 3.63
N THR A 104 2.26 -7.72 2.54
CA THR A 104 3.54 -7.32 1.93
C THR A 104 4.30 -6.34 2.82
N LEU A 105 3.65 -5.29 3.34
CA LEU A 105 4.27 -4.31 4.24
C LEU A 105 4.82 -4.97 5.53
N GLN A 106 4.15 -6.00 6.05
CA GLN A 106 4.62 -6.75 7.23
C GLN A 106 5.82 -7.67 6.94
N ASN A 107 6.17 -7.87 5.68
CA ASN A 107 7.34 -8.63 5.22
C ASN A 107 8.54 -7.74 4.84
N GLN A 108 8.33 -6.41 4.70
CA GLN A 108 9.39 -5.43 4.44
C GLN A 108 10.38 -5.31 5.63
N PRO A 109 11.68 -5.08 5.36
CA PRO A 109 12.67 -4.79 6.40
C PRO A 109 12.46 -3.40 7.04
N LYS A 110 12.48 -3.37 8.37
CA LYS A 110 12.37 -2.16 9.19
C LYS A 110 13.41 -1.10 8.81
N SER A 111 12.98 0.17 8.79
CA SER A 111 13.75 1.31 8.32
C SER A 111 14.91 1.72 9.25
N LYS A 112 16.04 2.18 8.68
CA LYS A 112 17.19 2.77 9.40
C LYS A 112 17.20 4.31 9.40
N GLU A 113 16.34 4.96 8.62
CA GLU A 113 16.27 6.43 8.51
C GLU A 113 14.85 6.93 8.13
N ILE A 114 14.35 7.91 8.88
CA ILE A 114 13.21 8.76 8.51
C ILE A 114 13.71 9.96 7.67
N PRO A 115 12.95 10.40 6.64
CA PRO A 115 13.30 11.57 5.84
C PRO A 115 13.26 12.86 6.66
N GLY A 116 13.94 13.91 6.17
CA GLY A 116 13.93 15.23 6.82
C GLY A 116 12.58 15.97 6.83
N SER A 117 11.53 15.36 6.26
CA SER A 117 10.12 15.78 6.37
C SER A 117 9.70 16.19 7.79
N ILE A 118 10.13 15.42 8.80
CA ILE A 118 9.73 15.56 10.21
C ILE A 118 10.95 15.58 11.14
N ARG A 119 11.06 16.62 11.99
CA ARG A 119 12.11 16.79 13.03
C ARG A 119 11.69 17.78 14.13
N ASP A 120 12.51 17.90 15.17
CA ASP A 120 12.25 18.72 16.37
C ASP A 120 13.55 19.10 17.11
N HIS A 121 13.45 20.12 17.98
CA HIS A 121 14.47 20.56 18.95
C HIS A 121 13.78 21.20 20.16
N GLU A 122 14.45 21.35 21.31
CA GLU A 122 13.86 21.88 22.55
C GLU A 122 13.74 23.43 22.62
N GLU A 123 13.78 24.11 21.47
CA GLU A 123 13.63 25.58 21.36
C GLU A 123 12.16 26.01 21.30
N GLY A 124 11.70 26.80 22.27
CA GLY A 124 10.50 27.62 22.15
C GLY A 124 10.80 28.93 21.40
N ALA A 125 10.04 29.18 20.34
CA ALA A 125 10.10 30.39 19.52
C ALA A 125 11.50 30.75 18.98
N GLY A 126 12.25 29.75 18.48
CA GLY A 126 13.52 29.93 17.76
C GLY A 126 13.32 29.99 16.23
N GLY A 127 14.37 30.37 15.48
CA GLY A 127 14.34 30.33 14.01
C GLY A 127 13.36 31.33 13.37
N LEU A 128 13.01 32.42 14.06
CA LEU A 128 11.97 33.37 13.66
C LEU A 128 12.38 34.32 12.54
N GLY A 1 -61.81 -12.72 -63.80
CA GLY A 1 -61.85 -13.91 -62.95
C GLY A 1 -61.93 -13.54 -61.48
N SER A 2 -62.37 -14.48 -60.64
CA SER A 2 -62.63 -14.27 -59.20
C SER A 2 -61.39 -13.80 -58.41
N PRO A 3 -61.54 -12.90 -57.43
CA PRO A 3 -60.43 -12.22 -56.77
C PRO A 3 -59.58 -13.13 -55.88
N GLU A 4 -58.32 -12.74 -55.69
CA GLU A 4 -57.29 -13.50 -54.98
C GLU A 4 -57.56 -13.66 -53.46
N PHE A 5 -58.23 -14.76 -53.06
CA PHE A 5 -58.56 -15.10 -51.66
C PHE A 5 -57.38 -15.61 -50.80
N MET A 6 -56.17 -15.74 -51.36
CA MET A 6 -54.96 -16.23 -50.68
C MET A 6 -54.73 -15.55 -49.30
N GLY A 7 -54.35 -16.33 -48.28
CA GLY A 7 -54.10 -15.83 -46.92
C GLY A 7 -54.00 -16.92 -45.85
N VAL A 8 -53.08 -16.74 -44.89
CA VAL A 8 -53.00 -17.51 -43.64
C VAL A 8 -52.34 -16.66 -42.55
N THR A 9 -52.73 -16.86 -41.28
CA THR A 9 -52.24 -16.07 -40.13
C THR A 9 -50.76 -16.36 -39.83
N LEU A 10 -50.00 -15.31 -39.51
CA LEU A 10 -48.54 -15.33 -39.26
C LEU A 10 -48.17 -14.86 -37.84
N GLU A 11 -46.87 -14.94 -37.51
CA GLU A 11 -46.24 -14.26 -36.37
C GLU A 11 -45.02 -13.46 -36.87
N GLY A 12 -44.80 -12.25 -36.34
CA GLY A 12 -43.71 -11.36 -36.76
C GLY A 12 -42.31 -11.80 -36.31
N PRO A 13 -41.25 -11.15 -36.80
CA PRO A 13 -39.86 -11.34 -36.34
C PRO A 13 -39.63 -10.71 -34.95
N LYS A 14 -40.35 -11.21 -33.93
CA LYS A 14 -40.47 -10.62 -32.58
C LYS A 14 -39.78 -11.39 -31.45
N ASP A 15 -39.18 -12.55 -31.75
CA ASP A 15 -38.50 -13.42 -30.78
C ASP A 15 -36.99 -13.46 -31.05
N LEU A 16 -36.33 -12.35 -30.74
CA LEU A 16 -34.93 -12.08 -31.07
C LEU A 16 -33.92 -12.85 -30.19
N PRO A 17 -32.66 -13.03 -30.65
CA PRO A 17 -31.58 -13.67 -29.88
C PRO A 17 -31.22 -12.93 -28.57
N PRO A 18 -30.92 -13.66 -27.47
CA PRO A 18 -30.41 -13.10 -26.22
C PRO A 18 -28.89 -12.86 -26.22
N GLN A 19 -28.41 -12.08 -25.25
CA GLN A 19 -26.99 -11.78 -25.01
C GLN A 19 -26.23 -12.91 -24.27
N LEU A 20 -24.90 -12.76 -24.16
CA LEU A 20 -24.05 -13.43 -23.17
C LEU A 20 -22.82 -12.54 -22.89
N GLU A 21 -22.70 -12.02 -21.66
CA GLU A 21 -21.73 -11.01 -21.24
C GLU A 21 -20.29 -11.57 -21.13
N SER A 22 -19.33 -11.08 -21.92
CA SER A 22 -17.90 -11.51 -21.91
C SER A 22 -16.94 -10.48 -22.51
N ASN A 23 -15.69 -10.40 -22.01
CA ASN A 23 -14.61 -9.52 -22.49
C ASN A 23 -13.24 -9.99 -21.96
N GLN A 24 -12.28 -10.25 -22.86
CA GLN A 24 -10.89 -10.58 -22.50
C GLN A 24 -10.03 -9.32 -22.22
N GLY A 25 -8.72 -9.51 -21.99
CA GLY A 25 -7.71 -8.45 -22.02
C GLY A 25 -7.61 -7.53 -20.79
N ALA A 26 -8.52 -7.68 -19.82
CA ALA A 26 -8.65 -6.77 -18.68
C ALA A 26 -7.62 -7.01 -17.56
N ARG A 27 -7.06 -8.22 -17.42
CA ARG A 27 -6.20 -8.64 -16.30
C ARG A 27 -5.29 -9.78 -16.74
N GLY A 28 -4.16 -9.97 -16.08
CA GLY A 28 -3.21 -11.05 -16.39
C GLY A 28 -2.80 -11.86 -15.17
N SER A 29 -2.47 -13.14 -15.38
CA SER A 29 -2.01 -14.06 -14.34
C SER A 29 -0.60 -13.76 -13.84
N GLY A 30 0.23 -13.08 -14.66
CA GLY A 30 1.56 -12.63 -14.28
C GLY A 30 1.52 -11.58 -13.15
N SER A 31 2.43 -11.71 -12.19
CA SER A 31 2.62 -10.79 -11.07
C SER A 31 4.05 -10.87 -10.55
N ALA A 32 4.59 -9.76 -10.04
CA ALA A 32 5.94 -9.71 -9.48
C ALA A 32 6.09 -10.59 -8.22
N ASN A 33 7.34 -10.91 -7.88
CA ASN A 33 7.74 -11.43 -6.56
C ASN A 33 9.13 -10.92 -6.18
N SER A 34 9.41 -10.85 -4.89
CA SER A 34 10.71 -10.49 -4.31
C SER A 34 11.58 -11.73 -4.07
N VAL A 35 12.89 -11.50 -3.96
CA VAL A 35 13.91 -12.55 -3.72
C VAL A 35 14.92 -12.12 -2.65
N GLY A 36 15.59 -13.09 -2.03
CA GLY A 36 16.70 -12.87 -1.09
C GLY A 36 16.33 -12.86 0.40
N SER A 37 15.08 -13.15 0.77
CA SER A 37 14.54 -12.93 2.14
C SER A 37 13.40 -13.89 2.54
N SER A 38 12.99 -13.86 3.82
CA SER A 38 11.79 -14.51 4.37
C SER A 38 11.12 -13.64 5.44
N THR A 39 9.79 -13.77 5.63
CA THR A 39 9.06 -12.96 6.62
C THR A 39 9.55 -13.24 8.05
N THR A 40 9.89 -12.17 8.77
CA THR A 40 10.65 -12.22 10.03
C THR A 40 10.16 -11.12 10.98
N ARG A 41 9.76 -11.47 12.20
CA ARG A 41 9.19 -10.56 13.22
C ARG A 41 8.07 -9.65 12.66
N PRO A 42 6.99 -10.22 12.11
CA PRO A 42 5.93 -9.46 11.42
C PRO A 42 5.10 -8.62 12.39
N LYS A 43 4.39 -7.61 11.90
CA LYS A 43 3.65 -6.62 12.72
C LYS A 43 2.16 -6.52 12.36
N SER A 44 1.32 -6.42 13.39
CA SER A 44 -0.11 -6.03 13.27
C SER A 44 -0.30 -4.50 13.21
N PRO A 45 0.40 -3.67 14.00
CA PRO A 45 0.53 -2.22 13.79
C PRO A 45 1.07 -1.82 12.41
N TRP A 46 0.94 -0.53 12.07
CA TRP A 46 1.38 0.07 10.81
C TRP A 46 2.76 0.77 10.94
N MET A 47 3.30 1.26 9.83
CA MET A 47 4.69 1.74 9.71
C MET A 47 4.86 3.26 9.90
N PRO A 48 6.07 3.75 10.21
CA PRO A 48 6.49 5.09 9.80
C PRO A 48 6.74 5.14 8.28
N PHE A 49 6.66 6.33 7.69
CA PHE A 49 6.72 6.61 6.24
C PHE A 49 5.55 6.00 5.41
N PRO A 50 5.18 6.60 4.26
CA PRO A 50 4.09 6.10 3.42
C PRO A 50 4.58 4.92 2.56
N THR A 51 4.76 3.76 3.21
CA THR A 51 5.17 2.49 2.59
C THR A 51 4.20 2.01 1.50
N LEU A 52 2.90 2.30 1.66
CA LEU A 52 1.83 1.86 0.76
C LEU A 52 2.03 2.29 -0.71
N PHE A 53 2.50 3.52 -0.95
CA PHE A 53 2.64 4.02 -2.32
C PHE A 53 3.76 3.31 -3.09
N ALA A 54 4.83 2.88 -2.40
CA ALA A 54 5.92 2.11 -3.00
C ALA A 54 5.55 0.64 -3.32
N ALA A 55 4.44 0.13 -2.77
CA ALA A 55 3.88 -1.19 -3.05
C ALA A 55 2.89 -1.22 -4.24
N ILE A 56 2.53 -0.06 -4.78
CA ILE A 56 1.53 0.12 -5.84
C ILE A 56 1.99 1.00 -7.00
N SER A 57 3.10 1.73 -6.92
CA SER A 57 3.63 2.52 -8.06
C SER A 57 3.92 1.67 -9.32
N HIS A 58 4.09 0.35 -9.18
CA HIS A 58 4.12 -0.64 -10.29
C HIS A 58 2.72 -1.07 -10.80
N LYS A 59 1.64 -0.42 -10.33
CA LYS A 59 0.22 -0.74 -10.56
C LYS A 59 -0.65 0.48 -10.89
N VAL A 60 -0.53 1.59 -10.14
CA VAL A 60 -1.17 2.89 -10.42
C VAL A 60 -0.30 3.75 -11.37
N ALA A 61 -0.91 4.58 -12.20
CA ALA A 61 -0.19 5.42 -13.17
C ALA A 61 0.51 6.64 -12.53
N GLU A 62 1.53 7.20 -13.20
CA GLU A 62 2.39 8.27 -12.64
C GLU A 62 1.61 9.54 -12.28
N ASN A 63 0.92 10.15 -13.25
CA ASN A 63 0.08 11.34 -13.02
C ASN A 63 -1.14 11.03 -12.11
N ASP A 64 -1.46 9.75 -11.92
CA ASP A 64 -2.55 9.25 -11.08
C ASP A 64 -2.13 9.21 -9.60
N MET A 65 -0.99 8.58 -9.26
CA MET A 65 -0.51 8.51 -7.87
C MET A 65 0.05 9.83 -7.29
N LEU A 66 0.39 10.79 -8.15
CA LEU A 66 0.82 12.13 -7.74
C LEU A 66 -0.39 12.98 -7.31
N LEU A 67 -1.53 12.81 -7.98
CA LEU A 67 -2.83 13.34 -7.58
C LEU A 67 -3.17 12.85 -6.16
N ILE A 68 -2.96 11.57 -5.87
CA ILE A 68 -3.23 10.99 -4.54
C ILE A 68 -2.34 11.63 -3.46
N ASN A 69 -1.02 11.72 -3.69
CA ASN A 69 -0.11 12.37 -2.75
C ASN A 69 -0.51 13.83 -2.48
N ALA A 70 -0.93 14.57 -3.51
CA ALA A 70 -1.42 15.94 -3.38
C ALA A 70 -2.73 16.08 -2.59
N ASP A 71 -3.70 15.17 -2.80
CA ASP A 71 -4.96 15.13 -2.04
C ASP A 71 -4.73 14.77 -0.56
N TYR A 72 -3.76 13.89 -0.29
CA TYR A 72 -3.26 13.57 1.04
C TYR A 72 -2.59 14.79 1.72
N GLN A 73 -1.77 15.57 1.01
CA GLN A 73 -1.09 16.73 1.60
C GLN A 73 -2.02 17.91 1.93
N GLN A 74 -3.08 18.15 1.14
CA GLN A 74 -4.09 19.17 1.45
C GLN A 74 -5.02 18.76 2.61
N LEU A 75 -5.23 17.45 2.86
CA LEU A 75 -5.77 16.91 4.12
C LEU A 75 -4.91 17.43 5.30
N ARG A 76 -3.58 17.27 5.25
CA ARG A 76 -2.67 17.62 6.37
C ARG A 76 -2.63 19.13 6.65
N ASP A 77 -2.74 19.94 5.60
CA ASP A 77 -2.94 21.41 5.64
C ASP A 77 -4.39 21.83 5.99
N LYS A 78 -5.25 20.87 6.35
CA LYS A 78 -6.65 21.03 6.79
C LYS A 78 -7.56 21.73 5.78
N LYS A 79 -7.19 21.73 4.50
CA LYS A 79 -8.01 22.18 3.36
C LYS A 79 -9.18 21.22 3.10
N MET A 80 -8.96 19.93 3.32
CA MET A 80 -9.89 18.83 3.07
C MET A 80 -9.97 17.87 4.28
N THR A 81 -11.08 17.14 4.40
CA THR A 81 -11.26 16.08 5.40
C THR A 81 -10.59 14.76 4.98
N ARG A 82 -10.23 13.91 5.94
CA ARG A 82 -9.61 12.59 5.65
C ARG A 82 -10.54 11.73 4.78
N ALA A 83 -11.83 11.71 5.09
CA ALA A 83 -12.81 10.90 4.38
C ALA A 83 -12.87 11.23 2.87
N GLU A 84 -12.85 12.50 2.46
CA GLU A 84 -12.90 12.86 1.03
C GLU A 84 -11.63 12.46 0.24
N PHE A 85 -10.44 12.50 0.86
CA PHE A 85 -9.22 11.96 0.23
C PHE A 85 -9.27 10.42 0.15
N VAL A 86 -9.73 9.76 1.21
CA VAL A 86 -9.94 8.30 1.24
C VAL A 86 -10.93 7.84 0.18
N ARG A 87 -12.01 8.60 -0.05
CA ARG A 87 -13.00 8.37 -1.13
C ARG A 87 -12.48 8.65 -2.53
N LYS A 88 -11.27 9.21 -2.70
CA LYS A 88 -10.50 9.13 -3.96
C LYS A 88 -9.59 7.90 -3.99
N LEU A 89 -8.97 7.53 -2.87
CA LEU A 89 -7.94 6.48 -2.84
C LEU A 89 -8.56 5.10 -3.13
N ARG A 90 -9.74 4.83 -2.58
CA ARG A 90 -10.52 3.61 -2.86
C ARG A 90 -11.22 3.58 -4.23
N VAL A 91 -11.16 4.67 -4.98
CA VAL A 91 -11.62 4.78 -6.38
C VAL A 91 -10.46 4.53 -7.36
N ILE A 92 -9.27 5.07 -7.09
CA ILE A 92 -8.09 4.95 -7.95
C ILE A 92 -7.32 3.63 -7.72
N VAL A 93 -7.26 3.18 -6.46
CA VAL A 93 -6.40 2.07 -5.98
C VAL A 93 -7.22 0.96 -5.30
N GLY A 94 -8.15 1.31 -4.41
CA GLY A 94 -9.07 0.36 -3.76
C GLY A 94 -8.80 0.11 -2.26
N ASP A 95 -9.85 0.07 -1.45
CA ASP A 95 -9.79 -0.29 -0.02
C ASP A 95 -9.48 -1.79 0.19
N ASP A 96 -9.83 -2.63 -0.80
CA ASP A 96 -9.44 -4.04 -0.87
C ASP A 96 -7.93 -4.22 -1.13
N LEU A 97 -7.36 -3.38 -2.01
CA LEU A 97 -5.92 -3.37 -2.30
C LEU A 97 -5.11 -2.76 -1.14
N LEU A 98 -5.64 -1.76 -0.44
CA LEU A 98 -5.04 -1.22 0.79
C LEU A 98 -4.87 -2.29 1.89
N ARG A 99 -5.79 -3.25 1.98
CA ARG A 99 -5.68 -4.46 2.80
C ARG A 99 -4.65 -5.45 2.23
N SER A 100 -4.69 -5.73 0.93
CA SER A 100 -3.70 -6.57 0.23
C SER A 100 -2.28 -5.95 0.16
N THR A 101 -2.12 -4.72 0.65
CA THR A 101 -0.81 -4.06 0.87
C THR A 101 -0.11 -4.58 2.13
N ILE A 102 -0.85 -4.98 3.17
CA ILE A 102 -0.28 -5.36 4.48
C ILE A 102 0.71 -6.52 4.33
N THR A 103 0.37 -7.55 3.56
CA THR A 103 1.28 -8.67 3.29
C THR A 103 2.57 -8.21 2.59
N THR A 104 2.50 -7.27 1.64
CA THR A 104 3.69 -6.66 1.02
C THR A 104 4.53 -5.91 2.06
N LEU A 105 3.90 -5.12 2.92
CA LEU A 105 4.55 -4.35 3.98
C LEU A 105 5.25 -5.26 5.02
N GLN A 106 4.75 -6.49 5.25
CA GLN A 106 5.42 -7.51 6.06
C GLN A 106 6.48 -8.32 5.31
N ASN A 107 6.33 -8.47 4.00
CA ASN A 107 7.32 -9.07 3.11
C ASN A 107 8.52 -8.14 2.82
N GLN A 108 8.34 -6.81 2.93
CA GLN A 108 9.35 -5.76 2.69
C GLN A 108 10.56 -5.80 3.65
N PRO A 109 11.74 -5.31 3.18
CA PRO A 109 12.94 -5.18 4.00
C PRO A 109 12.86 -4.05 5.04
N LYS A 110 13.54 -4.30 6.15
CA LYS A 110 13.71 -3.40 7.31
C LYS A 110 15.07 -3.67 7.96
N SER A 111 15.82 -2.64 8.29
CA SER A 111 17.17 -2.78 8.86
C SER A 111 17.13 -3.01 10.37
N LYS A 112 16.16 -2.44 11.07
CA LYS A 112 15.90 -2.60 12.51
C LYS A 112 14.41 -2.78 12.78
N GLU A 113 14.07 -3.45 13.87
CA GLU A 113 12.69 -3.48 14.36
C GLU A 113 12.31 -2.16 15.05
N ILE A 114 11.02 -1.81 14.97
CA ILE A 114 10.51 -0.50 15.40
C ILE A 114 10.65 -0.25 16.91
N PRO A 115 10.96 0.98 17.35
CA PRO A 115 10.88 1.40 18.74
C PRO A 115 9.42 1.64 19.16
N GLY A 116 9.07 1.30 20.41
CA GLY A 116 7.70 1.35 20.91
C GLY A 116 6.87 0.09 20.58
N SER A 117 5.54 0.21 20.70
CA SER A 117 4.51 -0.86 20.66
C SER A 117 4.60 -1.90 21.78
N ILE A 118 5.81 -2.38 22.05
CA ILE A 118 6.18 -3.31 23.11
C ILE A 118 6.68 -2.52 24.33
N ARG A 119 6.35 -2.99 25.54
CA ARG A 119 6.79 -2.40 26.81
C ARG A 119 7.71 -3.38 27.53
N ASP A 120 8.90 -2.94 27.91
CA ASP A 120 9.89 -3.74 28.66
C ASP A 120 10.51 -2.87 29.77
N HIS A 121 10.21 -3.22 31.03
CA HIS A 121 10.57 -2.43 32.22
C HIS A 121 10.43 -3.19 33.56
N GLU A 122 10.01 -4.46 33.58
CA GLU A 122 9.83 -5.21 34.84
C GLU A 122 11.18 -5.56 35.48
N GLU A 123 11.21 -5.54 36.82
CA GLU A 123 12.42 -5.65 37.63
C GLU A 123 12.19 -6.48 38.90
N GLY A 124 13.29 -6.87 39.54
CA GLY A 124 13.33 -7.81 40.67
C GLY A 124 14.61 -8.66 40.62
N ALA A 125 14.81 -9.52 41.62
CA ALA A 125 16.00 -10.35 41.75
C ALA A 125 15.71 -11.77 42.26
N GLY A 126 16.58 -12.72 41.89
CA GLY A 126 16.62 -14.09 42.42
C GLY A 126 17.66 -14.29 43.53
N GLY A 127 17.51 -15.37 44.31
CA GLY A 127 18.53 -15.79 45.27
C GLY A 127 18.24 -17.06 46.07
N LEU A 128 17.03 -17.62 46.01
CA LEU A 128 16.56 -18.71 46.89
C LEU A 128 17.13 -20.09 46.56
#